data_4IL4
#
_entry.id   4IL4
#
_cell.length_a   182.069
_cell.length_b   132.491
_cell.length_c   160.219
_cell.angle_alpha   90.00
_cell.angle_beta   102.70
_cell.angle_gamma   90.00
#
_symmetry.space_group_name_H-M   'C 1 2 1'
#
loop_
_entity.id
_entity.type
_entity.pdbx_description
1 polymer 'Proton-gated ion channel'
2 non-polymer 'ACETATE ION'
3 non-polymer 'CHLORIDE ION'
4 non-polymer 'SODIUM ION'
5 non-polymer 'dodecyl 4-O-alpha-D-glucopyranosyl-1-seleno-beta-D-glucopyranoside'
6 water water
#
_entity_poly.entity_id   1
_entity_poly.type   'polypeptide(L)'
_entity_poly.pdbx_seq_one_letter_code
;AQDMVSPPPPIADEPLTVNTGIYLIECYSLDDKAETFKVNAFLSLSWKDRRLAFDPVRSGVRVKTYEPEAIWIPEIRFVN
VENARDADVVDISVSPDGTVQYLERFSARVLSPLDFRRYPFDSQTLHIYLIVRSVDTRNIVLAVDLEKVGKNDDVFLTGW
DIESFTAVVKPANFALEDRLESKLDYQLRISRQYFSYIPNIILPMLFILFISWTAFWSTSYEANVTLVVSTLIAHIAFNI
LVETNLPKTPYMTYTGAIIFMIYLFYFVAVIEVTVQHYLKVESQPARAASITRASRIAFPVVFLLANIILAFLFFGF
;
_entity_poly.pdbx_strand_id   A,B,C,D,E
#
# COMPACT_ATOMS: atom_id res chain seq x y z
N VAL A 5 -20.82 -1.83 -38.52
CA VAL A 5 -21.62 -0.64 -38.26
C VAL A 5 -20.85 0.64 -38.58
N SER A 6 -21.57 1.69 -39.02
CA SER A 6 -21.00 2.98 -39.40
C SER A 6 -21.82 4.12 -38.75
N PRO A 7 -21.31 5.37 -38.65
CA PRO A 7 -22.08 6.44 -38.00
C PRO A 7 -23.34 6.84 -38.75
N PRO A 8 -24.37 7.45 -38.09
CA PRO A 8 -25.58 7.88 -38.82
C PRO A 8 -25.24 8.89 -39.90
N PRO A 9 -25.77 8.78 -41.13
CA PRO A 9 -25.40 9.74 -42.17
C PRO A 9 -26.09 11.10 -41.99
N PRO A 10 -25.42 12.22 -42.34
CA PRO A 10 -26.05 13.53 -42.16
C PRO A 10 -27.11 13.82 -43.20
N ILE A 11 -28.26 14.39 -42.77
CA ILE A 11 -29.34 14.79 -43.70
C ILE A 11 -28.84 15.90 -44.64
N ALA A 12 -28.09 16.89 -44.10
CA ALA A 12 -27.54 18.05 -44.81
C ALA A 12 -25.98 18.09 -44.86
N ASP A 13 -25.34 18.62 -43.79
CA ASP A 13 -23.89 18.63 -43.52
C ASP A 13 -23.58 18.75 -41.99
N GLU A 14 -24.63 18.60 -41.17
CA GLU A 14 -24.59 18.78 -39.72
C GLU A 14 -23.73 17.83 -38.93
N PRO A 15 -23.19 18.33 -37.84
CA PRO A 15 -22.47 17.38 -37.00
C PRO A 15 -23.48 16.55 -36.22
N LEU A 16 -23.09 15.33 -35.83
CA LEU A 16 -23.96 14.50 -35.02
C LEU A 16 -23.85 14.97 -33.56
N THR A 17 -25.01 15.31 -32.98
CA THR A 17 -25.10 15.74 -31.59
C THR A 17 -25.38 14.53 -30.71
N VAL A 18 -24.47 14.30 -29.75
CA VAL A 18 -24.61 13.24 -28.76
C VAL A 18 -24.92 13.97 -27.46
N ASN A 19 -26.14 13.77 -26.96
CA ASN A 19 -26.58 14.37 -25.70
C ASN A 19 -26.07 13.49 -24.58
N THR A 20 -25.50 14.12 -23.54
CA THR A 20 -24.92 13.40 -22.43
C THR A 20 -25.52 13.81 -21.09
N GLY A 21 -25.30 12.96 -20.11
CA GLY A 21 -25.67 13.15 -18.72
C GLY A 21 -24.86 12.23 -17.82
N ILE A 22 -24.53 12.70 -16.62
CA ILE A 22 -23.82 11.92 -15.62
C ILE A 22 -24.63 12.04 -14.35
N TYR A 23 -25.01 10.90 -13.78
CA TYR A 23 -25.74 10.87 -12.52
C TYR A 23 -24.87 10.13 -11.51
N LEU A 24 -24.32 10.86 -10.50
CA LEU A 24 -23.44 10.30 -9.47
C LEU A 24 -24.18 9.43 -8.49
N ILE A 25 -23.70 8.20 -8.33
CA ILE A 25 -24.24 7.21 -7.40
C ILE A 25 -23.36 7.20 -6.15
N GLU A 26 -22.02 7.16 -6.35
N GLU A 26 -22.02 7.19 -6.36
CA GLU A 26 -21.03 7.15 -5.28
CA GLU A 26 -21.02 7.18 -5.30
C GLU A 26 -19.78 7.99 -5.60
C GLU A 26 -19.82 8.07 -5.62
N CYS A 27 -19.27 8.67 -4.57
CA CYS A 27 -18.07 9.50 -4.58
C CYS A 27 -17.31 9.01 -3.40
N TYR A 28 -16.06 8.63 -3.61
CA TYR A 28 -15.20 8.12 -2.55
C TYR A 28 -13.73 8.34 -2.89
N SER A 29 -12.87 8.10 -1.91
CA SER A 29 -11.43 8.16 -2.03
C SER A 29 -10.82 9.42 -2.65
N LEU A 30 -11.17 10.60 -2.10
CA LEU A 30 -10.50 11.80 -2.57
C LEU A 30 -9.12 11.77 -1.89
N ASP A 31 -8.09 11.47 -2.68
CA ASP A 31 -6.70 11.36 -2.30
C ASP A 31 -6.01 12.69 -2.61
N ASP A 32 -5.69 13.48 -1.57
CA ASP A 32 -5.03 14.79 -1.70
C ASP A 32 -3.64 14.71 -2.32
N LYS A 33 -2.82 13.74 -1.84
CA LYS A 33 -1.45 13.55 -2.33
C LYS A 33 -1.45 13.19 -3.82
N ALA A 34 -2.32 12.22 -4.21
CA ALA A 34 -2.45 11.75 -5.60
C ALA A 34 -3.25 12.67 -6.51
N GLU A 35 -4.09 13.57 -5.92
CA GLU A 35 -4.99 14.50 -6.61
C GLU A 35 -5.98 13.72 -7.48
N THR A 36 -6.52 12.65 -6.90
CA THR A 36 -7.50 11.76 -7.54
C THR A 36 -8.72 11.59 -6.64
N PHE A 37 -9.81 11.07 -7.23
CA PHE A 37 -11.04 10.70 -6.56
C PHE A 37 -11.69 9.60 -7.36
N LYS A 38 -12.43 8.73 -6.68
CA LYS A 38 -13.09 7.64 -7.36
C LYS A 38 -14.57 8.00 -7.50
N VAL A 39 -15.17 7.58 -8.61
CA VAL A 39 -16.56 7.88 -8.90
C VAL A 39 -17.28 6.66 -9.44
N ASN A 40 -18.54 6.50 -9.05
CA ASN A 40 -19.43 5.44 -9.52
C ASN A 40 -20.69 6.18 -9.96
N ALA A 41 -21.00 6.11 -11.25
CA ALA A 41 -22.10 6.88 -11.81
C ALA A 41 -22.78 6.25 -13.00
N PHE A 42 -23.92 6.85 -13.38
CA PHE A 42 -24.63 6.52 -14.60
C PHE A 42 -24.15 7.49 -15.64
N LEU A 43 -23.86 6.98 -16.84
CA LEU A 43 -23.53 7.81 -18.00
C LEU A 43 -24.66 7.57 -18.99
N SER A 44 -25.35 8.64 -19.38
CA SER A 44 -26.44 8.53 -20.34
C SER A 44 -26.05 9.20 -21.65
N LEU A 45 -26.39 8.54 -22.77
CA LEU A 45 -26.09 9.05 -24.11
C LEU A 45 -27.35 9.01 -24.97
N SER A 46 -27.51 10.01 -25.83
CA SER A 46 -28.65 10.12 -26.74
C SER A 46 -28.28 10.78 -28.06
N TRP A 47 -28.69 10.17 -29.17
CA TRP A 47 -28.41 10.66 -30.51
C TRP A 47 -29.46 10.14 -31.48
N LYS A 48 -29.60 10.82 -32.64
CA LYS A 48 -30.55 10.44 -33.68
C LYS A 48 -29.86 9.54 -34.72
N ASP A 49 -30.38 8.33 -34.90
CA ASP A 49 -29.90 7.42 -35.93
C ASP A 49 -31.12 7.02 -36.79
N ARG A 50 -31.34 7.77 -37.91
CA ARG A 50 -32.48 7.57 -38.83
C ARG A 50 -32.64 6.15 -39.35
N ARG A 51 -31.54 5.44 -39.62
CA ARG A 51 -31.52 4.04 -40.07
C ARG A 51 -32.23 3.07 -39.11
N LEU A 52 -32.44 3.51 -37.85
CA LEU A 52 -33.08 2.73 -36.78
C LEU A 52 -34.57 3.06 -36.61
N ALA A 53 -35.06 4.13 -37.29
CA ALA A 53 -36.46 4.58 -37.26
C ALA A 53 -37.42 3.49 -37.71
N PHE A 54 -38.61 3.48 -37.09
CA PHE A 54 -39.65 2.49 -37.35
C PHE A 54 -41.05 3.09 -37.19
N ASP A 55 -42.06 2.39 -37.73
CA ASP A 55 -43.46 2.79 -37.61
C ASP A 55 -44.04 2.02 -36.42
N PRO A 56 -44.65 2.71 -35.43
CA PRO A 56 -45.17 2.00 -34.24
C PRO A 56 -46.30 1.02 -34.56
N VAL A 57 -47.19 1.44 -35.51
CA VAL A 57 -48.37 0.69 -36.01
C VAL A 57 -47.94 -0.64 -36.65
N ARG A 58 -47.02 -0.58 -37.64
CA ARG A 58 -46.49 -1.74 -38.36
C ARG A 58 -45.76 -2.74 -37.45
N SER A 59 -44.87 -2.24 -36.56
CA SER A 59 -44.06 -3.05 -35.64
C SER A 59 -44.81 -3.59 -34.42
N GLY A 60 -45.82 -2.85 -33.95
CA GLY A 60 -46.62 -3.24 -32.79
C GLY A 60 -45.94 -2.98 -31.46
N VAL A 61 -44.92 -2.09 -31.47
CA VAL A 61 -44.10 -1.66 -30.33
C VAL A 61 -43.86 -0.13 -30.38
N ARG A 62 -43.71 0.51 -29.21
CA ARG A 62 -43.46 1.95 -29.14
C ARG A 62 -41.98 2.24 -28.91
N VAL A 63 -41.22 1.18 -28.52
CA VAL A 63 -39.78 1.21 -28.22
C VAL A 63 -39.09 -0.06 -28.71
N LYS A 64 -37.82 0.06 -29.10
CA LYS A 64 -37.01 -1.08 -29.54
C LYS A 64 -35.74 -1.19 -28.70
N THR A 65 -35.52 -2.37 -28.12
CA THR A 65 -34.36 -2.66 -27.28
C THR A 65 -33.31 -3.45 -28.07
N TYR A 66 -32.10 -2.89 -28.18
CA TYR A 66 -30.96 -3.52 -28.87
C TYR A 66 -29.84 -3.87 -27.89
N GLU A 67 -28.89 -4.67 -28.40
CA GLU A 67 -27.65 -5.07 -27.72
C GLU A 67 -26.57 -4.14 -28.28
N PRO A 68 -25.58 -3.70 -27.46
CA PRO A 68 -24.57 -2.76 -27.98
C PRO A 68 -23.92 -3.06 -29.34
N GLU A 69 -23.66 -4.35 -29.59
CA GLU A 69 -23.05 -4.86 -30.83
C GLU A 69 -23.94 -4.71 -32.04
N ALA A 70 -25.27 -4.80 -31.84
CA ALA A 70 -26.28 -4.70 -32.91
C ALA A 70 -26.33 -3.34 -33.59
N ILE A 71 -26.05 -2.25 -32.85
CA ILE A 71 -26.13 -0.88 -33.38
C ILE A 71 -24.85 -0.06 -33.25
N TRP A 72 -24.81 1.10 -33.93
CA TRP A 72 -23.70 2.03 -33.85
C TRP A 72 -23.82 2.84 -32.54
N ILE A 73 -22.73 2.87 -31.76
CA ILE A 73 -22.64 3.61 -30.51
C ILE A 73 -21.41 4.52 -30.54
N PRO A 74 -21.56 5.82 -30.19
CA PRO A 74 -20.38 6.72 -30.20
C PRO A 74 -19.33 6.31 -29.18
N GLU A 75 -18.05 6.42 -29.56
CA GLU A 75 -16.91 6.09 -28.69
C GLU A 75 -16.66 7.30 -27.79
N ILE A 76 -17.33 7.30 -26.62
CA ILE A 76 -17.21 8.36 -25.61
C ILE A 76 -16.14 7.97 -24.61
N ARG A 77 -15.19 8.85 -24.34
CA ARG A 77 -14.13 8.60 -23.38
C ARG A 77 -14.02 9.72 -22.35
N PHE A 78 -13.33 9.44 -21.25
CA PHE A 78 -13.04 10.43 -20.24
C PHE A 78 -11.63 10.87 -20.47
N VAL A 79 -11.36 12.16 -20.36
CA VAL A 79 -10.01 12.67 -20.59
C VAL A 79 -9.14 12.36 -19.37
N ASN A 80 -9.58 12.83 -18.19
CA ASN A 80 -8.83 12.79 -16.95
C ASN A 80 -9.00 11.55 -16.07
N VAL A 81 -8.88 10.38 -16.66
CA VAL A 81 -8.94 9.11 -15.93
C VAL A 81 -7.60 8.42 -15.96
N GLU A 82 -7.29 7.65 -14.90
CA GLU A 82 -6.05 6.88 -14.80
C GLU A 82 -6.04 5.79 -15.89
N ASN A 83 -7.05 4.92 -15.83
CA ASN A 83 -7.29 3.86 -16.80
C ASN A 83 -8.69 4.07 -17.35
N ALA A 84 -9.01 3.44 -18.48
CA ALA A 84 -10.35 3.49 -19.07
C ALA A 84 -11.37 3.02 -18.02
N ARG A 85 -12.54 3.69 -17.97
CA ARG A 85 -13.63 3.39 -17.04
C ARG A 85 -14.09 1.92 -17.12
N ASP A 86 -14.53 1.38 -15.99
CA ASP A 86 -15.10 0.05 -15.89
C ASP A 86 -16.59 0.32 -16.12
N ALA A 87 -17.12 -0.09 -17.28
CA ALA A 87 -18.53 0.18 -17.62
C ALA A 87 -19.32 -1.04 -17.96
N ASP A 88 -20.60 -1.00 -17.57
CA ASP A 88 -21.55 -2.06 -17.89
CA ASP A 88 -21.57 -2.06 -17.85
C ASP A 88 -22.81 -1.40 -18.41
N VAL A 89 -23.21 -1.78 -19.64
CA VAL A 89 -24.39 -1.21 -20.31
C VAL A 89 -25.64 -1.69 -19.55
N VAL A 90 -26.53 -0.75 -19.20
CA VAL A 90 -27.76 -1.00 -18.46
C VAL A 90 -28.92 -1.15 -19.46
N ASP A 91 -29.03 -0.22 -20.42
CA ASP A 91 -30.08 -0.23 -21.41
C ASP A 91 -29.77 0.58 -22.66
N ILE A 92 -30.33 0.11 -23.79
CA ILE A 92 -30.32 0.74 -25.11
C ILE A 92 -31.76 0.67 -25.61
N SER A 93 -32.37 1.84 -25.85
CA SER A 93 -33.75 1.99 -26.27
C SER A 93 -33.86 2.93 -27.47
N VAL A 94 -34.61 2.50 -28.50
CA VAL A 94 -34.83 3.27 -29.71
C VAL A 94 -36.30 3.68 -29.81
N SER A 95 -36.54 4.98 -30.04
CA SER A 95 -37.87 5.53 -30.20
C SER A 95 -38.26 5.43 -31.70
N PRO A 96 -39.57 5.53 -32.09
CA PRO A 96 -39.93 5.38 -33.51
C PRO A 96 -39.15 6.23 -34.52
N ASP A 97 -38.77 7.45 -34.14
CA ASP A 97 -38.03 8.37 -35.00
C ASP A 97 -36.49 8.15 -35.01
N GLY A 98 -36.03 7.04 -34.46
CA GLY A 98 -34.61 6.69 -34.39
C GLY A 98 -33.80 7.41 -33.32
N THR A 99 -34.45 7.89 -32.24
CA THR A 99 -33.76 8.53 -31.13
C THR A 99 -33.25 7.44 -30.19
N VAL A 100 -31.93 7.28 -30.11
CA VAL A 100 -31.32 6.26 -29.28
C VAL A 100 -31.09 6.78 -27.86
N GLN A 101 -31.44 5.97 -26.86
CA GLN A 101 -31.23 6.26 -25.45
C GLN A 101 -30.35 5.15 -24.87
N TYR A 102 -29.10 5.52 -24.57
CA TYR A 102 -28.07 4.65 -24.03
C TYR A 102 -27.84 4.98 -22.56
N LEU A 103 -27.72 3.92 -21.73
CA LEU A 103 -27.44 4.07 -20.31
C LEU A 103 -26.45 3.03 -19.84
N GLU A 104 -25.36 3.47 -19.23
CA GLU A 104 -24.34 2.62 -18.66
C GLU A 104 -24.04 3.06 -17.24
N ARG A 105 -23.62 2.11 -16.42
CA ARG A 105 -23.16 2.43 -15.08
C ARG A 105 -21.66 2.21 -15.13
N PHE A 106 -20.90 3.21 -14.67
CA PHE A 106 -19.45 3.10 -14.71
C PHE A 106 -18.81 3.47 -13.38
N SER A 107 -17.55 3.11 -13.24
CA SER A 107 -16.71 3.46 -12.11
C SER A 107 -15.38 3.91 -12.71
N ALA A 108 -14.78 4.97 -12.16
CA ALA A 108 -13.50 5.47 -12.66
C ALA A 108 -12.73 6.21 -11.60
N ARG A 109 -11.38 6.22 -11.77
CA ARG A 109 -10.47 6.98 -10.91
C ARG A 109 -10.10 8.20 -11.72
N VAL A 110 -10.45 9.38 -11.20
CA VAL A 110 -10.31 10.63 -11.91
C VAL A 110 -9.15 11.45 -11.41
N LEU A 111 -8.37 12.00 -12.31
CA LEU A 111 -7.30 12.90 -11.95
C LEU A 111 -7.84 14.30 -12.01
N SER A 112 -7.74 15.04 -10.94
CA SER A 112 -8.22 16.40 -10.97
C SER A 112 -7.38 17.25 -10.04
N PRO A 113 -6.60 18.20 -10.59
CA PRO A 113 -5.72 19.03 -9.72
C PRO A 113 -6.46 19.78 -8.61
N LEU A 114 -5.77 19.90 -7.47
CA LEU A 114 -6.33 20.56 -6.30
C LEU A 114 -5.48 21.77 -5.94
N ASP A 115 -6.13 22.87 -5.50
CA ASP A 115 -5.45 24.09 -5.06
C ASP A 115 -5.39 24.07 -3.55
N PHE A 116 -4.18 23.83 -3.00
CA PHE A 116 -3.98 23.71 -1.55
C PHE A 116 -3.68 25.02 -0.82
N ARG A 117 -3.65 26.17 -1.55
CA ARG A 117 -3.33 27.50 -1.00
C ARG A 117 -4.02 27.85 0.34
N ARG A 118 -5.31 27.50 0.49
CA ARG A 118 -6.07 27.78 1.70
C ARG A 118 -6.28 26.59 2.65
N TYR A 119 -5.58 25.48 2.42
CA TYR A 119 -5.67 24.26 3.23
C TYR A 119 -5.45 24.54 4.74
N PRO A 120 -6.27 23.95 5.66
CA PRO A 120 -7.39 23.03 5.42
C PRO A 120 -8.75 23.70 5.28
N PHE A 121 -8.78 25.01 4.95
CA PHE A 121 -10.03 25.79 4.78
C PHE A 121 -10.30 26.00 3.28
N ASP A 122 -9.99 24.99 2.48
CA ASP A 122 -10.08 25.05 1.04
C ASP A 122 -11.34 24.46 0.46
N SER A 123 -11.66 24.93 -0.75
CA SER A 123 -12.77 24.48 -1.59
C SER A 123 -12.16 24.10 -2.92
N GLN A 124 -12.76 23.10 -3.59
CA GLN A 124 -12.24 22.63 -4.86
C GLN A 124 -13.34 22.46 -5.87
N THR A 125 -12.97 22.45 -7.16
CA THR A 125 -13.87 22.16 -8.27
C THR A 125 -13.27 20.94 -8.94
N LEU A 126 -13.85 19.78 -8.70
CA LEU A 126 -13.39 18.57 -9.36
C LEU A 126 -13.99 18.52 -10.78
N HIS A 127 -13.22 18.02 -11.76
CA HIS A 127 -13.69 17.93 -13.14
C HIS A 127 -13.73 16.51 -13.63
N ILE A 128 -14.74 16.22 -14.43
CA ILE A 128 -14.91 14.96 -15.14
C ILE A 128 -15.07 15.43 -16.58
N TYR A 129 -14.04 15.25 -17.43
CA TYR A 129 -14.08 15.67 -18.83
C TYR A 129 -14.49 14.55 -19.75
N LEU A 130 -15.65 14.70 -20.40
CA LEU A 130 -16.22 13.77 -21.37
C LEU A 130 -15.71 14.19 -22.74
N ILE A 131 -15.31 13.22 -23.56
CA ILE A 131 -14.77 13.51 -24.88
C ILE A 131 -15.23 12.54 -25.97
N VAL A 132 -15.34 13.05 -27.21
CA VAL A 132 -15.66 12.28 -28.42
C VAL A 132 -14.78 12.77 -29.56
N ARG A 133 -14.25 11.82 -30.34
CA ARG A 133 -13.43 12.08 -31.50
C ARG A 133 -14.28 11.80 -32.73
N SER A 134 -14.27 12.74 -33.69
CA SER A 134 -15.01 12.63 -34.95
C SER A 134 -14.41 11.56 -35.86
N VAL A 135 -15.25 11.02 -36.74
CA VAL A 135 -14.94 9.99 -37.73
C VAL A 135 -14.81 10.60 -39.14
N ASP A 136 -14.17 9.88 -40.10
CA ASP A 136 -13.94 10.45 -41.44
C ASP A 136 -15.21 10.81 -42.12
N THR A 137 -16.11 9.93 -41.88
CA THR A 137 -17.46 10.06 -42.32
C THR A 137 -18.15 11.28 -41.68
N ARG A 138 -18.25 11.45 -40.35
CA ARG A 138 -18.83 12.71 -39.82
C ARG A 138 -18.29 13.25 -38.52
N ASN A 139 -18.58 14.53 -38.28
CA ASN A 139 -18.21 15.31 -37.12
C ASN A 139 -19.18 15.07 -35.98
N ILE A 140 -18.65 14.70 -34.79
CA ILE A 140 -19.45 14.41 -33.60
C ILE A 140 -19.18 15.45 -32.52
N VAL A 141 -20.29 16.01 -32.05
CA VAL A 141 -20.32 17.10 -31.07
C VAL A 141 -21.15 16.65 -29.85
N LEU A 142 -20.72 17.07 -28.64
CA LEU A 142 -21.40 16.70 -27.40
C LEU A 142 -22.30 17.80 -26.87
N ALA A 143 -23.38 17.42 -26.20
CA ALA A 143 -24.31 18.34 -25.58
C ALA A 143 -24.71 17.79 -24.22
N VAL A 144 -25.23 18.67 -23.36
CA VAL A 144 -25.66 18.29 -22.00
C VAL A 144 -27.18 18.26 -21.93
N ASP A 145 -27.75 17.13 -21.51
CA ASP A 145 -29.19 17.03 -21.23
C ASP A 145 -29.27 17.25 -19.72
N LEU A 146 -29.61 18.48 -19.29
CA LEU A 146 -29.66 18.88 -17.87
C LEU A 146 -30.61 18.03 -17.03
N GLU A 147 -31.63 17.44 -17.67
CA GLU A 147 -32.60 16.55 -17.02
C GLU A 147 -31.93 15.23 -16.59
N LYS A 148 -30.76 14.94 -17.16
CA LYS A 148 -30.01 13.70 -16.90
C LYS A 148 -28.65 13.87 -16.18
N VAL A 149 -28.47 15.05 -15.56
CA VAL A 149 -27.30 15.43 -14.78
C VAL A 149 -27.77 15.55 -13.33
N GLY A 150 -27.07 14.85 -12.44
CA GLY A 150 -27.43 14.91 -11.03
C GLY A 150 -26.60 14.01 -10.16
N LYS A 151 -27.08 13.81 -8.94
CA LYS A 151 -26.43 12.99 -7.93
C LYS A 151 -27.45 12.49 -6.92
N ASN A 152 -27.20 11.28 -6.42
CA ASN A 152 -27.98 10.63 -5.38
C ASN A 152 -27.82 11.49 -4.10
N ASP A 153 -28.90 11.61 -3.30
CA ASP A 153 -28.93 12.41 -2.06
C ASP A 153 -27.93 11.91 -1.01
N ASP A 154 -27.72 10.58 -0.97
CA ASP A 154 -26.81 9.85 -0.08
C ASP A 154 -25.31 9.95 -0.47
N VAL A 155 -24.98 10.60 -1.63
CA VAL A 155 -23.59 10.78 -2.09
C VAL A 155 -22.83 11.58 -1.03
N PHE A 156 -21.80 10.94 -0.44
CA PHE A 156 -20.97 11.51 0.61
C PHE A 156 -19.49 11.32 0.24
N LEU A 157 -18.69 12.36 0.41
CA LEU A 157 -17.26 12.23 0.15
C LEU A 157 -16.61 12.49 1.50
N THR A 158 -16.15 11.42 2.17
CA THR A 158 -15.53 11.48 3.51
C THR A 158 -14.55 12.64 3.62
N GLY A 159 -14.80 13.52 4.61
CA GLY A 159 -13.99 14.70 4.87
C GLY A 159 -14.29 15.93 4.03
N TRP A 160 -15.33 15.85 3.20
CA TRP A 160 -15.75 16.94 2.33
C TRP A 160 -17.24 17.14 2.33
N ASP A 161 -17.68 18.35 1.98
CA ASP A 161 -19.08 18.71 1.80
C ASP A 161 -19.26 18.88 0.31
N ILE A 162 -20.30 18.25 -0.25
CA ILE A 162 -20.57 18.36 -1.68
C ILE A 162 -21.52 19.54 -1.88
N GLU A 163 -21.10 20.54 -2.66
CA GLU A 163 -21.92 21.72 -2.91
C GLU A 163 -22.83 21.58 -4.11
N SER A 164 -22.25 21.31 -5.29
CA SER A 164 -23.01 21.16 -6.53
C SER A 164 -22.31 20.26 -7.51
N PHE A 165 -23.11 19.71 -8.44
CA PHE A 165 -22.67 18.89 -9.56
C PHE A 165 -23.41 19.43 -10.76
N THR A 166 -22.70 20.20 -11.58
CA THR A 166 -23.24 20.87 -12.77
C THR A 166 -22.33 20.59 -13.97
N ALA A 167 -22.85 20.86 -15.18
CA ALA A 167 -22.07 20.71 -16.39
C ALA A 167 -22.03 22.03 -17.13
N VAL A 168 -20.86 22.34 -17.71
CA VAL A 168 -20.68 23.51 -18.55
C VAL A 168 -21.30 23.04 -19.88
N VAL A 169 -22.50 23.59 -20.21
CA VAL A 169 -23.35 23.22 -21.37
C VAL A 169 -22.70 23.35 -22.76
N LYS A 170 -21.79 24.31 -22.95
CA LYS A 170 -21.10 24.49 -24.21
C LYS A 170 -19.83 23.70 -24.24
N PRO A 171 -19.71 22.75 -25.19
CA PRO A 171 -18.49 21.93 -25.24
C PRO A 171 -17.30 22.72 -25.76
N ALA A 172 -16.10 22.22 -25.47
CA ALA A 172 -14.87 22.80 -25.97
C ALA A 172 -14.51 21.96 -27.20
N ASN A 173 -14.76 22.52 -28.41
CA ASN A 173 -14.48 21.85 -29.68
C ASN A 173 -13.11 22.30 -30.16
N PHE A 174 -12.25 21.33 -30.53
CA PHE A 174 -10.88 21.61 -30.94
C PHE A 174 -10.36 20.51 -31.83
N ALA A 175 -9.26 20.80 -32.53
CA ALA A 175 -8.59 19.87 -33.42
C ALA A 175 -7.50 19.15 -32.68
N LEU A 176 -7.46 17.82 -32.81
CA LEU A 176 -6.41 17.00 -32.21
C LEU A 176 -6.07 15.92 -33.24
N GLU A 177 -4.89 16.05 -33.86
CA GLU A 177 -4.41 15.12 -34.90
C GLU A 177 -5.37 15.07 -36.12
N ASP A 178 -5.62 16.26 -36.67
CA ASP A 178 -6.51 16.54 -37.78
C ASP A 178 -7.94 15.99 -37.71
N ARG A 179 -8.42 15.83 -36.48
CA ARG A 179 -9.81 15.44 -36.25
C ARG A 179 -10.41 16.30 -35.17
N LEU A 180 -11.70 16.58 -35.33
CA LEU A 180 -12.45 17.35 -34.38
C LEU A 180 -12.69 16.50 -33.15
N GLU A 181 -12.50 17.12 -32.02
CA GLU A 181 -12.78 16.54 -30.74
C GLU A 181 -13.70 17.47 -29.97
N SER A 182 -14.71 16.90 -29.34
CA SER A 182 -15.72 17.65 -28.60
C SER A 182 -15.65 17.26 -27.11
N LYS A 183 -15.28 18.22 -26.25
CA LYS A 183 -15.07 18.01 -24.83
C LYS A 183 -16.07 18.72 -23.91
N LEU A 184 -16.70 17.97 -22.99
CA LEU A 184 -17.62 18.53 -21.99
C LEU A 184 -16.99 18.52 -20.61
N ASP A 185 -17.23 19.58 -19.82
CA ASP A 185 -16.70 19.71 -18.47
C ASP A 185 -17.81 19.59 -17.42
N TYR A 186 -17.83 18.45 -16.72
CA TYR A 186 -18.72 18.18 -15.59
C TYR A 186 -17.98 18.60 -14.32
N GLN A 187 -18.60 19.49 -13.52
CA GLN A 187 -17.95 20.05 -12.34
C GLN A 187 -18.59 19.68 -11.03
N LEU A 188 -17.80 19.10 -10.13
CA LEU A 188 -18.27 18.72 -8.80
C LEU A 188 -17.59 19.68 -7.79
N ARG A 189 -18.38 20.63 -7.24
CA ARG A 189 -17.87 21.62 -6.28
C ARG A 189 -17.96 21.09 -4.87
N ILE A 190 -16.80 21.08 -4.19
CA ILE A 190 -16.66 20.55 -2.83
C ILE A 190 -15.93 21.53 -1.93
N SER A 191 -16.20 21.43 -0.62
CA SER A 191 -15.51 22.24 0.38
C SER A 191 -15.08 21.32 1.51
N ARG A 192 -13.84 21.50 1.93
CA ARG A 192 -13.23 20.69 2.96
C ARG A 192 -13.82 20.93 4.33
N GLN A 193 -14.06 19.82 5.04
CA GLN A 193 -14.53 19.80 6.42
C GLN A 193 -13.28 19.95 7.28
N TYR A 194 -12.99 21.22 7.64
CA TYR A 194 -11.80 21.61 8.41
C TYR A 194 -11.90 21.30 9.91
N PHE A 195 -13.12 21.00 10.43
CA PHE A 195 -13.40 20.73 11.84
C PHE A 195 -12.29 20.00 12.59
N SER A 196 -12.00 18.74 12.22
CA SER A 196 -11.04 17.88 12.91
C SER A 196 -9.62 18.42 12.99
N TYR A 197 -9.21 19.31 12.08
CA TYR A 197 -7.88 19.92 12.07
C TYR A 197 -7.66 20.79 13.29
N ILE A 198 -8.75 21.37 13.83
CA ILE A 198 -8.74 22.22 15.02
C ILE A 198 -8.29 21.45 16.29
N PRO A 199 -8.99 20.40 16.77
CA PRO A 199 -8.49 19.70 17.97
C PRO A 199 -7.27 18.78 17.73
N ASN A 200 -7.03 18.35 16.47
CA ASN A 200 -5.95 17.41 16.18
C ASN A 200 -4.60 17.99 15.84
N ILE A 201 -4.58 19.13 15.12
CA ILE A 201 -3.34 19.76 14.68
C ILE A 201 -3.19 21.20 15.15
N ILE A 202 -4.17 22.08 14.84
CA ILE A 202 -4.10 23.51 15.18
C ILE A 202 -3.91 23.82 16.65
N LEU A 203 -4.86 23.40 17.50
CA LEU A 203 -4.77 23.65 18.93
C LEU A 203 -3.55 22.98 19.59
N PRO A 204 -3.26 21.68 19.36
CA PRO A 204 -2.03 21.10 19.94
C PRO A 204 -0.77 21.88 19.58
N MET A 205 -0.67 22.35 18.33
CA MET A 205 0.45 23.13 17.84
C MET A 205 0.54 24.51 18.54
N LEU A 206 -0.61 25.12 18.86
CA LEU A 206 -0.64 26.41 19.59
C LEU A 206 -0.26 26.20 21.05
N PHE A 207 -0.78 25.12 21.70
CA PHE A 207 -0.48 24.78 23.09
C PHE A 207 1.01 24.62 23.31
N ILE A 208 1.70 23.85 22.45
CA ILE A 208 3.16 23.65 22.61
C ILE A 208 3.94 24.95 22.45
N LEU A 209 3.48 25.82 21.53
CA LEU A 209 4.09 27.13 21.29
C LEU A 209 3.96 28.02 22.54
N PHE A 210 2.74 28.09 23.13
CA PHE A 210 2.46 28.86 24.34
C PHE A 210 3.25 28.31 25.52
N ILE A 211 3.45 26.99 25.57
CA ILE A 211 4.28 26.33 26.59
C ILE A 211 5.73 26.81 26.45
N SER A 212 6.24 26.97 25.21
CA SER A 212 7.60 27.48 25.02
C SER A 212 7.77 28.91 25.60
N TRP A 213 6.66 29.71 25.65
CA TRP A 213 6.64 31.10 26.14
C TRP A 213 6.66 31.22 27.67
N THR A 214 6.47 30.09 28.39
CA THR A 214 6.56 30.09 29.85
C THR A 214 8.01 30.35 30.27
N ALA A 215 8.99 30.13 29.35
CA ALA A 215 10.42 30.39 29.54
C ALA A 215 10.66 31.90 29.79
N PHE A 216 9.68 32.77 29.45
CA PHE A 216 9.76 34.22 29.70
C PHE A 216 9.42 34.60 31.15
N TRP A 217 9.05 33.60 31.97
CA TRP A 217 8.75 33.75 33.39
C TRP A 217 9.67 32.84 34.20
N SER A 218 10.81 32.47 33.61
CA SER A 218 11.81 31.61 34.22
C SER A 218 13.21 32.15 33.99
N THR A 219 14.03 32.11 35.05
CA THR A 219 15.43 32.53 35.06
C THR A 219 16.36 31.31 34.95
N SER A 220 15.78 30.09 35.07
CA SER A 220 16.49 28.83 34.96
C SER A 220 16.81 28.51 33.51
N TYR A 221 18.07 28.71 33.07
CA TYR A 221 18.53 28.44 31.72
C TYR A 221 18.31 26.99 31.30
N GLU A 222 18.69 26.04 32.17
CA GLU A 222 18.55 24.61 31.92
C GLU A 222 17.08 24.19 31.67
N ALA A 223 16.15 24.77 32.45
CA ALA A 223 14.71 24.52 32.32
C ALA A 223 14.19 25.15 31.03
N ASN A 224 14.67 26.37 30.74
CA ASN A 224 14.31 27.14 29.55
C ASN A 224 14.71 26.41 28.29
N VAL A 225 15.95 25.89 28.25
CA VAL A 225 16.48 25.12 27.12
C VAL A 225 15.59 23.89 26.89
N THR A 226 15.21 23.20 27.98
CA THR A 226 14.33 22.05 27.95
C THR A 226 12.95 22.44 27.41
N LEU A 227 12.38 23.56 27.89
CA LEU A 227 11.06 24.02 27.43
C LEU A 227 11.05 24.32 25.94
N VAL A 228 12.01 25.12 25.45
CA VAL A 228 12.03 25.56 24.06
C VAL A 228 12.39 24.46 23.05
N VAL A 229 13.41 23.66 23.39
CA VAL A 229 13.90 22.60 22.52
C VAL A 229 12.91 21.44 22.41
N SER A 230 12.31 21.05 23.54
CA SER A 230 11.34 19.94 23.57
C SER A 230 10.10 20.28 22.77
N THR A 231 9.56 21.49 22.96
CA THR A 231 8.39 21.95 22.22
C THR A 231 8.70 22.13 20.73
N LEU A 232 9.94 22.53 20.38
CA LEU A 232 10.37 22.67 18.99
C LEU A 232 10.31 21.31 18.28
N ILE A 233 10.76 20.26 18.97
CA ILE A 233 10.78 18.88 18.48
C ILE A 233 9.35 18.40 18.22
N ALA A 234 8.42 18.72 19.15
CA ALA A 234 7.00 18.42 19.02
C ALA A 234 6.42 19.19 17.81
N HIS A 235 6.90 20.42 17.56
CA HIS A 235 6.49 21.23 16.41
C HIS A 235 6.97 20.58 15.10
N ILE A 236 8.19 20.00 15.11
CA ILE A 236 8.77 19.29 13.96
C ILE A 236 7.87 18.09 13.63
N ALA A 237 7.44 17.33 14.68
CA ALA A 237 6.54 16.18 14.55
C ALA A 237 5.23 16.58 13.87
N PHE A 238 4.65 17.74 14.25
CA PHE A 238 3.42 18.24 13.62
C PHE A 238 3.67 18.67 12.19
N ASN A 239 4.83 19.30 11.92
CA ASN A 239 5.20 19.72 10.56
C ASN A 239 5.27 18.48 9.66
N ILE A 240 5.95 17.41 10.12
CA ILE A 240 6.09 16.15 9.39
C ILE A 240 4.72 15.52 9.17
N LEU A 241 3.88 15.48 10.23
CA LEU A 241 2.54 14.91 10.16
C LEU A 241 1.68 15.60 9.07
N VAL A 242 1.70 16.94 9.07
CA VAL A 242 0.96 17.74 8.10
C VAL A 242 1.42 17.48 6.66
N GLU A 243 2.76 17.52 6.42
CA GLU A 243 3.32 17.31 5.09
C GLU A 243 3.09 15.91 4.51
N THR A 244 2.81 14.88 5.36
CA THR A 244 2.49 13.52 4.91
C THR A 244 1.08 13.46 4.30
N ASN A 245 0.15 14.34 4.73
CA ASN A 245 -1.23 14.37 4.22
C ASN A 245 -1.34 15.24 2.95
N LEU A 246 -0.25 15.88 2.52
CA LEU A 246 -0.25 16.81 1.40
C LEU A 246 0.80 16.53 0.34
N PRO A 247 0.51 16.85 -0.95
CA PRO A 247 1.57 16.74 -1.96
C PRO A 247 2.51 17.95 -1.88
N LYS A 248 3.66 17.85 -2.56
CA LYS A 248 4.62 18.93 -2.60
C LYS A 248 4.08 19.97 -3.58
N THR A 249 3.92 21.23 -3.12
CA THR A 249 3.36 22.32 -3.93
C THR A 249 4.40 23.40 -4.30
N PRO A 250 4.33 23.97 -5.52
CA PRO A 250 5.30 25.04 -5.86
C PRO A 250 4.89 26.39 -5.27
N TYR A 251 4.07 26.38 -4.21
CA TYR A 251 3.55 27.55 -3.53
C TYR A 251 3.37 27.24 -2.07
N MET A 252 3.17 28.28 -1.26
CA MET A 252 2.93 28.12 0.17
C MET A 252 1.46 27.90 0.42
N THR A 253 1.14 26.96 1.31
CA THR A 253 -0.25 26.74 1.73
C THR A 253 -0.40 27.57 3.01
N TYR A 254 -1.64 27.82 3.42
CA TYR A 254 -1.94 28.60 4.61
C TYR A 254 -1.32 27.98 5.87
N THR A 255 -1.53 26.67 6.06
CA THR A 255 -1.00 25.84 7.15
C THR A 255 0.52 25.79 7.09
N GLY A 256 1.05 25.64 5.89
CA GLY A 256 2.49 25.60 5.66
C GLY A 256 3.17 26.88 6.08
N ALA A 257 2.51 28.02 5.80
CA ALA A 257 2.96 29.38 6.15
C ALA A 257 3.02 29.54 7.67
N ILE A 258 1.93 29.16 8.39
CA ILE A 258 1.85 29.21 9.85
C ILE A 258 2.91 28.30 10.45
N ILE A 259 3.00 27.04 9.98
CA ILE A 259 3.98 26.06 10.46
C ILE A 259 5.39 26.62 10.32
N PHE A 260 5.71 27.18 9.13
CA PHE A 260 7.03 27.77 8.86
C PHE A 260 7.34 28.95 9.79
N MET A 261 6.37 29.86 9.96
CA MET A 261 6.48 31.04 10.79
C MET A 261 6.77 30.67 12.25
N ILE A 262 6.07 29.63 12.77
CA ILE A 262 6.26 29.16 14.14
C ILE A 262 7.73 28.78 14.43
N TYR A 263 8.49 28.29 13.42
CA TYR A 263 9.91 27.98 13.57
C TYR A 263 10.69 29.25 13.92
N LEU A 264 10.33 30.40 13.30
CA LEU A 264 10.99 31.68 13.53
C LEU A 264 10.81 32.09 14.98
N PHE A 265 9.58 31.87 15.52
CA PHE A 265 9.25 32.13 16.92
C PHE A 265 10.06 31.27 17.88
N TYR A 266 10.32 30.00 17.51
CA TYR A 266 11.14 29.10 18.33
C TYR A 266 12.59 29.54 18.29
N PHE A 267 13.05 29.96 17.09
CA PHE A 267 14.41 30.41 16.88
C PHE A 267 14.70 31.66 17.70
N VAL A 268 13.79 32.67 17.66
CA VAL A 268 13.95 33.90 18.42
C VAL A 268 13.85 33.63 19.94
N ALA A 269 12.95 32.70 20.37
CA ALA A 269 12.83 32.31 21.77
C ALA A 269 14.14 31.72 22.29
N VAL A 270 14.85 30.92 21.47
CA VAL A 270 16.16 30.35 21.83
C VAL A 270 17.17 31.51 21.99
N ILE A 271 17.17 32.49 21.05
CA ILE A 271 18.07 33.63 21.14
C ILE A 271 17.83 34.35 22.47
N GLU A 272 16.55 34.67 22.78
CA GLU A 272 16.16 35.33 24.02
C GLU A 272 16.66 34.57 25.26
N VAL A 273 16.40 33.26 25.31
CA VAL A 273 16.81 32.39 26.42
C VAL A 273 18.36 32.41 26.60
N THR A 274 19.11 32.47 25.47
CA THR A 274 20.57 32.51 25.41
C THR A 274 21.08 33.85 25.92
N VAL A 275 20.50 34.96 25.38
CA VAL A 275 20.82 36.34 25.74
C VAL A 275 20.60 36.55 27.24
N GLN A 276 19.44 36.12 27.76
CA GLN A 276 19.09 36.19 29.17
C GLN A 276 20.15 35.50 30.04
N HIS A 277 20.52 34.26 29.72
CA HIS A 277 21.54 33.51 30.46
C HIS A 277 22.90 34.19 30.40
N TYR A 278 23.31 34.63 29.19
CA TYR A 278 24.59 35.29 28.95
C TYR A 278 24.77 36.53 29.85
N LEU A 279 23.73 37.39 29.93
CA LEU A 279 23.72 38.62 30.73
C LEU A 279 23.80 38.30 32.22
N LYS A 280 23.02 37.28 32.69
CA LYS A 280 23.06 36.87 34.09
CA LYS A 280 23.04 36.81 34.08
C LYS A 280 24.48 36.41 34.46
N VAL A 281 25.14 35.63 33.60
CA VAL A 281 26.51 35.14 33.83
C VAL A 281 27.52 36.32 33.91
N GLU A 282 27.26 37.38 33.11
CA GLU A 282 28.05 38.61 32.95
C GLU A 282 27.69 39.65 34.03
N SER A 283 26.90 39.24 35.03
CA SER A 283 26.42 40.07 36.14
C SER A 283 25.66 41.30 35.66
N GLN A 284 24.80 41.12 34.65
CA GLN A 284 23.91 42.17 34.13
C GLN A 284 22.43 41.69 34.17
N PRO A 285 21.91 41.18 35.32
CA PRO A 285 20.54 40.66 35.33
C PRO A 285 19.41 41.67 35.17
N ALA A 286 19.68 42.94 35.49
CA ALA A 286 18.67 43.99 35.40
C ALA A 286 18.27 44.21 33.97
N ARG A 287 19.23 44.06 33.15
CA ARG A 287 19.11 44.21 31.74
C ARG A 287 18.38 43.00 31.16
N ALA A 288 18.87 41.81 31.46
CA ALA A 288 18.25 40.55 31.09
C ALA A 288 16.77 40.60 31.48
N ALA A 289 16.44 41.19 32.65
CA ALA A 289 15.07 41.33 33.13
C ALA A 289 14.23 42.21 32.21
N SER A 290 14.85 43.27 31.62
CA SER A 290 14.19 44.17 30.68
C SER A 290 13.84 43.43 29.39
N ILE A 291 14.79 42.63 28.86
CA ILE A 291 14.60 41.83 27.64
C ILE A 291 13.49 40.78 27.85
N THR A 292 13.53 40.06 28.98
CA THR A 292 12.55 39.02 29.33
C THR A 292 11.14 39.57 29.49
N ARG A 293 11.01 40.73 30.15
CA ARG A 293 9.72 41.39 30.37
C ARG A 293 9.12 41.89 29.06
N ALA A 294 9.98 42.43 28.16
CA ALA A 294 9.57 42.90 26.84
C ALA A 294 9.06 41.71 26.00
N SER A 295 9.80 40.57 26.08
CA SER A 295 9.50 39.33 25.37
C SER A 295 8.13 38.79 25.73
N ARG A 296 7.72 38.91 27.02
CA ARG A 296 6.39 38.46 27.49
C ARG A 296 5.25 39.12 26.72
N ILE A 297 5.44 40.37 26.27
CA ILE A 297 4.43 41.11 25.49
C ILE A 297 4.69 40.93 24.00
N ALA A 298 5.95 41.19 23.55
CA ALA A 298 6.37 41.12 22.16
C ALA A 298 5.99 39.79 21.45
N PHE A 299 6.37 38.62 22.03
CA PHE A 299 6.05 37.32 21.46
C PHE A 299 4.57 37.09 21.15
N PRO A 300 3.61 37.20 22.12
CA PRO A 300 2.18 37.04 21.77
C PRO A 300 1.65 38.10 20.80
N VAL A 301 2.13 39.36 20.93
CA VAL A 301 1.69 40.47 20.07
C VAL A 301 2.12 40.26 18.62
N VAL A 302 3.43 40.00 18.39
CA VAL A 302 3.98 39.75 17.05
C VAL A 302 3.31 38.48 16.47
N PHE A 303 3.03 37.48 17.32
CA PHE A 303 2.35 36.26 16.87
C PHE A 303 0.95 36.51 16.34
N LEU A 304 0.17 37.32 17.06
CA LEU A 304 -1.18 37.70 16.69
C LEU A 304 -1.19 38.56 15.42
N LEU A 305 -0.33 39.58 15.33
CA LEU A 305 -0.25 40.45 14.16
C LEU A 305 0.20 39.70 12.90
N ALA A 306 1.20 38.81 13.04
CA ALA A 306 1.71 37.99 11.93
C ALA A 306 0.62 37.06 11.40
N ASN A 307 -0.23 36.53 12.29
CA ASN A 307 -1.35 35.67 11.94
C ASN A 307 -2.46 36.45 11.23
N ILE A 308 -2.74 37.69 11.67
CA ILE A 308 -3.71 38.57 11.02
C ILE A 308 -3.20 38.87 9.59
N ILE A 309 -1.89 39.23 9.45
CA ILE A 309 -1.29 39.49 8.14
C ILE A 309 -1.44 38.27 7.22
N LEU A 310 -1.05 37.07 7.71
CA LEU A 310 -1.14 35.82 6.95
C LEU A 310 -2.57 35.49 6.52
N ALA A 311 -3.55 35.58 7.46
CA ALA A 311 -4.97 35.31 7.17
C ALA A 311 -5.47 36.28 6.11
N PHE A 312 -5.02 37.53 6.17
CA PHE A 312 -5.37 38.55 5.20
C PHE A 312 -4.83 38.19 3.82
N LEU A 313 -3.52 37.83 3.73
CA LEU A 313 -2.89 37.47 2.46
C LEU A 313 -3.52 36.24 1.82
N PHE A 314 -3.98 35.28 2.64
CA PHE A 314 -4.55 34.03 2.16
C PHE A 314 -6.07 34.02 1.94
N PHE A 315 -6.85 34.86 2.65
CA PHE A 315 -8.32 34.83 2.54
C PHE A 315 -9.01 36.15 2.15
N VAL B 5 -32.52 -11.80 -26.03
CA VAL B 5 -33.42 -12.08 -24.91
C VAL B 5 -34.14 -10.81 -24.43
N SER B 6 -35.40 -10.97 -24.00
CA SER B 6 -36.26 -9.88 -23.51
C SER B 6 -36.96 -10.29 -22.20
N PRO B 7 -37.55 -9.37 -21.40
CA PRO B 7 -38.16 -9.78 -20.12
C PRO B 7 -39.41 -10.66 -20.23
N PRO B 8 -39.76 -11.44 -19.18
CA PRO B 8 -40.98 -12.25 -19.25
C PRO B 8 -42.22 -11.37 -19.39
N PRO B 9 -43.24 -11.82 -20.18
CA PRO B 9 -44.43 -10.99 -20.38
C PRO B 9 -45.44 -11.07 -19.22
N PRO B 10 -46.15 -9.96 -18.90
CA PRO B 10 -47.11 -10.02 -17.78
C PRO B 10 -48.42 -10.70 -18.17
N ILE B 11 -48.95 -11.56 -17.26
CA ILE B 11 -50.24 -12.24 -17.49
C ILE B 11 -51.38 -11.20 -17.52
N ALA B 12 -51.30 -10.19 -16.61
CA ALA B 12 -52.26 -9.09 -16.45
C ALA B 12 -51.59 -7.72 -16.72
N ASP B 13 -51.17 -7.02 -15.64
CA ASP B 13 -50.44 -5.74 -15.70
C ASP B 13 -49.36 -5.56 -14.59
N GLU B 14 -49.19 -6.54 -13.72
CA GLU B 14 -48.28 -6.57 -12.60
C GLU B 14 -46.80 -6.40 -12.97
N PRO B 15 -46.08 -5.93 -12.00
CA PRO B 15 -44.65 -5.85 -12.18
C PRO B 15 -44.01 -7.22 -12.01
N LEU B 16 -42.82 -7.44 -12.59
CA LEU B 16 -42.11 -8.70 -12.37
C LEU B 16 -41.42 -8.67 -11.00
N THR B 17 -41.76 -9.64 -10.14
CA THR B 17 -41.16 -9.77 -8.81
C THR B 17 -39.95 -10.67 -8.88
N VAL B 18 -38.80 -10.13 -8.47
CA VAL B 18 -37.54 -10.88 -8.39
C VAL B 18 -37.29 -11.05 -6.91
N ASN B 19 -37.37 -12.30 -6.44
CA ASN B 19 -37.13 -12.63 -5.05
C ASN B 19 -35.64 -12.74 -4.87
N THR B 20 -35.12 -12.15 -3.78
CA THR B 20 -33.69 -12.12 -3.50
C THR B 20 -33.36 -12.69 -2.14
N GLY B 21 -32.08 -12.96 -1.98
CA GLY B 21 -31.47 -13.44 -0.75
C GLY B 21 -29.96 -13.29 -0.82
N ILE B 22 -29.36 -13.00 0.33
CA ILE B 22 -27.91 -12.87 0.47
C ILE B 22 -27.51 -13.76 1.63
N TYR B 23 -26.59 -14.69 1.39
CA TYR B 23 -26.08 -15.55 2.44
C TYR B 23 -24.58 -15.27 2.56
N LEU B 24 -24.15 -14.64 3.68
CA LEU B 24 -22.75 -14.28 3.93
C LEU B 24 -21.89 -15.49 4.22
N ILE B 25 -20.80 -15.63 3.46
CA ILE B 25 -19.82 -16.70 3.59
C ILE B 25 -18.62 -16.13 4.35
N GLU B 26 -18.14 -14.93 3.93
CA GLU B 26 -17.01 -14.26 4.55
CA GLU B 26 -17.01 -14.24 4.55
C GLU B 26 -17.23 -12.74 4.66
N CYS B 27 -16.74 -12.16 5.74
CA CYS B 27 -16.73 -10.75 6.06
C CYS B 27 -15.32 -10.49 6.50
N TYR B 28 -14.69 -9.51 5.86
CA TYR B 28 -13.30 -9.16 6.17
C TYR B 28 -13.05 -7.70 5.80
N SER B 29 -11.87 -7.21 6.19
CA SER B 29 -11.37 -5.89 5.87
C SER B 29 -12.31 -4.72 6.14
N LEU B 30 -12.85 -4.62 7.37
CA LEU B 30 -13.60 -3.42 7.70
C LEU B 30 -12.54 -2.34 7.94
N ASP B 31 -12.42 -1.43 6.97
CA ASP B 31 -11.48 -0.32 6.94
C ASP B 31 -12.20 0.92 7.45
N ASP B 32 -11.87 1.35 8.68
CA ASP B 32 -12.48 2.53 9.33
C ASP B 32 -12.22 3.83 8.58
N LYS B 33 -10.96 4.05 8.15
CA LYS B 33 -10.56 5.25 7.42
C LYS B 33 -11.32 5.36 6.09
N ALA B 34 -11.37 4.25 5.32
CA ALA B 34 -12.06 4.20 4.02
C ALA B 34 -13.58 4.06 4.11
N GLU B 35 -14.10 3.60 5.26
CA GLU B 35 -15.51 3.33 5.53
C GLU B 35 -16.06 2.26 4.56
N THR B 36 -15.25 1.22 4.36
CA THR B 36 -15.55 0.08 3.51
C THR B 36 -15.36 -1.23 4.26
N PHE B 37 -15.91 -2.31 3.67
CA PHE B 37 -15.77 -3.69 4.16
C PHE B 37 -15.89 -4.60 2.98
N LYS B 38 -15.21 -5.73 3.02
CA LYS B 38 -15.25 -6.68 1.93
C LYS B 38 -16.18 -7.81 2.31
N VAL B 39 -16.90 -8.34 1.33
CA VAL B 39 -17.88 -9.37 1.55
C VAL B 39 -17.76 -10.44 0.48
N ASN B 40 -17.95 -11.69 0.88
CA ASN B 40 -17.98 -12.85 0.01
C ASN B 40 -19.29 -13.57 0.39
N ALA B 41 -20.22 -13.65 -0.56
CA ALA B 41 -21.55 -14.17 -0.26
C ALA B 41 -22.22 -14.83 -1.42
N PHE B 42 -23.35 -15.51 -1.12
CA PHE B 42 -24.23 -16.10 -2.11
C PHE B 42 -25.29 -15.07 -2.35
N LEU B 43 -25.60 -14.81 -3.63
CA LEU B 43 -26.72 -13.96 -4.04
C LEU B 43 -27.68 -14.92 -4.76
N SER B 44 -28.87 -15.12 -4.19
CA SER B 44 -29.88 -15.96 -4.78
C SER B 44 -30.98 -15.09 -5.44
N LEU B 45 -31.48 -15.49 -6.61
CA LEU B 45 -32.51 -14.75 -7.34
C LEU B 45 -33.57 -15.75 -7.84
N SER B 46 -34.85 -15.33 -7.81
CA SER B 46 -35.97 -16.14 -8.27
C SER B 46 -37.09 -15.33 -8.90
N TRP B 47 -37.47 -15.72 -10.12
CA TRP B 47 -38.51 -15.07 -10.92
C TRP B 47 -39.17 -16.11 -11.84
N LYS B 48 -40.43 -15.85 -12.23
CA LYS B 48 -41.20 -16.72 -13.13
C LYS B 48 -41.02 -16.23 -14.56
N ASP B 49 -40.60 -17.14 -15.44
CA ASP B 49 -40.49 -16.88 -16.87
C ASP B 49 -41.18 -18.03 -17.58
N ARG B 50 -42.51 -17.86 -17.83
CA ARG B 50 -43.37 -18.87 -18.46
C ARG B 50 -42.91 -19.32 -19.82
N ARG B 51 -42.10 -18.48 -20.53
CA ARG B 51 -41.52 -18.82 -21.82
C ARG B 51 -40.54 -20.00 -21.71
N LEU B 52 -40.19 -20.39 -20.48
CA LEU B 52 -39.27 -21.49 -20.17
C LEU B 52 -39.98 -22.73 -19.64
N ALA B 53 -41.34 -22.70 -19.65
CA ALA B 53 -42.16 -23.82 -19.20
C ALA B 53 -41.88 -25.04 -20.06
N PHE B 54 -41.91 -26.21 -19.45
CA PHE B 54 -41.64 -27.47 -20.11
C PHE B 54 -42.40 -28.62 -19.46
N ASP B 55 -42.51 -29.73 -20.20
CA ASP B 55 -43.15 -30.95 -19.74
C ASP B 55 -42.02 -31.90 -19.33
N PRO B 56 -42.01 -32.36 -18.04
CA PRO B 56 -40.97 -33.33 -17.62
C PRO B 56 -41.04 -34.65 -18.39
N VAL B 57 -42.27 -35.04 -18.83
CA VAL B 57 -42.55 -36.25 -19.60
C VAL B 57 -41.80 -36.17 -20.94
N ARG B 58 -41.98 -35.08 -21.68
CA ARG B 58 -41.34 -34.88 -22.98
C ARG B 58 -39.81 -34.70 -22.89
N SER B 59 -39.33 -33.75 -22.04
CA SER B 59 -37.90 -33.44 -21.87
C SER B 59 -37.09 -34.47 -21.03
N GLY B 60 -37.81 -35.36 -20.34
CA GLY B 60 -37.21 -36.42 -19.51
C GLY B 60 -36.87 -35.98 -18.10
N VAL B 61 -36.29 -34.77 -17.99
CA VAL B 61 -35.84 -34.13 -16.76
C VAL B 61 -36.95 -33.33 -16.02
N ARG B 62 -36.92 -33.34 -14.67
CA ARG B 62 -37.89 -32.63 -13.81
C ARG B 62 -37.50 -31.15 -13.60
N VAL B 63 -36.20 -30.83 -13.78
CA VAL B 63 -35.65 -29.48 -13.63
C VAL B 63 -34.65 -29.25 -14.77
N LYS B 64 -34.72 -28.08 -15.42
CA LYS B 64 -33.79 -27.73 -16.49
C LYS B 64 -32.66 -26.85 -15.95
N THR B 65 -31.43 -27.06 -16.44
CA THR B 65 -30.26 -26.28 -16.06
C THR B 65 -29.83 -25.47 -17.27
N TYR B 66 -29.73 -24.14 -17.11
CA TYR B 66 -29.37 -23.22 -18.17
C TYR B 66 -28.09 -22.46 -17.90
N GLU B 67 -27.48 -21.94 -18.99
CA GLU B 67 -26.29 -21.11 -18.92
C GLU B 67 -26.80 -19.68 -18.91
N PRO B 68 -26.19 -18.75 -18.14
CA PRO B 68 -26.71 -17.37 -18.09
C PRO B 68 -27.06 -16.67 -19.41
N GLU B 69 -26.25 -16.91 -20.45
CA GLU B 69 -26.42 -16.35 -21.78
C GLU B 69 -27.64 -16.90 -22.52
N ALA B 70 -28.02 -18.17 -22.23
CA ALA B 70 -29.16 -18.85 -22.85
C ALA B 70 -30.51 -18.24 -22.51
N ILE B 71 -30.66 -17.69 -21.30
CA ILE B 71 -31.94 -17.13 -20.84
C ILE B 71 -31.88 -15.67 -20.40
N TRP B 72 -33.06 -15.08 -20.19
CA TRP B 72 -33.19 -13.72 -19.67
C TRP B 72 -32.92 -13.77 -18.16
N ILE B 73 -32.00 -12.90 -17.70
CA ILE B 73 -31.66 -12.76 -16.30
C ILE B 73 -31.79 -11.28 -15.91
N PRO B 74 -32.50 -10.96 -14.80
CA PRO B 74 -32.62 -9.56 -14.38
C PRO B 74 -31.26 -8.96 -14.06
N GLU B 75 -31.06 -7.71 -14.47
CA GLU B 75 -29.79 -7.00 -14.23
C GLU B 75 -29.87 -6.44 -12.83
N ILE B 76 -29.42 -7.23 -11.85
CA ILE B 76 -29.38 -6.85 -10.43
C ILE B 76 -27.99 -6.25 -10.11
N ARG B 77 -27.97 -5.07 -9.49
CA ARG B 77 -26.72 -4.42 -9.13
C ARG B 77 -26.72 -4.01 -7.67
N PHE B 78 -25.53 -3.70 -7.15
CA PHE B 78 -25.38 -3.20 -5.80
C PHE B 78 -25.19 -1.72 -5.94
N VAL B 79 -25.83 -0.95 -5.06
CA VAL B 79 -25.72 0.51 -5.13
C VAL B 79 -24.36 0.95 -4.59
N ASN B 80 -24.08 0.57 -3.32
CA ASN B 80 -22.92 0.98 -2.56
C ASN B 80 -21.66 0.15 -2.67
N VAL B 81 -21.24 -0.15 -3.91
CA VAL B 81 -20.00 -0.88 -4.15
C VAL B 81 -18.99 0.00 -4.85
N GLU B 82 -17.67 -0.27 -4.62
CA GLU B 82 -16.62 0.50 -5.29
C GLU B 82 -16.62 0.15 -6.80
N ASN B 83 -16.43 -1.14 -7.09
CA ASN B 83 -16.49 -1.65 -8.44
C ASN B 83 -17.60 -2.67 -8.50
N ALA B 84 -18.05 -3.02 -9.72
CA ALA B 84 -19.07 -4.06 -9.91
C ALA B 84 -18.55 -5.34 -9.28
N ARG B 85 -19.46 -6.09 -8.60
CA ARG B 85 -19.14 -7.34 -7.92
C ARG B 85 -18.46 -8.37 -8.84
N ASP B 86 -17.57 -9.18 -8.26
CA ASP B 86 -16.90 -10.27 -8.93
C ASP B 86 -17.86 -11.41 -8.68
N ALA B 87 -18.57 -11.88 -9.71
CA ALA B 87 -19.55 -12.94 -9.53
C ALA B 87 -19.33 -14.13 -10.42
N ASP B 88 -19.66 -15.30 -9.88
CA ASP B 88 -19.57 -16.54 -10.60
CA ASP B 88 -19.56 -16.58 -10.58
C ASP B 88 -20.88 -17.29 -10.35
N VAL B 89 -21.60 -17.62 -11.46
CA VAL B 89 -22.89 -18.31 -11.39
C VAL B 89 -22.64 -19.75 -10.94
N VAL B 90 -23.35 -20.18 -9.89
CA VAL B 90 -23.24 -21.51 -9.31
C VAL B 90 -24.29 -22.38 -9.98
N ASP B 91 -25.53 -21.87 -10.09
CA ASP B 91 -26.63 -22.62 -10.70
C ASP B 91 -27.73 -21.74 -11.23
N ILE B 92 -28.37 -22.19 -12.32
CA ILE B 92 -29.56 -21.63 -12.93
C ILE B 92 -30.46 -22.84 -13.17
N SER B 93 -31.46 -23.03 -12.29
CA SER B 93 -32.43 -24.13 -12.32
C SER B 93 -33.83 -23.63 -12.70
N VAL B 94 -34.38 -24.18 -13.78
CA VAL B 94 -35.72 -23.84 -14.27
C VAL B 94 -36.69 -25.00 -14.01
N SER B 95 -37.78 -24.72 -13.28
CA SER B 95 -38.77 -25.73 -12.96
C SER B 95 -39.94 -25.73 -14.04
N PRO B 96 -40.76 -26.82 -14.18
CA PRO B 96 -41.77 -26.88 -15.26
C PRO B 96 -42.68 -25.67 -15.54
N ASP B 97 -43.10 -24.94 -14.49
CA ASP B 97 -43.95 -23.74 -14.61
C ASP B 97 -43.18 -22.53 -15.13
N GLY B 98 -41.86 -22.65 -15.19
CA GLY B 98 -40.97 -21.56 -15.63
C GLY B 98 -40.37 -20.76 -14.50
N THR B 99 -40.44 -21.26 -13.23
CA THR B 99 -39.83 -20.58 -12.08
C THR B 99 -38.32 -20.78 -12.15
N VAL B 100 -37.58 -19.67 -12.26
CA VAL B 100 -36.12 -19.70 -12.31
C VAL B 100 -35.55 -19.55 -10.91
N GLN B 101 -34.55 -20.38 -10.59
CA GLN B 101 -33.79 -20.32 -9.36
C GLN B 101 -32.33 -20.11 -9.77
N TYR B 102 -31.85 -18.89 -9.54
CA TYR B 102 -30.52 -18.41 -9.87
C TYR B 102 -29.68 -18.30 -8.60
N LEU B 103 -28.46 -18.84 -8.64
CA LEU B 103 -27.52 -18.76 -7.53
C LEU B 103 -26.13 -18.38 -8.00
N GLU B 104 -25.60 -17.30 -7.42
CA GLU B 104 -24.25 -16.87 -7.72
C GLU B 104 -23.50 -16.64 -6.43
N ARG B 105 -22.20 -16.82 -6.50
CA ARG B 105 -21.33 -16.50 -5.37
C ARG B 105 -20.57 -15.24 -5.80
N PHE B 106 -20.58 -14.21 -4.97
CA PHE B 106 -19.90 -12.97 -5.33
C PHE B 106 -19.00 -12.48 -4.21
N SER B 107 -18.13 -11.54 -4.57
CA SER B 107 -17.24 -10.84 -3.65
C SER B 107 -17.34 -9.36 -4.05
N ALA B 108 -17.41 -8.48 -3.06
CA ALA B 108 -17.51 -7.04 -3.32
C ALA B 108 -16.96 -6.21 -2.18
N ARG B 109 -16.44 -4.99 -2.49
CA ARG B 109 -15.98 -4.01 -1.51
C ARG B 109 -17.12 -2.97 -1.41
N VAL B 110 -17.78 -2.94 -0.25
CA VAL B 110 -18.96 -2.15 0.04
C VAL B 110 -18.61 -0.86 0.79
N LEU B 111 -19.18 0.27 0.33
CA LEU B 111 -19.07 1.60 0.91
C LEU B 111 -20.22 1.71 1.90
N SER B 112 -19.92 1.89 3.16
CA SER B 112 -20.99 2.04 4.12
C SER B 112 -20.50 3.00 5.21
N PRO B 113 -21.12 4.22 5.32
CA PRO B 113 -20.66 5.20 6.33
C PRO B 113 -20.71 4.70 7.78
N LEU B 114 -19.73 5.14 8.57
CA LEU B 114 -19.62 4.73 9.96
C LEU B 114 -19.74 5.94 10.86
N ASP B 115 -20.42 5.76 12.02
CA ASP B 115 -20.58 6.80 13.03
C ASP B 115 -19.54 6.58 14.11
N PHE B 116 -18.50 7.44 14.15
CA PHE B 116 -17.40 7.30 15.10
C PHE B 116 -17.58 8.03 16.44
N ARG B 117 -18.74 8.72 16.64
CA ARG B 117 -19.06 9.48 17.85
C ARG B 117 -18.69 8.78 19.18
N ARG B 118 -18.95 7.46 19.29
CA ARG B 118 -18.69 6.69 20.52
C ARG B 118 -17.43 5.82 20.47
N TYR B 119 -16.58 5.98 19.43
CA TYR B 119 -15.34 5.21 19.25
C TYR B 119 -14.42 5.24 20.52
N PRO B 120 -13.82 4.09 20.95
CA PRO B 120 -13.89 2.74 20.39
C PRO B 120 -15.02 1.88 20.95
N PHE B 121 -16.07 2.48 21.57
CA PHE B 121 -17.22 1.77 22.16
C PHE B 121 -18.45 1.92 21.26
N ASP B 122 -18.22 1.87 19.94
CA ASP B 122 -19.24 2.09 18.93
C ASP B 122 -19.79 0.80 18.33
N SER B 123 -21.01 0.92 17.80
CA SER B 123 -21.76 -0.10 17.09
C SER B 123 -22.13 0.49 15.76
N GLN B 124 -22.24 -0.35 14.72
CA GLN B 124 -22.55 0.12 13.38
C GLN B 124 -23.60 -0.75 12.71
N THR B 125 -24.29 -0.19 11.70
CA THR B 125 -25.23 -0.91 10.85
C THR B 125 -24.68 -0.77 9.45
N LEU B 126 -24.04 -1.83 8.96
CA LEU B 126 -23.50 -1.83 7.60
C LEU B 126 -24.66 -2.16 6.63
N HIS B 127 -24.66 -1.51 5.46
CA HIS B 127 -25.71 -1.74 4.46
C HIS B 127 -25.16 -2.28 3.16
N ILE B 128 -25.93 -3.18 2.56
CA ILE B 128 -25.68 -3.74 1.23
C ILE B 128 -27.00 -3.44 0.50
N TYR B 129 -27.00 -2.48 -0.42
CA TYR B 129 -28.20 -2.10 -1.17
C TYR B 129 -28.27 -2.80 -2.51
N LEU B 130 -29.29 -3.64 -2.69
CA LEU B 130 -29.57 -4.36 -3.92
C LEU B 130 -30.50 -3.50 -4.76
N ILE B 131 -30.25 -3.41 -6.07
CA ILE B 131 -31.07 -2.60 -6.95
C ILE B 131 -31.35 -3.23 -8.33
N VAL B 132 -32.51 -2.90 -8.89
CA VAL B 132 -32.95 -3.28 -10.24
C VAL B 132 -33.65 -2.08 -10.87
N ARG B 133 -33.39 -1.86 -12.13
CA ARG B 133 -34.00 -0.80 -12.88
C ARG B 133 -35.00 -1.45 -13.82
N SER B 134 -36.18 -0.83 -13.94
CA SER B 134 -37.26 -1.31 -14.78
C SER B 134 -36.97 -1.10 -16.23
N VAL B 135 -37.54 -1.96 -17.05
CA VAL B 135 -37.36 -1.82 -18.48
C VAL B 135 -38.61 -1.24 -19.10
N ASP B 136 -38.57 -1.02 -20.41
CA ASP B 136 -39.68 -0.45 -21.14
C ASP B 136 -40.87 -1.35 -21.20
N THR B 137 -40.60 -2.61 -21.57
CA THR B 137 -41.67 -3.58 -21.66
C THR B 137 -42.36 -3.72 -20.30
N ARG B 138 -41.58 -3.79 -19.20
CA ARG B 138 -42.18 -3.93 -17.89
C ARG B 138 -41.35 -3.56 -16.68
N ASN B 139 -42.05 -3.25 -15.60
CA ASN B 139 -41.52 -2.85 -14.32
C ASN B 139 -41.07 -3.99 -13.48
N ILE B 140 -39.86 -3.87 -12.91
CA ILE B 140 -39.29 -4.91 -12.09
C ILE B 140 -39.19 -4.45 -10.67
N VAL B 141 -39.60 -5.32 -9.76
CA VAL B 141 -39.66 -5.04 -8.34
C VAL B 141 -38.93 -6.16 -7.59
N LEU B 142 -38.25 -5.82 -6.48
CA LEU B 142 -37.49 -6.77 -5.69
C LEU B 142 -38.22 -7.17 -4.43
N ALA B 143 -38.00 -8.41 -4.00
CA ALA B 143 -38.59 -8.94 -2.79
C ALA B 143 -37.53 -9.74 -2.06
N VAL B 144 -37.75 -9.97 -0.75
CA VAL B 144 -36.82 -10.73 0.08
C VAL B 144 -37.43 -12.11 0.37
N ASP B 145 -36.69 -13.18 0.06
CA ASP B 145 -37.06 -14.53 0.45
C ASP B 145 -36.26 -14.75 1.74
N LEU B 146 -36.91 -14.59 2.92
CA LEU B 146 -36.26 -14.69 4.23
C LEU B 146 -35.59 -16.03 4.49
N GLU B 147 -36.07 -17.09 3.82
CA GLU B 147 -35.51 -18.42 3.91
C GLU B 147 -34.12 -18.49 3.25
N LYS B 148 -33.78 -17.49 2.43
CA LYS B 148 -32.52 -17.42 1.69
C LYS B 148 -31.58 -16.25 2.12
N VAL B 149 -31.85 -15.68 3.31
CA VAL B 149 -31.07 -14.61 3.93
C VAL B 149 -30.42 -15.20 5.17
N GLY B 150 -29.11 -15.04 5.28
CA GLY B 150 -28.38 -15.56 6.43
C GLY B 150 -26.89 -15.36 6.37
N LYS B 151 -26.19 -16.09 7.24
CA LYS B 151 -24.73 -16.04 7.34
C LYS B 151 -24.19 -17.34 7.93
N ASN B 152 -23.00 -17.72 7.47
CA ASN B 152 -22.26 -18.88 7.95
C ASN B 152 -21.89 -18.60 9.42
N ASP B 153 -21.91 -19.64 10.29
CA ASP B 153 -21.62 -19.54 11.72
C ASP B 153 -20.19 -19.06 12.00
N ASP B 154 -19.24 -19.44 11.12
CA ASP B 154 -17.82 -19.10 11.15
C ASP B 154 -17.49 -17.66 10.68
N VAL B 155 -18.50 -16.88 10.19
CA VAL B 155 -18.31 -15.50 9.72
C VAL B 155 -17.79 -14.67 10.89
N PHE B 156 -16.56 -14.15 10.73
CA PHE B 156 -15.85 -13.35 11.71
C PHE B 156 -15.32 -12.09 11.06
N LEU B 157 -15.51 -10.96 11.72
CA LEU B 157 -14.98 -9.70 11.21
C LEU B 157 -13.98 -9.26 12.28
N THR B 158 -12.68 -9.45 12.00
CA THR B 158 -11.57 -9.11 12.92
C THR B 158 -11.80 -7.75 13.59
N GLY B 159 -11.82 -7.76 14.91
CA GLY B 159 -12.03 -6.56 15.72
C GLY B 159 -13.47 -6.15 15.96
N TRP B 160 -14.42 -6.96 15.49
CA TRP B 160 -15.85 -6.70 15.63
C TRP B 160 -16.61 -7.95 16.02
N ASP B 161 -17.79 -7.74 16.62
CA ASP B 161 -18.75 -8.79 16.95
C ASP B 161 -19.89 -8.61 15.99
N ILE B 162 -20.33 -9.70 15.35
CA ILE B 162 -21.44 -9.64 14.41
C ILE B 162 -22.72 -9.93 15.18
N GLU B 163 -23.66 -9.00 15.17
CA GLU B 163 -24.92 -9.17 15.90
C GLU B 163 -25.99 -9.82 15.07
N SER B 164 -26.34 -9.22 13.92
CA SER B 164 -27.39 -9.75 13.03
C SER B 164 -27.18 -9.36 11.60
N PHE B 165 -27.77 -10.15 10.70
CA PHE B 165 -27.81 -9.90 9.26
C PHE B 165 -29.26 -10.14 8.84
N THR B 166 -29.97 -9.04 8.62
CA THR B 166 -31.39 -9.03 8.25
C THR B 166 -31.61 -8.13 7.04
N ALA B 167 -32.80 -8.27 6.42
CA ALA B 167 -33.16 -7.43 5.28
C ALA B 167 -34.45 -6.71 5.59
N VAL B 168 -34.54 -5.45 5.15
CA VAL B 168 -35.76 -4.65 5.25
C VAL B 168 -36.57 -5.19 4.04
N VAL B 169 -37.62 -5.96 4.34
CA VAL B 169 -38.49 -6.68 3.40
C VAL B 169 -39.19 -5.83 2.35
N LYS B 170 -39.53 -4.58 2.68
CA LYS B 170 -40.21 -3.67 1.78
C LYS B 170 -39.19 -2.90 0.96
N PRO B 171 -39.19 -3.04 -0.37
CA PRO B 171 -38.22 -2.30 -1.17
C PRO B 171 -38.56 -0.83 -1.28
N ALA B 172 -37.56 -0.01 -1.58
CA ALA B 172 -37.74 1.41 -1.81
C ALA B 172 -37.87 1.56 -3.31
N ASN B 173 -39.12 1.75 -3.80
CA ASN B 173 -39.42 1.92 -5.24
C ASN B 173 -39.47 3.42 -5.53
N PHE B 174 -38.72 3.89 -6.54
CA PHE B 174 -38.61 5.30 -6.85
C PHE B 174 -38.23 5.53 -8.28
N ALA B 175 -38.43 6.75 -8.78
CA ALA B 175 -38.10 7.10 -10.15
C ALA B 175 -36.69 7.64 -10.22
N LEU B 176 -35.94 7.21 -11.22
CA LEU B 176 -34.58 7.69 -11.43
C LEU B 176 -34.32 7.73 -12.93
N GLU B 177 -34.10 8.95 -13.47
CA GLU B 177 -33.83 9.22 -14.90
C GLU B 177 -34.93 8.63 -15.79
N ASP B 178 -36.19 8.98 -15.45
CA ASP B 178 -37.42 8.62 -16.18
C ASP B 178 -37.72 7.11 -16.31
N ARG B 179 -37.37 6.32 -15.27
CA ARG B 179 -37.62 4.87 -15.12
C ARG B 179 -37.67 4.49 -13.65
N LEU B 180 -38.36 3.39 -13.36
CA LEU B 180 -38.50 2.90 -12.00
C LEU B 180 -37.25 2.11 -11.59
N GLU B 181 -36.93 2.22 -10.30
CA GLU B 181 -35.86 1.52 -9.65
C GLU B 181 -36.42 0.91 -8.37
N SER B 182 -36.07 -0.35 -8.08
CA SER B 182 -36.50 -1.09 -6.89
C SER B 182 -35.26 -1.44 -6.04
N LYS B 183 -35.16 -0.85 -4.83
CA LYS B 183 -34.02 -0.98 -3.95
C LYS B 183 -34.30 -1.71 -2.64
N LEU B 184 -33.48 -2.74 -2.33
CA LEU B 184 -33.57 -3.48 -1.06
C LEU B 184 -32.39 -3.15 -0.14
N ASP B 185 -32.65 -3.07 1.17
CA ASP B 185 -31.63 -2.77 2.17
C ASP B 185 -31.32 -3.97 3.05
N TYR B 186 -30.15 -4.58 2.82
CA TYR B 186 -29.62 -5.69 3.63
C TYR B 186 -28.74 -5.06 4.73
N GLN B 187 -29.03 -5.37 6.01
CA GLN B 187 -28.34 -4.76 7.15
C GLN B 187 -27.52 -5.70 7.99
N LEU B 188 -26.23 -5.40 8.13
CA LEU B 188 -25.32 -6.19 8.96
C LEU B 188 -24.97 -5.36 10.21
N ARG B 189 -25.54 -5.74 11.37
CA ARG B 189 -25.31 -5.04 12.64
C ARG B 189 -24.09 -5.58 13.36
N ILE B 190 -23.15 -4.69 13.67
CA ILE B 190 -21.87 -5.05 14.29
C ILE B 190 -21.56 -4.13 15.48
N SER B 191 -20.76 -4.64 16.42
CA SER B 191 -20.31 -3.86 17.55
C SER B 191 -18.81 -4.08 17.72
N ARG B 192 -18.11 -2.97 17.93
CA ARG B 192 -16.68 -2.97 18.06
C ARG B 192 -16.19 -3.63 19.33
N GLN B 193 -15.14 -4.44 19.19
CA GLN B 193 -14.44 -5.11 20.29
C GLN B 193 -13.43 -4.08 20.79
N TYR B 194 -13.84 -3.32 21.82
CA TYR B 194 -13.05 -2.26 22.44
C TYR B 194 -11.91 -2.75 23.35
N PHE B 195 -11.92 -4.06 23.75
CA PHE B 195 -10.93 -4.68 24.66
C PHE B 195 -9.52 -4.16 24.52
N SER B 196 -8.88 -4.38 23.35
CA SER B 196 -7.49 -4.02 23.11
C SER B 196 -7.12 -2.57 23.29
N TYR B 197 -8.10 -1.65 23.12
CA TYR B 197 -7.88 -0.20 23.29
C TYR B 197 -7.51 0.15 24.72
N ILE B 198 -7.99 -0.64 25.70
CA ILE B 198 -7.72 -0.47 27.12
C ILE B 198 -6.22 -0.66 27.44
N PRO B 199 -5.57 -1.85 27.25
CA PRO B 199 -4.14 -1.94 27.56
C PRO B 199 -3.20 -1.24 26.56
N ASN B 200 -3.66 -0.99 25.32
CA ASN B 200 -2.80 -0.39 24.29
C ASN B 200 -2.77 1.10 24.17
N ILE B 201 -3.91 1.76 24.40
CA ILE B 201 -4.03 3.21 24.28
C ILE B 201 -4.52 3.89 25.55
N ILE B 202 -5.70 3.48 26.08
CA ILE B 202 -6.32 4.12 27.25
C ILE B 202 -5.45 4.14 28.50
N LEU B 203 -5.07 2.97 29.01
CA LEU B 203 -4.24 2.88 30.21
C LEU B 203 -2.85 3.52 30.04
N PRO B 204 -2.07 3.24 28.96
CA PRO B 204 -0.79 3.95 28.79
C PRO B 204 -0.94 5.48 28.82
N MET B 205 -2.00 6.01 28.20
CA MET B 205 -2.31 7.42 28.16
C MET B 205 -2.63 7.98 29.55
N LEU B 206 -3.31 7.18 30.40
CA LEU B 206 -3.64 7.58 31.78
C LEU B 206 -2.40 7.55 32.66
N PHE B 207 -1.54 6.51 32.51
CA PHE B 207 -0.27 6.38 33.25
C PHE B 207 0.63 7.57 33.05
N ILE B 208 0.84 8.01 31.78
CA ILE B 208 1.70 9.16 31.50
C ILE B 208 1.13 10.45 32.09
N LEU B 209 -0.20 10.60 32.08
CA LEU B 209 -0.88 11.76 32.64
C LEU B 209 -0.67 11.81 34.17
N PHE B 210 -0.86 10.67 34.86
CA PHE B 210 -0.67 10.55 36.31
C PHE B 210 0.79 10.80 36.68
N ILE B 211 1.73 10.37 35.81
CA ILE B 211 3.16 10.61 35.98
C ILE B 211 3.43 12.12 35.95
N SER B 212 2.79 12.87 35.04
CA SER B 212 2.97 14.32 35.02
C SER B 212 2.53 14.99 36.36
N TRP B 213 1.54 14.39 37.06
CA TRP B 213 0.98 14.90 38.34
C TRP B 213 1.91 14.72 39.55
N THR B 214 3.01 13.95 39.37
CA THR B 214 4.03 13.76 40.40
C THR B 214 4.77 15.09 40.60
N ALA B 215 4.70 16.02 39.61
CA ALA B 215 5.29 17.36 39.68
C ALA B 215 4.64 18.18 40.81
N PHE B 216 3.46 17.75 41.31
CA PHE B 216 2.77 18.42 42.42
C PHE B 216 3.35 18.04 43.80
N TRP B 217 4.33 17.13 43.81
CA TRP B 217 5.05 16.68 45.00
C TRP B 217 6.54 16.95 44.83
N SER B 218 6.87 17.90 43.95
CA SER B 218 8.24 18.30 43.66
C SER B 218 8.36 19.81 43.59
N THR B 219 9.44 20.33 44.18
CA THR B 219 9.80 21.75 44.23
C THR B 219 10.88 22.05 43.18
N SER B 220 11.46 20.98 42.57
CA SER B 220 12.48 21.08 41.53
C SER B 220 11.85 21.48 40.20
N TYR B 221 11.99 22.75 39.80
CA TYR B 221 11.45 23.27 38.54
C TYR B 221 11.97 22.53 37.33
N GLU B 222 13.28 22.31 37.26
CA GLU B 222 13.93 21.60 36.15
C GLU B 222 13.45 20.16 35.96
N ALA B 223 13.16 19.45 37.08
CA ALA B 223 12.61 18.10 37.07
C ALA B 223 11.13 18.14 36.65
N ASN B 224 10.41 19.14 37.16
CA ASN B 224 9.00 19.36 36.86
C ASN B 224 8.78 19.61 35.38
N VAL B 225 9.60 20.49 34.78
CA VAL B 225 9.56 20.82 33.36
C VAL B 225 9.77 19.53 32.54
N THR B 226 10.75 18.71 32.96
CA THR B 226 11.05 17.42 32.34
C THR B 226 9.85 16.46 32.46
N LEU B 227 9.23 16.37 33.64
CA LEU B 227 8.07 15.50 33.85
C LEU B 227 6.90 15.89 32.96
N VAL B 228 6.52 17.18 32.95
CA VAL B 228 5.35 17.64 32.22
C VAL B 228 5.52 17.69 30.69
N VAL B 229 6.69 18.10 30.22
CA VAL B 229 6.96 18.22 28.79
C VAL B 229 7.17 16.85 28.14
N SER B 230 7.90 15.95 28.82
CA SER B 230 8.15 14.59 28.31
C SER B 230 6.87 13.79 28.16
N THR B 231 6.00 13.80 29.18
CA THR B 231 4.73 13.10 29.16
C THR B 231 3.78 13.72 28.12
N LEU B 232 3.86 15.05 27.91
CA LEU B 232 3.05 15.75 26.90
C LEU B 232 3.41 15.21 25.50
N ILE B 233 4.70 15.03 25.22
CA ILE B 233 5.22 14.53 23.97
C ILE B 233 4.71 13.11 23.71
N ALA B 234 4.73 12.27 24.76
CA ALA B 234 4.21 10.90 24.72
C ALA B 234 2.69 10.96 24.44
N HIS B 235 1.98 11.96 24.99
CA HIS B 235 0.56 12.15 24.75
C HIS B 235 0.31 12.51 23.29
N ILE B 236 1.20 13.34 22.69
CA ILE B 236 1.13 13.74 21.28
C ILE B 236 1.26 12.49 20.41
N ALA B 237 2.22 11.60 20.74
CA ALA B 237 2.45 10.31 20.06
C ALA B 237 1.19 9.45 20.06
N PHE B 238 0.48 9.38 21.21
CA PHE B 238 -0.77 8.63 21.29
C PHE B 238 -1.88 9.28 20.50
N ASN B 239 -1.94 10.63 20.51
CA ASN B 239 -2.92 11.40 19.73
C ASN B 239 -2.73 11.07 18.24
N ILE B 240 -1.47 11.10 17.75
CA ILE B 240 -1.13 10.81 16.37
C ILE B 240 -1.49 9.38 16.03
N LEU B 241 -1.14 8.44 16.93
CA LEU B 241 -1.44 7.00 16.74
C LEU B 241 -2.93 6.75 16.55
N VAL B 242 -3.75 7.35 17.43
CA VAL B 242 -5.21 7.23 17.39
C VAL B 242 -5.79 7.80 16.07
N GLU B 243 -5.37 9.03 15.69
CA GLU B 243 -5.84 9.68 14.47
C GLU B 243 -5.49 8.97 13.17
N THR B 244 -4.43 8.13 13.16
CA THR B 244 -4.03 7.32 11.99
C THR B 244 -5.02 6.18 11.75
N ASN B 245 -5.69 5.67 12.81
CA ASN B 245 -6.67 4.58 12.69
C ASN B 245 -8.07 5.10 12.36
N LEU B 246 -8.26 6.44 12.28
CA LEU B 246 -9.56 7.06 12.07
C LEU B 246 -9.63 8.04 10.94
N PRO B 247 -10.81 8.16 10.26
CA PRO B 247 -10.93 9.23 9.25
C PRO B 247 -11.21 10.55 9.95
N LYS B 248 -11.07 11.65 9.19
CA LYS B 248 -11.34 12.99 9.69
C LYS B 248 -12.84 13.15 9.73
N THR B 249 -13.39 13.48 10.91
CA THR B 249 -14.84 13.60 11.12
C THR B 249 -15.28 15.04 11.36
N PRO B 250 -16.46 15.46 10.85
CA PRO B 250 -16.93 16.83 11.13
C PRO B 250 -17.56 16.96 12.53
N TYR B 251 -17.20 16.04 13.44
CA TYR B 251 -17.70 15.97 14.80
C TYR B 251 -16.61 15.43 15.70
N MET B 252 -16.81 15.55 17.02
CA MET B 252 -15.87 15.02 18.00
C MET B 252 -16.24 13.59 18.30
N THR B 253 -15.22 12.72 18.39
CA THR B 253 -15.43 11.34 18.81
C THR B 253 -15.16 11.34 20.31
N TYR B 254 -15.60 10.29 21.01
CA TYR B 254 -15.44 10.16 22.45
C TYR B 254 -13.95 10.19 22.84
N THR B 255 -13.12 9.40 22.15
CA THR B 255 -11.66 9.30 22.31
C THR B 255 -11.00 10.62 21.97
N GLY B 256 -11.46 11.24 20.91
CA GLY B 256 -10.93 12.53 20.46
C GLY B 256 -11.14 13.61 21.49
N ALA B 257 -12.32 13.59 22.15
CA ALA B 257 -12.72 14.52 23.22
C ALA B 257 -11.79 14.36 24.43
N ILE B 258 -11.58 13.11 24.91
CA ILE B 258 -10.68 12.78 26.02
C ILE B 258 -9.26 13.20 25.68
N ILE B 259 -8.75 12.80 24.49
CA ILE B 259 -7.41 13.14 24.04
C ILE B 259 -7.22 14.66 24.03
N PHE B 260 -8.20 15.40 23.47
CA PHE B 260 -8.15 16.87 23.43
C PHE B 260 -8.13 17.50 24.83
N MET B 261 -9.01 17.01 25.72
CA MET B 261 -9.13 17.48 27.09
C MET B 261 -7.82 17.31 27.86
N ILE B 262 -7.16 16.14 27.70
CA ILE B 262 -5.88 15.85 28.35
C ILE B 262 -4.80 16.93 28.05
N TYR B 263 -4.84 17.55 26.84
CA TYR B 263 -3.93 18.65 26.50
C TYR B 263 -4.14 19.83 27.44
N LEU B 264 -5.41 20.12 27.80
CA LEU B 264 -5.75 21.22 28.70
C LEU B 264 -5.12 20.98 30.07
N PHE B 265 -5.18 19.71 30.55
CA PHE B 265 -4.56 19.28 31.80
C PHE B 265 -3.05 19.45 31.78
N TYR B 266 -2.40 19.18 30.63
CA TYR B 266 -0.95 19.36 30.50
C TYR B 266 -0.62 20.85 30.50
N PHE B 267 -1.46 21.65 29.81
CA PHE B 267 -1.29 23.09 29.70
C PHE B 267 -1.39 23.75 31.07
N VAL B 268 -2.43 23.39 31.85
CA VAL B 268 -2.62 23.93 33.19
C VAL B 268 -1.51 23.47 34.15
N ALA B 269 -1.03 22.20 34.01
CA ALA B 269 0.08 21.68 34.82
C ALA B 269 1.37 22.48 34.56
N VAL B 270 1.61 22.90 33.30
CA VAL B 270 2.77 23.74 32.95
C VAL B 270 2.60 25.11 33.65
N ILE B 271 1.38 25.70 33.61
CA ILE B 271 1.12 26.98 34.27
C ILE B 271 1.45 26.85 35.75
N GLU B 272 0.92 25.81 36.41
CA GLU B 272 1.16 25.54 37.83
C GLU B 272 2.64 25.42 38.15
N VAL B 273 3.38 24.61 37.37
CA VAL B 273 4.81 24.41 37.55
C VAL B 273 5.59 25.76 37.42
N THR B 274 5.13 26.64 36.49
CA THR B 274 5.71 27.96 36.21
C THR B 274 5.45 28.90 37.38
N VAL B 275 4.16 28.96 37.81
CA VAL B 275 3.67 29.79 38.92
C VAL B 275 4.44 29.43 40.19
N GLN B 276 4.53 28.12 40.50
CA GLN B 276 5.27 27.60 41.65
C GLN B 276 6.72 28.09 41.65
N HIS B 277 7.45 27.93 40.53
CA HIS B 277 8.84 28.35 40.41
C HIS B 277 8.98 29.85 40.56
N TYR B 278 8.10 30.62 39.90
CA TYR B 278 8.10 32.07 39.93
C TYR B 278 8.02 32.63 41.36
N LEU B 279 7.08 32.09 42.17
CA LEU B 279 6.85 32.47 43.57
C LEU B 279 8.05 32.13 44.44
N LYS B 280 8.62 30.92 44.27
CA LYS B 280 9.81 30.48 45.02
CA LYS B 280 9.82 30.44 44.97
C LYS B 280 11.01 31.41 44.74
N VAL B 281 11.16 31.89 43.49
CA VAL B 281 12.25 32.80 43.10
C VAL B 281 12.02 34.21 43.74
N GLU B 282 10.74 34.60 43.87
CA GLU B 282 10.23 35.86 44.42
C GLU B 282 10.14 35.83 45.96
N SER B 283 10.70 34.76 46.56
CA SER B 283 10.70 34.50 48.00
C SER B 283 9.30 34.47 48.61
N GLN B 284 8.36 33.81 47.90
CA GLN B 284 6.98 33.59 48.35
C GLN B 284 6.66 32.07 48.32
N PRO B 285 7.50 31.18 48.95
CA PRO B 285 7.22 29.73 48.86
C PRO B 285 5.98 29.24 49.61
N ALA B 286 5.51 30.00 50.62
CA ALA B 286 4.33 29.63 51.41
C ALA B 286 3.12 29.59 50.52
N ARG B 287 3.04 30.54 49.66
CA ARG B 287 1.98 30.73 48.71
C ARG B 287 2.05 29.66 47.62
N ALA B 288 3.24 29.50 47.03
CA ALA B 288 3.54 28.46 46.06
C ALA B 288 3.11 27.11 46.63
N ALA B 289 3.35 26.87 47.93
CA ALA B 289 2.98 25.64 48.63
C ALA B 289 1.47 25.43 48.68
N SER B 290 0.69 26.54 48.84
CA SER B 290 -0.77 26.52 48.86
C SER B 290 -1.31 26.12 47.50
N ILE B 291 -0.76 26.70 46.40
CA ILE B 291 -1.15 26.40 45.03
C ILE B 291 -0.86 24.92 44.69
N THR B 292 0.36 24.43 45.04
CA THR B 292 0.80 23.06 44.79
C THR B 292 -0.05 22.04 45.52
N ARG B 293 -0.39 22.31 46.79
CA ARG B 293 -1.21 21.42 47.63
C ARG B 293 -2.63 21.33 47.10
N ALA B 294 -3.17 22.47 46.64
CA ALA B 294 -4.52 22.55 46.06
C ALA B 294 -4.55 21.73 44.76
N SER B 295 -3.48 21.86 43.93
CA SER B 295 -3.31 21.18 42.65
C SER B 295 -3.33 19.67 42.80
N ARG B 296 -2.74 19.14 43.90
CA ARG B 296 -2.73 17.70 44.20
C ARG B 296 -4.13 17.11 44.26
N ILE B 297 -5.12 17.89 44.73
CA ILE B 297 -6.51 17.47 44.84
C ILE B 297 -7.28 17.88 43.58
N ALA B 298 -7.18 19.16 43.19
CA ALA B 298 -7.89 19.75 42.04
C ALA B 298 -7.71 18.96 40.72
N PHE B 299 -6.45 18.67 40.31
CA PHE B 299 -6.16 17.94 39.08
C PHE B 299 -6.88 16.58 38.99
N PRO B 300 -6.71 15.61 39.94
CA PRO B 300 -7.47 14.34 39.83
C PRO B 300 -8.99 14.50 39.93
N VAL B 301 -9.48 15.46 40.77
CA VAL B 301 -10.91 15.71 40.95
C VAL B 301 -11.55 16.26 39.68
N VAL B 302 -10.97 17.34 39.11
CA VAL B 302 -11.46 17.96 37.86
C VAL B 302 -11.36 16.93 36.72
N PHE B 303 -10.31 16.08 36.73
CA PHE B 303 -10.16 15.03 35.72
C PHE B 303 -11.30 14.01 35.75
N LEU B 304 -11.67 13.56 36.96
CA LEU B 304 -12.76 12.62 37.19
C LEU B 304 -14.10 13.21 36.78
N LEU B 305 -14.40 14.43 37.24
CA LEU B 305 -15.66 15.11 36.93
C LEU B 305 -15.81 15.41 35.44
N ALA B 306 -14.73 15.84 34.77
CA ALA B 306 -14.74 16.14 33.34
C ALA B 306 -15.00 14.86 32.52
N ASN B 307 -14.46 13.73 32.99
CA ASN B 307 -14.68 12.43 32.36
C ASN B 307 -16.11 11.94 32.54
N ILE B 308 -16.72 12.17 33.74
CA ILE B 308 -18.12 11.84 34.01
C ILE B 308 -19.00 12.69 33.07
N ILE B 309 -18.73 14.00 32.96
CA ILE B 309 -19.46 14.90 32.07
C ILE B 309 -19.39 14.40 30.62
N LEU B 310 -18.16 14.10 30.12
CA LEU B 310 -17.95 13.60 28.76
C LEU B 310 -18.66 12.29 28.49
N ALA B 311 -18.54 11.30 29.41
CA ALA B 311 -19.19 10.00 29.27
C ALA B 311 -20.71 10.17 29.21
N PHE B 312 -21.23 11.13 30.00
CA PHE B 312 -22.64 11.45 30.02
C PHE B 312 -23.08 12.04 28.68
N LEU B 313 -22.34 13.03 28.15
CA LEU B 313 -22.67 13.66 26.87
C LEU B 313 -22.61 12.69 25.70
N PHE B 314 -21.70 11.70 25.74
CA PHE B 314 -21.52 10.73 24.67
C PHE B 314 -22.33 9.44 24.77
N PHE B 315 -22.73 9.00 25.97
CA PHE B 315 -23.45 7.71 26.13
C PHE B 315 -24.81 7.76 26.85
N VAL C 5 -24.00 -29.93 -20.97
CA VAL C 5 -23.52 -31.01 -20.12
C VAL C 5 -24.31 -31.12 -18.82
N SER C 6 -24.48 -32.35 -18.30
CA SER C 6 -25.23 -32.65 -17.08
C SER C 6 -24.42 -33.62 -16.20
N PRO C 7 -24.71 -33.79 -14.89
CA PRO C 7 -23.90 -34.69 -14.06
C PRO C 7 -24.00 -36.17 -14.44
N PRO C 8 -23.00 -37.03 -14.09
CA PRO C 8 -23.11 -38.45 -14.42
C PRO C 8 -24.27 -39.09 -13.66
N PRO C 9 -25.08 -39.96 -14.30
CA PRO C 9 -26.25 -40.53 -13.61
C PRO C 9 -25.89 -41.64 -12.63
N PRO C 10 -26.65 -41.77 -11.51
CA PRO C 10 -26.32 -42.83 -10.54
C PRO C 10 -26.76 -44.22 -10.99
N ILE C 11 -25.90 -45.23 -10.78
CA ILE C 11 -26.22 -46.63 -11.11
C ILE C 11 -27.40 -47.11 -10.24
N ALA C 12 -27.39 -46.77 -8.94
CA ALA C 12 -28.41 -47.10 -7.93
C ALA C 12 -29.15 -45.85 -7.40
N ASP C 13 -28.66 -45.27 -6.28
CA ASP C 13 -29.12 -44.01 -5.69
C ASP C 13 -27.95 -43.23 -4.99
N GLU C 14 -26.71 -43.72 -5.14
CA GLU C 14 -25.49 -43.21 -4.54
C GLU C 14 -25.12 -41.78 -4.88
N PRO C 15 -24.51 -41.10 -3.93
CA PRO C 15 -24.04 -39.78 -4.24
C PRO C 15 -22.79 -39.88 -5.10
N LEU C 16 -22.51 -38.84 -5.89
CA LEU C 16 -21.28 -38.84 -6.67
C LEU C 16 -20.11 -38.44 -5.76
N THR C 17 -19.11 -39.33 -5.68
CA THR C 17 -17.91 -39.07 -4.90
C THR C 17 -16.86 -38.39 -5.78
N VAL C 18 -16.44 -37.21 -5.35
CA VAL C 18 -15.39 -36.45 -6.02
C VAL C 18 -14.19 -36.55 -5.08
N ASN C 19 -13.15 -37.25 -5.55
CA ASN C 19 -11.92 -37.41 -4.80
C ASN C 19 -11.08 -36.18 -5.03
N THR C 20 -10.53 -35.63 -3.96
CA THR C 20 -9.75 -34.40 -4.03
C THR C 20 -8.36 -34.57 -3.46
N GLY C 21 -7.51 -33.62 -3.82
CA GLY C 21 -6.14 -33.49 -3.34
C GLY C 21 -5.63 -32.08 -3.59
N ILE C 22 -4.81 -31.59 -2.68
CA ILE C 22 -4.17 -30.28 -2.80
C ILE C 22 -2.69 -30.51 -2.61
N TYR C 23 -1.87 -30.08 -3.57
CA TYR C 23 -0.43 -30.19 -3.45
C TYR C 23 0.14 -28.78 -3.49
N LEU C 24 0.68 -28.30 -2.34
CA LEU C 24 1.26 -26.96 -2.21
C LEU C 24 2.57 -26.80 -2.94
N ILE C 25 2.64 -25.80 -3.81
CA ILE C 25 3.82 -25.46 -4.61
C ILE C 25 4.52 -24.29 -3.93
N GLU C 26 3.74 -23.25 -3.55
CA GLU C 26 4.22 -22.04 -2.87
C GLU C 26 3.25 -21.60 -1.78
N CYS C 27 3.83 -21.13 -0.67
CA CYS C 27 3.20 -20.52 0.49
C CYS C 27 3.94 -19.24 0.70
N TYR C 28 3.22 -18.14 0.73
CA TYR C 28 3.81 -16.83 0.93
C TYR C 28 2.80 -15.87 1.55
N SER C 29 3.29 -14.71 1.95
CA SER C 29 2.52 -13.61 2.48
C SER C 29 1.56 -13.95 3.61
N LEU C 30 2.06 -14.57 4.71
CA LEU C 30 1.21 -14.76 5.87
C LEU C 30 1.18 -13.39 6.54
N ASP C 31 0.04 -12.70 6.41
CA ASP C 31 -0.25 -11.38 6.93
C ASP C 31 -0.99 -11.55 8.25
N ASP C 32 -0.32 -11.29 9.38
CA ASP C 32 -0.89 -11.41 10.73
C ASP C 32 -2.06 -10.46 10.97
N LYS C 33 -1.92 -9.18 10.58
CA LYS C 33 -2.96 -8.17 10.74
C LYS C 33 -4.24 -8.55 9.96
N ALA C 34 -4.06 -8.94 8.68
CA ALA C 34 -5.17 -9.34 7.80
C ALA C 34 -5.70 -10.75 8.06
N GLU C 35 -4.90 -11.62 8.72
CA GLU C 35 -5.19 -13.03 9.00
C GLU C 35 -5.42 -13.79 7.69
N THR C 36 -4.54 -13.52 6.72
CA THR C 36 -4.54 -14.13 5.39
C THR C 36 -3.18 -14.70 5.06
N PHE C 37 -3.14 -15.55 4.03
CA PHE C 37 -1.93 -16.14 3.47
C PHE C 37 -2.21 -16.44 2.02
N LYS C 38 -1.18 -16.36 1.19
CA LYS C 38 -1.34 -16.65 -0.22
C LYS C 38 -0.83 -18.06 -0.50
N VAL C 39 -1.47 -18.74 -1.42
CA VAL C 39 -1.13 -20.11 -1.75
C VAL C 39 -1.13 -20.32 -3.25
N ASN C 40 -0.19 -21.12 -3.73
CA ASN C 40 -0.05 -21.53 -5.12
C ASN C 40 0.07 -23.04 -5.05
N ALA C 41 -0.94 -23.75 -5.61
CA ALA C 41 -1.02 -25.19 -5.48
C ALA C 41 -1.67 -25.89 -6.63
N PHE C 42 -1.55 -27.22 -6.62
CA PHE C 42 -2.24 -28.10 -7.56
C PHE C 42 -3.49 -28.54 -6.85
N LEU C 43 -4.62 -28.53 -7.57
CA LEU C 43 -5.89 -29.07 -7.08
C LEU C 43 -6.20 -30.23 -8.01
N SER C 44 -6.32 -31.44 -7.43
CA SER C 44 -6.63 -32.62 -8.22
C SER C 44 -8.03 -33.07 -7.90
N LEU C 45 -8.78 -33.48 -8.94
CA LEU C 45 -10.16 -33.97 -8.82
C LEU C 45 -10.32 -35.27 -9.58
N SER C 46 -11.12 -36.19 -9.02
CA SER C 46 -11.38 -37.49 -9.60
C SER C 46 -12.77 -37.99 -9.30
N TRP C 47 -13.48 -38.41 -10.33
CA TRP C 47 -14.83 -38.93 -10.20
C TRP C 47 -15.06 -39.89 -11.37
N LYS C 48 -16.10 -40.75 -11.23
CA LYS C 48 -16.49 -41.71 -12.27
C LYS C 48 -17.63 -41.13 -13.12
N ASP C 49 -17.41 -41.07 -14.43
CA ASP C 49 -18.43 -40.67 -15.40
C ASP C 49 -18.61 -41.81 -16.41
N ARG C 50 -19.62 -42.68 -16.17
CA ARG C 50 -19.87 -43.84 -17.04
C ARG C 50 -20.13 -43.52 -18.50
N ARG C 51 -20.76 -42.36 -18.78
CA ARG C 51 -21.05 -41.83 -20.11
C ARG C 51 -19.78 -41.59 -20.94
N LEU C 52 -18.63 -41.72 -20.28
CA LEU C 52 -17.31 -41.48 -20.88
C LEU C 52 -16.45 -42.73 -21.02
N ALA C 53 -16.94 -43.87 -20.48
CA ALA C 53 -16.28 -45.17 -20.55
C ALA C 53 -16.04 -45.62 -22.01
N PHE C 54 -14.99 -46.41 -22.22
CA PHE C 54 -14.61 -46.91 -23.52
C PHE C 54 -13.90 -48.28 -23.40
N ASP C 55 -13.79 -49.02 -24.50
CA ASP C 55 -13.14 -50.33 -24.50
C ASP C 55 -11.61 -50.17 -24.62
N PRO C 56 -10.81 -50.79 -23.72
CA PRO C 56 -9.34 -50.67 -23.84
C PRO C 56 -8.71 -51.47 -24.99
N VAL C 57 -9.18 -52.74 -25.23
CA VAL C 57 -8.69 -53.59 -26.34
C VAL C 57 -9.11 -53.09 -27.74
N ARG C 58 -10.36 -52.63 -27.88
CA ARG C 58 -10.92 -52.10 -29.14
C ARG C 58 -10.32 -50.73 -29.51
N SER C 59 -10.33 -49.77 -28.57
CA SER C 59 -9.85 -48.40 -28.79
C SER C 59 -8.36 -48.24 -29.07
N GLY C 60 -7.55 -49.10 -28.44
CA GLY C 60 -6.10 -49.03 -28.57
C GLY C 60 -5.48 -48.00 -27.64
N VAL C 61 -6.23 -46.91 -27.35
CA VAL C 61 -5.85 -45.84 -26.43
C VAL C 61 -6.24 -46.25 -25.01
N ARG C 62 -5.28 -46.13 -24.08
CA ARG C 62 -5.47 -46.48 -22.67
C ARG C 62 -6.13 -45.34 -21.90
N VAL C 63 -5.89 -44.10 -22.36
CA VAL C 63 -6.38 -42.87 -21.77
C VAL C 63 -6.85 -41.89 -22.86
N LYS C 64 -7.93 -41.14 -22.58
CA LYS C 64 -8.47 -40.11 -23.45
C LYS C 64 -8.34 -38.73 -22.77
N THR C 65 -7.79 -37.73 -23.50
CA THR C 65 -7.57 -36.37 -23.00
C THR C 65 -8.66 -35.44 -23.51
N TYR C 66 -9.47 -34.86 -22.60
CA TYR C 66 -10.57 -33.93 -22.93
C TYR C 66 -10.28 -32.49 -22.55
N GLU C 67 -10.96 -31.54 -23.22
CA GLU C 67 -10.90 -30.10 -22.92
C GLU C 67 -12.00 -29.85 -21.88
N PRO C 68 -11.79 -28.96 -20.88
CA PRO C 68 -12.83 -28.76 -19.84
C PRO C 68 -14.29 -28.57 -20.31
N GLU C 69 -14.46 -27.85 -21.43
CA GLU C 69 -15.77 -27.55 -22.04
C GLU C 69 -16.46 -28.78 -22.63
N ALA C 70 -15.65 -29.77 -23.11
CA ALA C 70 -16.14 -31.01 -23.71
C ALA C 70 -16.89 -31.91 -22.74
N ILE C 71 -16.50 -31.92 -21.45
CA ILE C 71 -17.10 -32.79 -20.43
C ILE C 71 -17.68 -32.07 -19.22
N TRP C 72 -18.44 -32.82 -18.40
CA TRP C 72 -19.00 -32.32 -17.15
C TRP C 72 -17.90 -32.33 -16.08
N ILE C 73 -17.73 -31.20 -15.39
CA ILE C 73 -16.75 -31.03 -14.32
C ILE C 73 -17.46 -30.49 -13.08
N PRO C 74 -17.25 -31.10 -11.88
CA PRO C 74 -17.90 -30.58 -10.66
C PRO C 74 -17.45 -29.17 -10.30
N GLU C 75 -18.38 -28.33 -9.87
CA GLU C 75 -18.11 -26.95 -9.48
C GLU C 75 -17.57 -26.96 -8.06
N ILE C 76 -16.24 -27.07 -7.94
CA ILE C 76 -15.54 -27.08 -6.65
C ILE C 76 -15.10 -25.67 -6.29
N ARG C 77 -15.44 -25.21 -5.07
CA ARG C 77 -15.07 -23.88 -4.63
C ARG C 77 -14.36 -23.92 -3.29
N PHE C 78 -13.69 -22.83 -2.94
CA PHE C 78 -13.03 -22.69 -1.65
C PHE C 78 -13.95 -21.84 -0.82
N VAL C 79 -14.15 -22.18 0.44
CA VAL C 79 -15.01 -21.41 1.32
C VAL C 79 -14.31 -20.12 1.73
N ASN C 80 -13.14 -20.25 2.36
CA ASN C 80 -12.38 -19.17 2.96
C ASN C 80 -11.38 -18.41 2.08
N VAL C 81 -11.83 -18.00 0.89
CA VAL C 81 -11.01 -17.21 -0.01
C VAL C 81 -11.57 -15.81 -0.14
N GLU C 82 -10.67 -14.83 -0.39
CA GLU C 82 -11.05 -13.44 -0.57
C GLU C 82 -11.89 -13.32 -1.86
N ASN C 83 -11.25 -13.70 -2.99
CA ASN C 83 -11.85 -13.75 -4.30
C ASN C 83 -11.72 -15.18 -4.81
N ALA C 84 -12.47 -15.53 -5.85
CA ALA C 84 -12.39 -16.83 -6.48
C ALA C 84 -10.96 -17.06 -6.93
N ARG C 85 -10.47 -18.31 -6.79
CA ARG C 85 -9.11 -18.71 -7.16
C ARG C 85 -8.81 -18.44 -8.66
N ASP C 86 -7.54 -18.13 -8.94
CA ASP C 86 -7.03 -17.94 -10.29
C ASP C 86 -6.59 -19.36 -10.65
N ALA C 87 -7.31 -20.03 -11.57
CA ALA C 87 -6.99 -21.41 -11.94
C ALA C 87 -6.72 -21.63 -13.41
N ASP C 88 -5.79 -22.54 -13.70
CA ASP C 88 -5.44 -22.97 -15.05
C ASP C 88 -5.46 -24.48 -15.06
N VAL C 89 -6.28 -25.07 -15.94
CA VAL C 89 -6.39 -26.53 -16.06
C VAL C 89 -5.08 -27.02 -16.70
N VAL C 90 -4.48 -28.05 -16.08
CA VAL C 90 -3.21 -28.65 -16.50
C VAL C 90 -3.49 -29.86 -17.37
N ASP C 91 -4.38 -30.76 -16.91
CA ASP C 91 -4.73 -31.97 -17.62
C ASP C 91 -6.08 -32.54 -17.19
N ILE C 92 -6.76 -33.23 -18.13
CA ILE C 92 -7.98 -34.00 -17.95
C ILE C 92 -7.75 -35.35 -18.65
N SER C 93 -7.78 -36.44 -17.87
CA SER C 93 -7.53 -37.80 -18.35
C SER C 93 -8.68 -38.74 -17.98
N VAL C 94 -9.17 -39.53 -18.94
CA VAL C 94 -10.25 -40.49 -18.72
C VAL C 94 -9.73 -41.91 -18.94
N SER C 95 -9.95 -42.78 -17.94
CA SER C 95 -9.56 -44.17 -17.99
C SER C 95 -10.72 -45.02 -18.64
N PRO C 96 -10.48 -46.28 -19.13
CA PRO C 96 -11.54 -47.03 -19.80
C PRO C 96 -12.87 -47.13 -19.07
N ASP C 97 -12.86 -47.34 -17.75
CA ASP C 97 -14.07 -47.45 -16.93
C ASP C 97 -14.81 -46.11 -16.74
N GLY C 98 -14.25 -45.03 -17.26
CA GLY C 98 -14.81 -43.68 -17.14
C GLY C 98 -14.35 -42.92 -15.91
N THR C 99 -13.19 -43.28 -15.33
CA THR C 99 -12.67 -42.54 -14.19
C THR C 99 -11.94 -41.30 -14.72
N VAL C 100 -12.44 -40.13 -14.31
CA VAL C 100 -11.88 -38.84 -14.74
C VAL C 100 -10.81 -38.39 -13.76
N GLN C 101 -9.68 -37.93 -14.30
CA GLN C 101 -8.58 -37.38 -13.53
C GLN C 101 -8.34 -35.95 -14.01
N TYR C 102 -8.72 -35.02 -13.15
CA TYR C 102 -8.64 -33.60 -13.38
C TYR C 102 -7.53 -33.02 -12.52
N LEU C 103 -6.75 -32.11 -13.13
CA LEU C 103 -5.66 -31.40 -12.46
C LEU C 103 -5.60 -29.96 -12.91
N GLU C 104 -5.60 -29.04 -11.93
CA GLU C 104 -5.45 -27.60 -12.16
C GLU C 104 -4.41 -27.04 -11.21
N ARG C 105 -3.74 -25.97 -11.65
CA ARG C 105 -2.83 -25.23 -10.80
C ARG C 105 -3.55 -23.93 -10.46
N PHE C 106 -3.64 -23.60 -9.18
CA PHE C 106 -4.34 -22.39 -8.77
C PHE C 106 -3.50 -21.55 -7.81
N SER C 107 -3.93 -20.31 -7.63
CA SER C 107 -3.38 -19.38 -6.67
C SER C 107 -4.58 -18.74 -5.99
N ALA C 108 -4.50 -18.54 -4.67
CA ALA C 108 -5.58 -17.91 -3.91
C ALA C 108 -5.09 -17.23 -2.65
N ARG C 109 -5.84 -16.22 -2.18
CA ARG C 109 -5.58 -15.52 -0.91
C ARG C 109 -6.64 -16.07 0.05
N VAL C 110 -6.17 -16.79 1.06
CA VAL C 110 -6.98 -17.52 2.03
C VAL C 110 -7.13 -16.77 3.36
N LEU C 111 -8.37 -16.68 3.86
CA LEU C 111 -8.75 -16.07 5.13
C LEU C 111 -8.69 -17.20 6.14
N SER C 112 -7.83 -17.08 7.14
CA SER C 112 -7.77 -18.13 8.15
C SER C 112 -7.42 -17.46 9.47
N PRO C 113 -8.36 -17.50 10.46
CA PRO C 113 -8.10 -16.86 11.75
C PRO C 113 -6.86 -17.39 12.49
N LEU C 114 -6.18 -16.46 13.19
CA LEU C 114 -4.97 -16.80 13.93
C LEU C 114 -5.18 -16.52 15.41
N ASP C 115 -4.62 -17.41 16.27
CA ASP C 115 -4.70 -17.26 17.73
C ASP C 115 -3.39 -16.63 18.19
N PHE C 116 -3.42 -15.34 18.58
CA PHE C 116 -2.23 -14.62 19.00
C PHE C 116 -1.88 -14.71 20.48
N ARG C 117 -2.67 -15.46 21.28
CA ARG C 117 -2.49 -15.63 22.73
C ARG C 117 -1.03 -15.85 23.20
N ARG C 118 -0.28 -16.67 22.47
CA ARG C 118 1.10 -17.00 22.83
C ARG C 118 2.19 -16.26 22.01
N TYR C 119 1.79 -15.26 21.19
CA TYR C 119 2.69 -14.48 20.34
C TYR C 119 3.90 -13.90 21.12
N PRO C 120 5.16 -13.95 20.60
CA PRO C 120 5.60 -14.53 19.32
C PRO C 120 5.98 -16.00 19.37
N PHE C 121 5.55 -16.74 20.42
CA PHE C 121 5.86 -18.17 20.60
C PHE C 121 4.63 -19.04 20.24
N ASP C 122 3.90 -18.60 19.22
CA ASP C 122 2.66 -19.22 18.79
C ASP C 122 2.81 -20.18 17.63
N SER C 123 1.84 -21.11 17.57
CA SER C 123 1.67 -22.09 16.51
C SER C 123 0.26 -21.91 15.98
N GLN C 124 0.06 -22.18 14.69
CA GLN C 124 -1.24 -22.00 14.07
C GLN C 124 -1.62 -23.17 13.22
N THR C 125 -2.92 -23.34 12.96
CA THR C 125 -3.47 -24.33 12.04
C THR C 125 -4.20 -23.53 10.99
N LEU C 126 -3.59 -23.35 9.83
CA LEU C 126 -4.24 -22.65 8.73
C LEU C 126 -5.20 -23.65 8.03
N HIS C 127 -6.37 -23.16 7.58
CA HIS C 127 -7.36 -24.02 6.90
C HIS C 127 -7.62 -23.57 5.49
N ILE C 128 -7.83 -24.56 4.63
CA ILE C 128 -8.24 -24.38 3.24
C ILE C 128 -9.48 -25.26 3.16
N TYR C 129 -10.68 -24.66 3.11
CA TYR C 129 -11.93 -25.41 3.03
C TYR C 129 -12.41 -25.58 1.61
N LEU C 130 -12.46 -26.82 1.13
CA LEU C 130 -12.95 -27.20 -0.20
C LEU C 130 -14.43 -27.49 -0.08
N ILE C 131 -15.21 -27.02 -1.03
CA ILE C 131 -16.66 -27.22 -1.01
C ILE C 131 -17.29 -27.53 -2.37
N VAL C 132 -18.38 -28.31 -2.34
CA VAL C 132 -19.20 -28.66 -3.50
C VAL C 132 -20.67 -28.60 -3.09
N ARG C 133 -21.48 -28.00 -3.97
CA ARG C 133 -22.92 -27.89 -3.82
C ARG C 133 -23.57 -28.93 -4.78
N SER C 134 -24.49 -29.75 -4.23
CA SER C 134 -25.21 -30.79 -4.96
C SER C 134 -26.14 -30.17 -6.01
N VAL C 135 -26.46 -30.98 -7.01
CA VAL C 135 -27.35 -30.61 -8.12
C VAL C 135 -28.72 -31.31 -7.95
N ASP C 136 -29.74 -30.87 -8.71
CA ASP C 136 -31.09 -31.46 -8.57
C ASP C 136 -31.08 -32.94 -8.96
N THR C 137 -30.35 -33.23 -10.04
CA THR C 137 -30.16 -34.59 -10.55
C THR C 137 -29.52 -35.52 -9.53
N ARG C 138 -28.43 -35.07 -8.84
CA ARG C 138 -27.78 -35.86 -7.77
C ARG C 138 -26.91 -35.13 -6.75
N ASN C 139 -26.72 -35.79 -5.59
CA ASN C 139 -25.90 -35.32 -4.49
C ASN C 139 -24.41 -35.60 -4.74
N ILE C 140 -23.57 -34.56 -4.54
CA ILE C 140 -22.12 -34.65 -4.72
C ILE C 140 -21.43 -34.53 -3.39
N VAL C 141 -20.59 -35.53 -3.09
CA VAL C 141 -19.88 -35.68 -1.83
C VAL C 141 -18.37 -35.67 -2.13
N LEU C 142 -17.57 -35.07 -1.23
CA LEU C 142 -16.13 -34.96 -1.40
C LEU C 142 -15.37 -36.00 -0.57
N ALA C 143 -14.22 -36.44 -1.10
CA ALA C 143 -13.34 -37.39 -0.45
C ALA C 143 -11.92 -36.94 -0.65
N VAL C 144 -11.03 -37.44 0.20
CA VAL C 144 -9.60 -37.11 0.13
C VAL C 144 -8.83 -38.29 -0.43
N ASP C 145 -8.06 -38.07 -1.51
CA ASP C 145 -7.13 -39.07 -2.03
C ASP C 145 -5.79 -38.67 -1.40
N LEU C 146 -5.40 -39.36 -0.30
CA LEU C 146 -4.18 -39.04 0.47
C LEU C 146 -2.90 -39.10 -0.35
N GLU C 147 -2.92 -39.89 -1.44
CA GLU C 147 -1.79 -40.03 -2.38
C GLU C 147 -1.58 -38.73 -3.16
N LYS C 148 -2.59 -37.84 -3.18
CA LYS C 148 -2.58 -36.57 -3.91
C LYS C 148 -2.61 -35.29 -3.03
N VAL C 149 -2.29 -35.46 -1.74
CA VAL C 149 -2.20 -34.39 -0.74
C VAL C 149 -0.74 -34.28 -0.37
N GLY C 150 -0.19 -33.08 -0.41
CA GLY C 150 1.19 -32.88 -0.06
C GLY C 150 1.68 -31.47 -0.28
N LYS C 151 3.00 -31.31 -0.25
CA LYS C 151 3.70 -30.04 -0.44
C LYS C 151 5.12 -30.26 -0.94
N ASN C 152 5.58 -29.32 -1.76
CA ASN C 152 6.93 -29.28 -2.31
C ASN C 152 7.90 -29.07 -1.12
N ASP C 153 9.09 -29.71 -1.16
CA ASP C 153 10.12 -29.66 -0.11
C ASP C 153 10.63 -28.22 0.13
N ASP C 154 10.70 -27.42 -0.96
CA ASP C 154 11.15 -26.02 -1.00
C ASP C 154 10.10 -25.02 -0.48
N VAL C 155 8.87 -25.47 -0.12
CA VAL C 155 7.79 -24.60 0.40
C VAL C 155 8.30 -23.97 1.70
N PHE C 156 8.42 -22.64 1.68
CA PHE C 156 8.89 -21.85 2.80
C PHE C 156 7.93 -20.69 3.04
N LEU C 157 7.57 -20.47 4.30
CA LEU C 157 6.71 -19.35 4.64
C LEU C 157 7.57 -18.48 5.54
N THR C 158 8.10 -17.38 4.99
CA THR C 158 9.00 -16.45 5.69
C THR C 158 8.50 -16.16 7.10
N GLY C 159 9.37 -16.43 8.08
CA GLY C 159 9.09 -16.23 9.50
C GLY C 159 8.33 -17.33 10.20
N TRP C 160 8.10 -18.43 9.49
CA TRP C 160 7.38 -19.60 10.02
C TRP C 160 8.06 -20.89 9.64
N ASP C 161 7.80 -21.94 10.44
CA ASP C 161 8.23 -23.31 10.18
C ASP C 161 6.97 -24.05 9.80
N ILE C 162 7.02 -24.81 8.71
CA ILE C 162 5.87 -25.56 8.25
C ILE C 162 6.00 -26.96 8.87
N GLU C 163 4.99 -27.37 9.67
CA GLU C 163 5.02 -28.68 10.32
C GLU C 163 4.40 -29.76 9.48
N SER C 164 3.12 -29.59 9.11
CA SER C 164 2.39 -30.59 8.35
C SER C 164 1.30 -29.97 7.50
N PHE C 165 0.91 -30.70 6.46
CA PHE C 165 -0.20 -30.38 5.58
C PHE C 165 -0.96 -31.65 5.41
N THR C 166 -2.10 -31.74 6.10
CA THR C 166 -2.96 -32.92 6.13
C THR C 166 -4.41 -32.52 5.87
N ALA C 167 -5.26 -33.49 5.56
CA ALA C 167 -6.68 -33.25 5.33
C ALA C 167 -7.48 -34.10 6.27
N VAL C 168 -8.57 -33.54 6.80
CA VAL C 168 -9.53 -34.25 7.64
C VAL C 168 -10.35 -35.01 6.57
N VAL C 169 -10.15 -36.35 6.51
CA VAL C 169 -10.71 -37.29 5.52
C VAL C 169 -12.23 -37.34 5.45
N LYS C 170 -12.91 -37.14 6.59
CA LYS C 170 -14.37 -37.15 6.67
C LYS C 170 -14.93 -35.75 6.36
N PRO C 171 -15.69 -35.58 5.25
CA PRO C 171 -16.23 -34.26 4.94
C PRO C 171 -17.36 -33.86 5.87
N ALA C 172 -17.63 -32.55 5.95
CA ALA C 172 -18.72 -32.03 6.74
C ALA C 172 -19.86 -31.83 5.73
N ASN C 173 -20.85 -32.76 5.75
CA ASN C 173 -22.01 -32.74 4.86
C ASN C 173 -23.16 -32.06 5.60
N PHE C 174 -23.76 -31.05 4.96
CA PHE C 174 -24.81 -30.24 5.59
C PHE C 174 -25.69 -29.60 4.53
N ALA C 175 -26.89 -29.18 4.94
CA ALA C 175 -27.83 -28.53 4.05
C ALA C 175 -27.66 -27.04 4.17
N LEU C 176 -27.64 -26.38 3.04
CA LEU C 176 -27.53 -24.94 2.98
C LEU C 176 -28.42 -24.49 1.84
N GLU C 177 -29.40 -23.60 2.14
CA GLU C 177 -30.36 -23.08 1.15
CA GLU C 177 -30.39 -23.09 1.19
C GLU C 177 -31.02 -24.20 0.33
N ASP C 178 -31.51 -25.23 1.04
CA ASP C 178 -32.25 -26.38 0.51
C ASP C 178 -31.52 -27.24 -0.53
N ARG C 179 -30.21 -27.43 -0.35
CA ARG C 179 -29.37 -28.34 -1.16
C ARG C 179 -28.24 -28.81 -0.29
N LEU C 180 -27.70 -29.99 -0.61
CA LEU C 180 -26.60 -30.51 0.17
C LEU C 180 -25.28 -29.84 -0.23
N GLU C 181 -24.43 -29.66 0.78
CA GLU C 181 -23.12 -29.10 0.64
C GLU C 181 -22.13 -30.08 1.31
N SER C 182 -21.00 -30.37 0.63
CA SER C 182 -19.96 -31.28 1.11
C SER C 182 -18.64 -30.50 1.26
N LYS C 183 -18.18 -30.33 2.52
CA LYS C 183 -17.01 -29.52 2.85
C LYS C 183 -15.83 -30.33 3.40
N LEU C 184 -14.63 -30.14 2.83
CA LEU C 184 -13.40 -30.76 3.30
C LEU C 184 -12.48 -29.73 3.95
N ASP C 185 -11.79 -30.12 5.05
CA ASP C 185 -10.88 -29.26 5.79
C ASP C 185 -9.43 -29.69 5.60
N TYR C 186 -8.67 -28.93 4.80
CA TYR C 186 -7.23 -29.09 4.57
C TYR C 186 -6.52 -28.22 5.60
N GLN C 187 -5.63 -28.82 6.40
CA GLN C 187 -4.94 -28.13 7.50
C GLN C 187 -3.45 -28.00 7.34
N LEU C 188 -2.96 -26.76 7.37
CA LEU C 188 -1.53 -26.46 7.27
C LEU C 188 -1.05 -26.00 8.65
N ARG C 189 -0.32 -26.88 9.37
CA ARG C 189 0.19 -26.58 10.71
C ARG C 189 1.54 -25.89 10.64
N ILE C 190 1.62 -24.69 11.25
CA ILE C 190 2.81 -23.86 11.24
C ILE C 190 3.17 -23.39 12.64
N SER C 191 4.44 -23.10 12.87
CA SER C 191 4.92 -22.56 14.13
C SER C 191 5.83 -21.38 13.84
N ARG C 192 5.58 -20.31 14.57
CA ARG C 192 6.32 -19.09 14.39
C ARG C 192 7.77 -19.19 14.83
N GLN C 193 8.66 -18.61 13.99
CA GLN C 193 10.08 -18.50 14.24
C GLN C 193 10.24 -17.26 15.09
N TYR C 194 10.27 -17.46 16.42
CA TYR C 194 10.38 -16.40 17.43
C TYR C 194 11.77 -15.79 17.56
N PHE C 195 12.83 -16.46 17.02
CA PHE C 195 14.23 -16.02 17.11
C PHE C 195 14.46 -14.53 17.07
N SER C 196 14.11 -13.86 15.95
CA SER C 196 14.37 -12.43 15.74
C SER C 196 13.75 -11.49 16.76
N TYR C 197 12.64 -11.90 17.41
CA TYR C 197 11.96 -11.10 18.43
C TYR C 197 12.83 -10.87 19.65
N ILE C 198 13.74 -11.83 19.94
CA ILE C 198 14.68 -11.76 21.06
C ILE C 198 15.67 -10.59 20.91
N PRO C 199 16.56 -10.51 19.87
CA PRO C 199 17.46 -9.35 19.79
C PRO C 199 16.80 -8.02 19.35
N ASN C 200 15.62 -8.11 18.67
CA ASN C 200 14.98 -6.89 18.15
C ASN C 200 13.99 -6.18 19.03
N ILE C 201 13.22 -6.94 19.83
CA ILE C 201 12.18 -6.37 20.69
C ILE C 201 12.37 -6.74 22.16
N ILE C 202 12.43 -8.04 22.50
CA ILE C 202 12.54 -8.51 23.89
C ILE C 202 13.73 -7.96 24.67
N LEU C 203 14.95 -8.23 24.22
CA LEU C 203 16.15 -7.75 24.90
C LEU C 203 16.26 -6.23 24.94
N PRO C 204 16.06 -5.47 23.82
CA PRO C 204 16.06 -4.00 23.93
C PRO C 204 15.08 -3.45 24.97
N MET C 205 13.89 -4.05 25.05
CA MET C 205 12.85 -3.69 26.00
C MET C 205 13.28 -3.98 27.44
N LEU C 206 14.02 -5.08 27.68
CA LEU C 206 14.54 -5.44 29.01
C LEU C 206 15.67 -4.50 29.41
N PHE C 207 16.61 -4.19 28.47
CA PHE C 207 17.72 -3.27 28.70
C PHE C 207 17.25 -1.90 29.16
N ILE C 208 16.25 -1.31 28.47
CA ILE C 208 15.75 0.01 28.87
C ILE C 208 15.09 -0.02 30.24
N LEU C 209 14.40 -1.13 30.57
CA LEU C 209 13.76 -1.32 31.87
C LEU C 209 14.82 -1.38 32.99
N PHE C 210 15.89 -2.17 32.79
CA PHE C 210 17.01 -2.30 33.73
C PHE C 210 17.72 -0.97 33.90
N ILE C 211 17.82 -0.17 32.82
CA ILE C 211 18.40 1.17 32.85
C ILE C 211 17.55 2.06 33.75
N SER C 212 16.21 1.92 33.72
CA SER C 212 15.38 2.73 34.61
C SER C 212 15.68 2.44 36.09
N TRP C 213 16.09 1.18 36.41
CA TRP C 213 16.41 0.71 37.77
C TRP C 213 17.73 1.23 38.36
N THR C 214 18.57 1.88 37.52
CA THR C 214 19.81 2.49 37.99
C THR C 214 19.45 3.71 38.86
N ALA C 215 18.21 4.25 38.73
CA ALA C 215 17.70 5.35 39.55
C ALA C 215 17.65 4.95 41.05
N PHE C 216 17.71 3.62 41.34
CA PHE C 216 17.72 3.12 42.73
C PHE C 216 19.12 3.21 43.38
N TRP C 217 20.13 3.65 42.61
CA TRP C 217 21.49 3.87 43.06
C TRP C 217 21.89 5.33 42.83
N SER C 218 20.88 6.21 42.74
CA SER C 218 21.06 7.64 42.54
C SER C 218 20.16 8.43 43.45
N THR C 219 20.71 9.51 44.02
CA THR C 219 20.03 10.45 44.92
C THR C 219 19.63 11.72 44.15
N SER C 220 20.12 11.87 42.90
CA SER C 220 19.83 12.99 42.03
C SER C 220 18.44 12.85 41.43
N TYR C 221 17.46 13.61 41.94
CA TYR C 221 16.07 13.59 41.47
C TYR C 221 15.95 13.93 39.98
N GLU C 222 16.64 14.99 39.55
CA GLU C 222 16.64 15.49 38.18
C GLU C 222 17.16 14.42 37.19
N ALA C 223 18.22 13.67 37.57
CA ALA C 223 18.79 12.59 36.77
C ALA C 223 17.84 11.37 36.77
N ASN C 224 17.24 11.08 37.92
CA ASN C 224 16.29 10.01 38.10
C ASN C 224 15.07 10.20 37.22
N VAL C 225 14.50 11.41 37.21
CA VAL C 225 13.34 11.77 36.40
C VAL C 225 13.68 11.56 34.93
N THR C 226 14.88 11.97 34.50
CA THR C 226 15.40 11.78 33.15
C THR C 226 15.54 10.29 32.83
N LEU C 227 16.10 9.48 33.74
CA LEU C 227 16.24 8.04 33.52
C LEU C 227 14.90 7.35 33.33
N VAL C 228 13.93 7.58 34.25
CA VAL C 228 12.64 6.88 34.24
C VAL C 228 11.70 7.32 33.11
N VAL C 229 11.65 8.62 32.84
CA VAL C 229 10.77 9.17 31.82
C VAL C 229 11.27 8.88 30.42
N SER C 230 12.59 9.01 30.18
CA SER C 230 13.19 8.72 28.88
C SER C 230 13.03 7.27 28.49
N THR C 231 13.32 6.34 29.41
CA THR C 231 13.17 4.90 29.17
C THR C 231 11.71 4.53 28.98
N LEU C 232 10.77 5.21 29.68
CA LEU C 232 9.33 4.96 29.54
C LEU C 232 8.88 5.29 28.11
N ILE C 233 9.40 6.39 27.56
CA ILE C 233 9.11 6.85 26.19
C ILE C 233 9.60 5.82 25.17
N ALA C 234 10.81 5.27 25.40
CA ALA C 234 11.38 4.21 24.58
C ALA C 234 10.50 2.96 24.67
N HIS C 235 9.91 2.68 25.87
CA HIS C 235 9.00 1.55 26.07
C HIS C 235 7.72 1.75 25.28
N ILE C 236 7.22 3.01 25.21
CA ILE C 236 6.02 3.37 24.45
C ILE C 236 6.28 3.08 22.97
N ALA C 237 7.48 3.48 22.46
CA ALA C 237 7.92 3.24 21.08
C ALA C 237 7.88 1.75 20.75
N PHE C 238 8.36 0.88 21.65
CA PHE C 238 8.32 -0.57 21.46
C PHE C 238 6.90 -1.09 21.48
N ASN C 239 6.04 -0.56 22.39
CA ASN C 239 4.63 -0.94 22.50
C ASN C 239 3.94 -0.64 21.15
N ILE C 240 4.16 0.57 20.60
CA ILE C 240 3.59 1.00 19.33
C ILE C 240 4.10 0.10 18.20
N LEU C 241 5.42 -0.17 18.16
CA LEU C 241 6.03 -1.03 17.15
C LEU C 241 5.39 -2.43 17.13
N VAL C 242 5.24 -3.03 18.32
CA VAL C 242 4.64 -4.36 18.47
C VAL C 242 3.18 -4.38 17.97
N GLU C 243 2.36 -3.40 18.41
CA GLU C 243 0.95 -3.33 18.04
C GLU C 243 0.70 -3.09 16.54
N THR C 244 1.69 -2.52 15.79
CA THR C 244 1.59 -2.32 14.34
C THR C 244 1.71 -3.67 13.59
N ASN C 245 2.41 -4.66 14.15
CA ASN C 245 2.59 -5.97 13.53
C ASN C 245 1.43 -6.92 13.88
N LEU C 246 0.48 -6.48 14.72
CA LEU C 246 -0.62 -7.32 15.19
C LEU C 246 -2.00 -6.74 15.00
N PRO C 247 -3.03 -7.59 14.78
CA PRO C 247 -4.40 -7.07 14.75
C PRO C 247 -4.90 -6.85 16.18
N LYS C 248 -6.02 -6.13 16.30
CA LYS C 248 -6.65 -5.87 17.59
C LYS C 248 -7.36 -7.15 18.00
N THR C 249 -7.03 -7.67 19.20
CA THR C 249 -7.58 -8.93 19.71
C THR C 249 -8.53 -8.71 20.91
N PRO C 250 -9.63 -9.48 21.02
CA PRO C 250 -10.50 -9.33 22.20
C PRO C 250 -9.93 -10.06 23.44
N TYR C 251 -8.62 -10.31 23.44
CA TYR C 251 -7.91 -11.03 24.50
C TYR C 251 -6.51 -10.49 24.60
N MET C 252 -5.81 -10.82 25.70
CA MET C 252 -4.42 -10.40 25.91
C MET C 252 -3.50 -11.41 25.24
N THR C 253 -2.46 -10.93 24.56
CA THR C 253 -1.42 -11.79 24.01
C THR C 253 -0.32 -11.82 25.06
N TYR C 254 0.58 -12.80 24.97
CA TYR C 254 1.67 -12.96 25.91
C TYR C 254 2.58 -11.71 25.97
N THR C 255 2.99 -11.21 24.80
CA THR C 255 3.80 -10.00 24.60
C THR C 255 3.05 -8.77 25.07
N GLY C 256 1.77 -8.71 24.78
CA GLY C 256 0.91 -7.61 25.20
C GLY C 256 0.82 -7.50 26.70
N ALA C 257 0.74 -8.66 27.39
CA ALA C 257 0.70 -8.80 28.85
C ALA C 257 1.98 -8.28 29.48
N ILE C 258 3.16 -8.73 28.98
CA ILE C 258 4.47 -8.29 29.43
C ILE C 258 4.62 -6.78 29.21
N ILE C 259 4.32 -6.30 27.98
CA ILE C 259 4.39 -4.88 27.62
C ILE C 259 3.56 -4.05 28.58
N PHE C 260 2.30 -4.49 28.84
CA PHE C 260 1.39 -3.79 29.76
C PHE C 260 1.92 -3.74 31.19
N MET C 261 2.43 -4.89 31.68
CA MET C 261 2.98 -5.03 33.02
C MET C 261 4.17 -4.09 33.24
N ILE C 262 5.07 -3.98 32.24
CA ILE C 262 6.24 -3.11 32.30
C ILE C 262 5.85 -1.65 32.58
N TYR C 263 4.67 -1.18 32.11
CA TYR C 263 4.17 0.16 32.42
C TYR C 263 3.98 0.33 33.92
N LEU C 264 3.48 -0.71 34.62
CA LEU C 264 3.24 -0.69 36.06
C LEU C 264 4.57 -0.50 36.79
N PHE C 265 5.63 -1.18 36.32
CA PHE C 265 6.99 -1.06 36.85
C PHE C 265 7.54 0.34 36.66
N TYR C 266 7.24 1.01 35.52
CA TYR C 266 7.68 2.39 35.28
C TYR C 266 6.91 3.33 36.18
N PHE C 267 5.61 3.08 36.36
CA PHE C 267 4.73 3.88 37.19
C PHE C 267 5.19 3.85 38.65
N VAL C 268 5.46 2.65 39.19
CA VAL C 268 5.93 2.48 40.56
C VAL C 268 7.35 3.08 40.75
N ALA C 269 8.23 2.96 39.72
CA ALA C 269 9.57 3.55 39.76
C ALA C 269 9.50 5.07 39.85
N VAL C 270 8.53 5.71 39.16
CA VAL C 270 8.30 7.16 39.25
C VAL C 270 7.84 7.51 40.69
N ILE C 271 6.92 6.71 41.27
CA ILE C 271 6.45 6.94 42.64
C ILE C 271 7.66 6.91 43.57
N GLU C 272 8.49 5.85 43.47
CA GLU C 272 9.69 5.69 44.29
C GLU C 272 10.64 6.89 44.19
N VAL C 273 10.95 7.32 42.95
CA VAL C 273 11.84 8.47 42.70
C VAL C 273 11.27 9.77 43.34
N THR C 274 9.92 9.91 43.30
CA THR C 274 9.17 11.05 43.85
C THR C 274 9.25 11.03 45.37
N VAL C 275 8.93 9.85 45.96
CA VAL C 275 8.93 9.59 47.40
C VAL C 275 10.32 9.88 47.97
N GLN C 276 11.37 9.34 47.32
CA GLN C 276 12.76 9.56 47.69
C GLN C 276 13.10 11.06 47.74
N HIS C 277 12.78 11.82 46.69
CA HIS C 277 13.04 13.25 46.62
C HIS C 277 12.28 14.01 47.70
N TYR C 278 10.99 13.68 47.87
CA TYR C 278 10.11 14.33 48.85
C TYR C 278 10.67 14.23 50.27
N LEU C 279 11.13 13.03 50.67
CA LEU C 279 11.71 12.76 52.00
C LEU C 279 13.01 13.51 52.21
N LYS C 280 13.89 13.53 51.17
CA LYS C 280 15.15 14.25 51.24
CA LYS C 280 15.17 14.26 51.16
C LYS C 280 14.93 15.76 51.41
N VAL C 281 13.89 16.32 50.77
CA VAL C 281 13.53 17.74 50.90
C VAL C 281 12.99 18.05 52.33
N GLU C 282 12.29 17.05 52.92
CA GLU C 282 11.66 17.07 54.25
C GLU C 282 12.66 16.70 55.36
N SER C 283 13.94 16.62 55.00
CA SER C 283 15.04 16.26 55.88
C SER C 283 14.85 14.90 56.56
N GLN C 284 14.37 13.91 55.78
CA GLN C 284 14.20 12.52 56.23
C GLN C 284 14.97 11.56 55.29
N PRO C 285 16.28 11.79 55.01
CA PRO C 285 16.98 10.90 54.06
C PRO C 285 17.22 9.47 54.51
N ALA C 286 17.22 9.22 55.83
CA ALA C 286 17.48 7.89 56.37
C ALA C 286 16.40 6.96 55.94
N ARG C 287 15.27 7.54 55.82
CA ARG C 287 14.10 6.84 55.45
C ARG C 287 14.08 6.69 53.96
N ALA C 288 14.21 7.75 53.22
CA ALA C 288 14.32 7.62 51.79
C ALA C 288 15.34 6.52 51.44
N ALA C 289 16.44 6.41 52.21
CA ALA C 289 17.47 5.39 52.00
C ALA C 289 16.95 3.96 52.16
N SER C 290 16.04 3.75 53.14
CA SER C 290 15.41 2.46 53.42
C SER C 290 14.53 2.04 52.24
N ILE C 291 13.69 2.98 51.72
CA ILE C 291 12.81 2.75 50.57
C ILE C 291 13.63 2.43 49.31
N THR C 292 14.70 3.21 49.04
CA THR C 292 15.58 3.03 47.87
C THR C 292 16.29 1.70 47.90
N ARG C 293 16.81 1.30 49.06
CA ARG C 293 17.53 0.03 49.25
C ARG C 293 16.59 -1.16 49.06
N ALA C 294 15.35 -1.04 49.58
CA ALA C 294 14.33 -2.08 49.44
C ALA C 294 13.95 -2.25 47.97
N SER C 295 13.81 -1.10 47.25
CA SER C 295 13.48 -1.03 45.82
C SER C 295 14.49 -1.76 44.96
N ARG C 296 15.79 -1.68 45.31
CA ARG C 296 16.87 -2.37 44.59
C ARG C 296 16.65 -3.87 44.52
N ILE C 297 16.03 -4.46 45.56
CA ILE C 297 15.73 -5.89 45.61
C ILE C 297 14.32 -6.16 45.09
N ALA C 298 13.32 -5.42 45.62
CA ALA C 298 11.91 -5.57 45.28
C ALA C 298 11.61 -5.53 43.76
N PHE C 299 12.09 -4.48 43.04
CA PHE C 299 11.88 -4.35 41.59
C PHE C 299 12.32 -5.57 40.76
N PRO C 300 13.60 -6.03 40.82
CA PRO C 300 13.96 -7.24 40.06
C PRO C 300 13.24 -8.51 40.52
N VAL C 301 12.99 -8.65 41.84
CA VAL C 301 12.31 -9.83 42.42
C VAL C 301 10.85 -9.93 41.93
N VAL C 302 10.07 -8.83 42.11
CA VAL C 302 8.67 -8.76 41.68
C VAL C 302 8.62 -8.93 40.14
N PHE C 303 9.62 -8.39 39.40
CA PHE C 303 9.67 -8.55 37.95
C PHE C 303 9.80 -10.00 37.52
N LEU C 304 10.68 -10.75 38.19
CA LEU C 304 10.94 -12.17 37.93
C LEU C 304 9.72 -13.01 38.27
N LEU C 305 9.13 -12.80 39.47
CA LEU C 305 7.96 -13.55 39.90
C LEU C 305 6.73 -13.30 39.03
N ALA C 306 6.51 -12.03 38.62
CA ALA C 306 5.39 -11.65 37.76
C ALA C 306 5.52 -12.31 36.38
N ASN C 307 6.77 -12.42 35.88
CA ASN C 307 7.06 -13.07 34.61
C ASN C 307 6.85 -14.59 34.67
N ILE C 308 7.22 -15.22 35.81
CA ILE C 308 7.00 -16.65 36.04
C ILE C 308 5.48 -16.89 36.05
N ILE C 309 4.71 -16.04 36.78
CA ILE C 309 3.24 -16.14 36.84
C ILE C 309 2.64 -16.03 35.43
N LEU C 310 3.04 -15.00 34.66
CA LEU C 310 2.55 -14.78 33.30
C LEU C 310 2.87 -15.94 32.35
N ALA C 311 4.12 -16.45 32.37
CA ALA C 311 4.54 -17.56 31.53
C ALA C 311 3.73 -18.81 31.87
N PHE C 312 3.42 -19.00 33.17
CA PHE C 312 2.61 -20.09 33.65
C PHE C 312 1.19 -19.98 33.11
N LEU C 313 0.56 -18.79 33.23
CA LEU C 313 -0.81 -18.58 32.75
C LEU C 313 -0.95 -18.76 31.24
N PHE C 314 0.09 -18.38 30.49
CA PHE C 314 0.06 -18.46 29.02
C PHE C 314 0.58 -19.75 28.39
N PHE C 315 1.46 -20.52 29.08
CA PHE C 315 2.02 -21.74 28.48
C PHE C 315 1.84 -23.06 29.27
N VAL D 5 -6.06 -30.79 -30.57
CA VAL D 5 -4.62 -30.98 -30.70
C VAL D 5 -4.05 -31.93 -29.64
N SER D 6 -3.04 -32.73 -30.03
CA SER D 6 -2.38 -33.71 -29.17
C SER D 6 -0.85 -33.59 -29.29
N PRO D 7 -0.03 -34.13 -28.36
CA PRO D 7 1.43 -33.97 -28.49
C PRO D 7 2.05 -34.65 -29.71
N PRO D 8 3.21 -34.14 -30.22
CA PRO D 8 3.83 -34.78 -31.39
C PRO D 8 4.18 -36.24 -31.12
N PRO D 9 3.89 -37.16 -32.06
CA PRO D 9 4.17 -38.58 -31.80
C PRO D 9 5.66 -38.92 -31.88
N PRO D 10 6.13 -39.86 -31.02
CA PRO D 10 7.56 -40.21 -31.06
C PRO D 10 7.91 -41.09 -32.24
N ILE D 11 9.06 -40.80 -32.91
CA ILE D 11 9.54 -41.64 -34.03
C ILE D 11 9.86 -43.06 -33.53
N ALA D 12 10.51 -43.16 -32.35
CA ALA D 12 10.92 -44.41 -31.69
C ALA D 12 10.20 -44.59 -30.32
N ASP D 13 10.83 -44.12 -29.22
CA ASP D 13 10.27 -44.09 -27.86
C ASP D 13 10.80 -42.88 -27.03
N GLU D 14 11.54 -42.00 -27.68
CA GLU D 14 12.17 -40.86 -27.07
C GLU D 14 11.24 -39.82 -26.42
N PRO D 15 11.75 -39.10 -25.44
CA PRO D 15 10.92 -38.05 -24.88
C PRO D 15 10.93 -36.83 -25.80
N LEU D 16 9.90 -35.99 -25.71
CA LEU D 16 9.90 -34.77 -26.51
C LEU D 16 10.74 -33.70 -25.81
N THR D 17 11.79 -33.22 -26.52
CA THR D 17 12.68 -32.20 -26.00
C THR D 17 12.15 -30.84 -26.40
N VAL D 18 11.91 -30.00 -25.39
CA VAL D 18 11.49 -28.62 -25.58
C VAL D 18 12.70 -27.78 -25.18
N ASN D 19 13.29 -27.12 -26.17
CA ASN D 19 14.43 -26.24 -25.94
C ASN D 19 13.89 -24.91 -25.47
N THR D 20 14.52 -24.36 -24.41
CA THR D 20 14.08 -23.11 -23.82
C THR D 20 15.18 -22.07 -23.78
N GLY D 21 14.75 -20.83 -23.60
CA GLY D 21 15.59 -19.66 -23.43
C GLY D 21 14.80 -18.54 -22.77
N ILE D 22 15.47 -17.74 -21.93
CA ILE D 22 14.88 -16.59 -21.28
C ILE D 22 15.80 -15.43 -21.56
N TYR D 23 15.28 -14.35 -22.13
CA TYR D 23 16.04 -13.15 -22.39
C TYR D 23 15.41 -12.02 -21.58
N LEU D 24 16.12 -11.53 -20.53
CA LEU D 24 15.62 -10.48 -19.65
C LEU D 24 15.62 -9.13 -20.31
N ILE D 25 14.44 -8.48 -20.28
CA ILE D 25 14.22 -7.15 -20.84
C ILE D 25 14.26 -6.14 -19.68
N GLU D 26 13.53 -6.46 -18.58
CA GLU D 26 13.47 -5.62 -17.40
CA GLU D 26 13.47 -5.64 -17.39
C GLU D 26 13.49 -6.45 -16.11
N CYS D 27 14.14 -5.91 -15.10
CA CYS D 27 14.27 -6.41 -13.74
C CYS D 27 13.97 -5.24 -12.88
N TYR D 28 13.01 -5.40 -11.99
CA TYR D 28 12.59 -4.33 -11.09
C TYR D 28 11.97 -4.90 -9.83
N SER D 29 11.74 -4.02 -8.86
CA SER D 29 11.09 -4.32 -7.61
C SER D 29 11.60 -5.51 -6.82
N LEU D 30 12.93 -5.53 -6.53
CA LEU D 30 13.42 -6.58 -5.64
C LEU D 30 13.01 -6.11 -4.23
N ASP D 31 12.01 -6.78 -3.68
CA ASP D 31 11.42 -6.52 -2.38
C ASP D 31 12.07 -7.49 -1.38
N ASP D 32 12.94 -6.98 -0.49
CA ASP D 32 13.66 -7.77 0.53
C ASP D 32 12.72 -8.41 1.53
N LYS D 33 11.73 -7.64 2.06
CA LYS D 33 10.77 -8.15 3.03
C LYS D 33 9.93 -9.29 2.45
N ALA D 34 9.41 -9.10 1.21
CA ALA D 34 8.60 -10.09 0.51
C ALA D 34 9.38 -11.23 -0.14
N GLU D 35 10.71 -11.02 -0.37
CA GLU D 35 11.62 -11.96 -1.03
C GLU D 35 11.15 -12.26 -2.45
N THR D 36 10.73 -11.20 -3.15
CA THR D 36 10.22 -11.25 -4.52
C THR D 36 10.94 -10.24 -5.39
N PHE D 37 10.81 -10.41 -6.71
CA PHE D 37 11.33 -9.51 -7.73
C PHE D 37 10.43 -9.63 -8.93
N LYS D 38 10.30 -8.55 -9.68
CA LYS D 38 9.47 -8.58 -10.88
C LYS D 38 10.38 -8.70 -12.09
N VAL D 39 9.92 -9.42 -13.10
CA VAL D 39 10.69 -9.66 -14.31
C VAL D 39 9.81 -9.48 -15.54
N ASN D 40 10.41 -8.93 -16.59
CA ASN D 40 9.80 -8.76 -17.89
C ASN D 40 10.83 -9.33 -18.87
N ALA D 41 10.45 -10.41 -19.57
CA ALA D 41 11.38 -11.12 -20.42
C ALA D 41 10.76 -11.80 -21.61
N PHE D 42 11.64 -12.29 -22.50
CA PHE D 42 11.26 -13.10 -23.63
C PHE D 42 11.43 -14.52 -23.18
N LEU D 43 10.45 -15.39 -23.49
CA LEU D 43 10.55 -16.82 -23.27
C LEU D 43 10.51 -17.44 -24.67
N SER D 44 11.58 -18.16 -25.03
CA SER D 44 11.62 -18.82 -26.32
C SER D 44 11.49 -20.34 -26.12
N LEU D 45 10.71 -21.00 -27.00
CA LEU D 45 10.49 -22.45 -26.95
C LEU D 45 10.71 -23.04 -28.34
N SER D 46 11.28 -24.24 -28.40
CA SER D 46 11.56 -24.96 -29.64
C SER D 46 11.44 -26.45 -29.47
N TRP D 47 10.72 -27.09 -30.40
CA TRP D 47 10.48 -28.54 -30.41
C TRP D 47 10.15 -29.00 -31.83
N LYS D 48 10.28 -30.30 -32.11
CA LYS D 48 9.97 -30.84 -33.43
C LYS D 48 8.56 -31.44 -33.45
N ASP D 49 7.75 -31.00 -34.41
CA ASP D 49 6.42 -31.55 -34.65
C ASP D 49 6.40 -32.00 -36.11
N ARG D 50 6.58 -33.32 -36.33
CA ARG D 50 6.62 -33.91 -37.66
C ARG D 50 5.33 -33.64 -38.46
N ARG D 51 4.16 -33.70 -37.79
CA ARG D 51 2.84 -33.43 -38.38
C ARG D 51 2.71 -32.06 -39.10
N LEU D 52 3.60 -31.10 -38.76
CA LEU D 52 3.60 -29.75 -39.34
C LEU D 52 4.65 -29.57 -40.44
N ALA D 53 5.46 -30.63 -40.73
CA ALA D 53 6.49 -30.63 -41.77
C ALA D 53 5.92 -30.38 -43.16
N PHE D 54 6.72 -29.75 -44.04
CA PHE D 54 6.33 -29.38 -45.40
C PHE D 54 7.53 -29.37 -46.37
N ASP D 55 7.24 -29.43 -47.69
CA ASP D 55 8.25 -29.34 -48.73
C ASP D 55 8.33 -27.89 -49.17
N PRO D 56 9.54 -27.26 -49.15
CA PRO D 56 9.64 -25.84 -49.53
C PRO D 56 9.23 -25.51 -50.97
N VAL D 57 9.57 -26.40 -51.94
CA VAL D 57 9.30 -26.25 -53.38
C VAL D 57 7.80 -26.15 -53.70
N ARG D 58 7.01 -27.19 -53.35
CA ARG D 58 5.55 -27.21 -53.60
C ARG D 58 4.75 -26.21 -52.77
N SER D 59 5.32 -25.72 -51.67
CA SER D 59 4.70 -24.74 -50.78
C SER D 59 5.02 -23.30 -51.22
N GLY D 60 6.25 -23.09 -51.70
CA GLY D 60 6.72 -21.77 -52.14
C GLY D 60 7.17 -20.89 -50.99
N VAL D 61 7.13 -21.46 -49.77
CA VAL D 61 7.49 -20.82 -48.50
C VAL D 61 8.59 -21.60 -47.78
N ARG D 62 9.58 -20.88 -47.26
CA ARG D 62 10.73 -21.43 -46.51
C ARG D 62 10.40 -21.60 -45.01
N VAL D 63 9.34 -20.90 -44.55
CA VAL D 63 8.85 -20.85 -43.18
C VAL D 63 7.32 -20.69 -43.18
N LYS D 64 6.65 -21.26 -42.16
CA LYS D 64 5.21 -21.15 -42.03
C LYS D 64 4.84 -20.60 -40.65
N THR D 65 3.98 -19.57 -40.62
CA THR D 65 3.50 -18.94 -39.40
C THR D 65 2.14 -19.51 -39.01
N TYR D 66 1.93 -19.78 -37.71
CA TYR D 66 0.68 -20.32 -37.16
C TYR D 66 0.22 -19.51 -35.96
N GLU D 67 -1.08 -19.60 -35.66
CA GLU D 67 -1.70 -18.97 -34.50
C GLU D 67 -1.61 -20.01 -33.37
N PRO D 68 -1.39 -19.59 -32.09
CA PRO D 68 -1.24 -20.60 -31.02
C PRO D 68 -2.29 -21.72 -30.95
N GLU D 69 -3.56 -21.39 -31.24
CA GLU D 69 -4.69 -22.31 -31.23
C GLU D 69 -4.63 -23.34 -32.35
N ALA D 70 -4.03 -22.98 -33.49
CA ALA D 70 -3.88 -23.87 -34.67
C ALA D 70 -3.00 -25.08 -34.43
N ILE D 71 -1.96 -24.96 -33.58
CA ILE D 71 -1.01 -26.04 -33.33
C ILE D 71 -0.87 -26.45 -31.86
N TRP D 72 -0.19 -27.59 -31.62
CA TRP D 72 0.09 -28.07 -30.27
C TRP D 72 1.28 -27.27 -29.72
N ILE D 73 1.11 -26.73 -28.51
CA ILE D 73 2.13 -25.97 -27.79
C ILE D 73 2.31 -26.56 -26.38
N PRO D 74 3.57 -26.83 -25.95
CA PRO D 74 3.78 -27.40 -24.60
C PRO D 74 3.33 -26.44 -23.51
N GLU D 75 2.68 -26.96 -22.46
CA GLU D 75 2.22 -26.17 -21.33
C GLU D 75 3.41 -25.98 -20.39
N ILE D 76 4.15 -24.90 -20.61
CA ILE D 76 5.32 -24.50 -19.81
C ILE D 76 4.87 -23.55 -18.70
N ARG D 77 5.24 -23.85 -17.46
CA ARG D 77 4.90 -23.01 -16.33
C ARG D 77 6.13 -22.64 -15.52
N PHE D 78 5.99 -21.64 -14.67
CA PHE D 78 7.04 -21.24 -13.75
C PHE D 78 6.65 -21.79 -12.43
N VAL D 79 7.61 -22.33 -11.69
CA VAL D 79 7.33 -22.92 -10.38
C VAL D 79 7.11 -21.81 -9.36
N ASN D 80 8.13 -20.94 -9.21
CA ASN D 80 8.21 -19.91 -8.19
C ASN D 80 7.61 -18.55 -8.51
N VAL D 81 6.38 -18.55 -9.00
CA VAL D 81 5.65 -17.31 -9.30
C VAL D 81 4.47 -17.16 -8.37
N GLU D 82 4.10 -15.90 -8.09
CA GLU D 82 2.95 -15.55 -7.25
C GLU D 82 1.66 -15.99 -7.96
N ASN D 83 1.45 -15.44 -9.16
CA ASN D 83 0.35 -15.78 -10.04
C ASN D 83 0.95 -16.23 -11.36
N ALA D 84 0.15 -16.90 -12.21
CA ALA D 84 0.58 -17.31 -13.54
C ALA D 84 1.05 -16.07 -14.31
N ARG D 85 2.16 -16.20 -15.09
CA ARG D 85 2.75 -15.12 -15.87
C ARG D 85 1.77 -14.46 -16.82
N ASP D 86 1.95 -13.16 -17.06
CA ASP D 86 1.16 -12.44 -18.04
C ASP D 86 1.99 -12.58 -19.30
N ALA D 87 1.46 -13.31 -20.29
CA ALA D 87 2.20 -13.57 -21.52
C ALA D 87 1.46 -13.20 -22.78
N ASP D 88 2.23 -12.72 -23.76
CA ASP D 88 1.71 -12.39 -25.07
CA ASP D 88 1.73 -12.36 -25.09
C ASP D 88 2.63 -13.02 -26.10
N VAL D 89 2.06 -13.87 -26.97
CA VAL D 89 2.81 -14.58 -28.01
C VAL D 89 3.28 -13.55 -29.05
N VAL D 90 4.56 -13.58 -29.38
CA VAL D 90 5.17 -12.65 -30.33
C VAL D 90 5.22 -13.32 -31.70
N ASP D 91 5.71 -14.56 -31.77
CA ASP D 91 5.83 -15.29 -33.01
C ASP D 91 5.89 -16.80 -32.84
N ILE D 92 5.34 -17.52 -33.82
CA ILE D 92 5.35 -18.97 -33.96
C ILE D 92 5.75 -19.24 -35.42
N SER D 93 6.98 -19.75 -35.62
CA SER D 93 7.56 -20.05 -36.93
C SER D 93 7.88 -21.52 -37.05
N VAL D 94 7.52 -22.13 -38.19
CA VAL D 94 7.75 -23.55 -38.48
C VAL D 94 8.67 -23.68 -39.70
N SER D 95 9.75 -24.44 -39.55
CA SER D 95 10.72 -24.70 -40.61
C SER D 95 10.31 -26.01 -41.36
N PRO D 96 10.87 -26.32 -42.58
CA PRO D 96 10.41 -27.50 -43.32
C PRO D 96 10.33 -28.84 -42.58
N ASP D 97 11.32 -29.17 -41.72
CA ASP D 97 11.30 -30.43 -40.94
C ASP D 97 10.28 -30.43 -39.78
N GLY D 98 9.55 -29.33 -39.66
CA GLY D 98 8.53 -29.16 -38.63
C GLY D 98 9.06 -28.67 -37.31
N THR D 99 10.26 -28.06 -37.30
CA THR D 99 10.87 -27.48 -36.11
C THR D 99 10.10 -26.20 -35.77
N VAL D 100 9.41 -26.20 -34.62
CA VAL D 100 8.65 -25.03 -34.19
C VAL D 100 9.53 -24.10 -33.37
N GLN D 101 9.42 -22.80 -33.64
CA GLN D 101 10.11 -21.74 -32.92
C GLN D 101 9.02 -20.81 -32.36
N TYR D 102 8.84 -20.88 -31.04
CA TYR D 102 7.85 -20.12 -30.28
C TYR D 102 8.56 -19.01 -29.51
N LEU D 103 7.96 -17.81 -29.52
CA LEU D 103 8.47 -16.67 -28.77
C LEU D 103 7.34 -15.89 -28.14
N GLU D 104 7.44 -15.69 -26.82
CA GLU D 104 6.48 -14.92 -26.06
C GLU D 104 7.22 -13.91 -25.20
N ARG D 105 6.57 -12.79 -24.92
CA ARG D 105 7.08 -11.81 -23.98
C ARG D 105 6.20 -11.93 -22.75
N PHE D 106 6.82 -12.10 -21.58
CA PHE D 106 6.04 -12.25 -20.36
C PHE D 106 6.53 -11.32 -19.25
N SER D 107 5.68 -11.18 -18.24
CA SER D 107 5.99 -10.45 -17.02
C SER D 107 5.52 -11.32 -15.85
N ALA D 108 6.34 -11.43 -14.79
CA ALA D 108 5.98 -12.23 -13.63
C ALA D 108 6.60 -11.72 -12.35
N ARG D 109 5.94 -12.01 -11.21
CA ARG D 109 6.45 -11.68 -9.87
C ARG D 109 6.95 -13.02 -9.33
N VAL D 110 8.27 -13.11 -9.13
CA VAL D 110 9.01 -14.31 -8.76
C VAL D 110 9.35 -14.33 -7.27
N LEU D 111 9.07 -15.46 -6.61
CA LEU D 111 9.37 -15.75 -5.21
C LEU D 111 10.76 -16.37 -5.23
N SER D 112 11.71 -15.75 -4.58
CA SER D 112 13.05 -16.34 -4.54
C SER D 112 13.67 -15.99 -3.18
N PRO D 113 13.93 -17.01 -2.31
CA PRO D 113 14.48 -16.71 -0.97
C PRO D 113 15.83 -15.99 -0.99
N LEU D 114 16.02 -15.10 0.00
CA LEU D 114 17.23 -14.33 0.12
C LEU D 114 17.96 -14.64 1.42
N ASP D 115 19.31 -14.68 1.38
CA ASP D 115 20.14 -14.94 2.54
C ASP D 115 20.65 -13.59 3.06
N PHE D 116 20.10 -13.13 4.20
CA PHE D 116 20.45 -11.83 4.77
C PHE D 116 21.62 -11.82 5.74
N ARG D 117 22.26 -12.99 5.97
CA ARG D 117 23.40 -13.16 6.91
C ARG D 117 24.47 -12.05 6.82
N ARG D 118 24.84 -11.64 5.61
CA ARG D 118 25.88 -10.62 5.40
C ARG D 118 25.36 -9.21 5.07
N TYR D 119 24.04 -8.98 5.20
CA TYR D 119 23.39 -7.69 4.92
C TYR D 119 24.06 -6.52 5.68
N PRO D 120 24.30 -5.33 5.03
CA PRO D 120 24.01 -4.97 3.63
C PRO D 120 25.12 -5.29 2.62
N PHE D 121 26.06 -6.17 2.97
CA PHE D 121 27.21 -6.56 2.11
C PHE D 121 26.96 -7.95 1.51
N ASP D 122 25.70 -8.23 1.16
CA ASP D 122 25.27 -9.52 0.67
C ASP D 122 25.15 -9.61 -0.83
N SER D 123 25.24 -10.85 -1.32
CA SER D 123 25.06 -11.26 -2.71
C SER D 123 23.98 -12.31 -2.72
N GLN D 124 23.21 -12.39 -3.82
CA GLN D 124 22.12 -13.35 -3.92
C GLN D 124 22.12 -14.04 -5.26
N THR D 125 21.47 -15.23 -5.32
CA THR D 125 21.25 -15.97 -6.56
C THR D 125 19.75 -16.08 -6.68
N LEU D 126 19.16 -15.27 -7.54
CA LEU D 126 17.73 -15.34 -7.78
C LEU D 126 17.45 -16.50 -8.77
N HIS D 127 16.34 -17.21 -8.57
CA HIS D 127 15.98 -18.34 -9.43
C HIS D 127 14.66 -18.12 -10.12
N ILE D 128 14.60 -18.58 -11.36
CA ILE D 128 13.38 -18.61 -12.17
C ILE D 128 13.33 -20.09 -12.58
N TYR D 129 12.40 -20.87 -12.01
CA TYR D 129 12.25 -22.29 -12.33
C TYR D 129 11.21 -22.54 -13.39
N LEU D 130 11.63 -23.04 -14.54
CA LEU D 130 10.79 -23.40 -15.67
C LEU D 130 10.38 -24.86 -15.50
N ILE D 131 9.11 -25.17 -15.74
CA ILE D 131 8.61 -26.53 -15.59
C ILE D 131 7.64 -26.98 -16.68
N VAL D 132 7.65 -28.28 -16.98
CA VAL D 132 6.72 -28.95 -17.90
C VAL D 132 6.34 -30.30 -17.31
N ARG D 133 5.10 -30.65 -17.45
CA ARG D 133 4.60 -31.92 -16.95
C ARG D 133 4.41 -32.84 -18.17
N SER D 134 4.71 -34.14 -18.00
CA SER D 134 4.54 -35.14 -19.06
C SER D 134 3.08 -35.50 -19.20
N VAL D 135 2.72 -35.96 -20.40
CA VAL D 135 1.38 -36.40 -20.76
C VAL D 135 1.34 -37.94 -20.90
N ASP D 136 0.13 -38.56 -20.92
CA ASP D 136 0.04 -40.02 -21.01
C ASP D 136 0.66 -40.54 -22.30
N THR D 137 0.42 -39.82 -23.41
CA THR D 137 0.96 -40.10 -24.72
C THR D 137 2.50 -40.08 -24.74
N ARG D 138 3.14 -39.05 -24.14
CA ARG D 138 4.61 -38.99 -24.03
C ARG D 138 5.23 -38.10 -22.97
N ASN D 139 6.50 -38.43 -22.66
CA ASN D 139 7.30 -37.73 -21.67
CA ASN D 139 7.38 -37.78 -21.68
C ASN D 139 7.94 -36.49 -22.29
N ILE D 140 7.71 -35.31 -21.65
CA ILE D 140 8.20 -34.01 -22.12
C ILE D 140 9.34 -33.55 -21.22
N VAL D 141 10.50 -33.28 -21.83
CA VAL D 141 11.75 -32.94 -21.15
C VAL D 141 12.22 -31.58 -21.65
N LEU D 142 12.81 -30.77 -20.75
CA LEU D 142 13.29 -29.42 -21.08
C LEU D 142 14.80 -29.36 -21.30
N ALA D 143 15.22 -28.47 -22.20
CA ALA D 143 16.62 -28.24 -22.49
C ALA D 143 16.86 -26.75 -22.60
N VAL D 144 18.12 -26.33 -22.46
CA VAL D 144 18.52 -24.94 -22.56
C VAL D 144 19.23 -24.68 -23.88
N ASP D 145 18.73 -23.71 -24.67
CA ASP D 145 19.41 -23.25 -25.87
C ASP D 145 20.18 -22.02 -25.39
N LEU D 146 21.49 -22.17 -25.10
CA LEU D 146 22.36 -21.12 -24.57
C LEU D 146 22.43 -19.88 -25.45
N GLU D 147 22.19 -20.04 -26.75
CA GLU D 147 22.17 -18.95 -27.74
C GLU D 147 20.96 -18.04 -27.50
N LYS D 148 19.94 -18.53 -26.76
CA LYS D 148 18.71 -17.83 -26.48
C LYS D 148 18.47 -17.42 -25.00
N VAL D 149 19.57 -17.43 -24.22
CA VAL D 149 19.62 -17.05 -22.80
C VAL D 149 20.46 -15.79 -22.73
N GLY D 150 19.91 -14.76 -22.12
CA GLY D 150 20.62 -13.51 -21.99
C GLY D 150 19.84 -12.42 -21.30
N LYS D 151 20.36 -11.19 -21.41
CA LYS D 151 19.75 -10.00 -20.83
C LYS D 151 20.16 -8.76 -21.61
N ASN D 152 19.25 -7.80 -21.67
CA ASN D 152 19.45 -6.49 -22.28
C ASN D 152 20.54 -5.76 -21.43
N ASP D 153 21.41 -4.99 -22.10
CA ASP D 153 22.53 -4.25 -21.46
C ASP D 153 22.03 -3.21 -20.44
N ASP D 154 20.86 -2.60 -20.73
CA ASP D 154 20.16 -1.59 -19.92
C ASP D 154 19.44 -2.16 -18.68
N VAL D 155 19.40 -3.52 -18.50
CA VAL D 155 18.76 -4.18 -17.35
C VAL D 155 19.46 -3.70 -16.08
N PHE D 156 18.69 -3.02 -15.22
CA PHE D 156 19.14 -2.44 -13.97
C PHE D 156 18.17 -2.84 -12.86
N LEU D 157 18.71 -3.27 -11.73
CA LEU D 157 17.88 -3.59 -10.59
C LEU D 157 18.28 -2.61 -9.51
N THR D 158 17.45 -1.57 -9.28
CA THR D 158 17.71 -0.49 -8.33
C THR D 158 18.25 -1.02 -7.01
N GLY D 159 19.43 -0.53 -6.63
CA GLY D 159 20.10 -0.94 -5.39
C GLY D 159 20.93 -2.21 -5.45
N TRP D 160 21.05 -2.79 -6.66
CA TRP D 160 21.80 -4.01 -6.88
C TRP D 160 22.65 -3.93 -8.13
N ASP D 161 23.70 -4.76 -8.18
CA ASP D 161 24.56 -4.93 -9.35
C ASP D 161 24.22 -6.29 -9.90
N ILE D 162 23.99 -6.38 -11.21
CA ILE D 162 23.67 -7.66 -11.84
C ILE D 162 24.98 -8.27 -12.32
N GLU D 163 25.31 -9.47 -11.81
CA GLU D 163 26.56 -10.14 -12.19
C GLU D 163 26.41 -11.03 -13.41
N SER D 164 25.50 -12.01 -13.34
CA SER D 164 25.28 -12.95 -14.44
C SER D 164 23.87 -13.48 -14.46
N PHE D 165 23.46 -13.95 -15.65
CA PHE D 165 22.18 -14.63 -15.89
C PHE D 165 22.53 -15.83 -16.72
N THR D 166 22.53 -17.00 -16.07
CA THR D 166 22.87 -18.30 -16.66
C THR D 166 21.79 -19.33 -16.32
N ALA D 167 21.83 -20.47 -17.03
CA ALA D 167 20.90 -21.56 -16.77
C ALA D 167 21.69 -22.82 -16.48
N VAL D 168 21.18 -23.62 -15.54
CA VAL D 168 21.73 -24.93 -15.21
C VAL D 168 21.14 -25.80 -16.34
N VAL D 169 22.00 -26.21 -17.29
CA VAL D 169 21.67 -26.95 -18.52
C VAL D 169 20.97 -28.29 -18.35
N LYS D 170 21.28 -29.00 -17.26
CA LYS D 170 20.69 -30.30 -16.96
C LYS D 170 19.39 -30.12 -16.15
N PRO D 171 18.22 -30.53 -16.71
CA PRO D 171 16.97 -30.37 -15.96
C PRO D 171 16.84 -31.36 -14.81
N ALA D 172 15.99 -31.02 -13.83
CA ALA D 172 15.70 -31.88 -12.71
C ALA D 172 14.42 -32.60 -13.07
N ASN D 173 14.53 -33.88 -13.46
CA ASN D 173 13.38 -34.74 -13.84
C ASN D 173 12.93 -35.53 -12.62
N PHE D 174 11.63 -35.48 -12.28
CA PHE D 174 11.08 -36.13 -11.09
C PHE D 174 9.58 -36.41 -11.24
N ALA D 175 9.02 -37.28 -10.38
CA ALA D 175 7.59 -37.60 -10.44
C ALA D 175 6.81 -36.70 -9.50
N LEU D 176 5.70 -36.13 -10.01
CA LEU D 176 4.80 -35.27 -9.25
C LEU D 176 3.36 -35.58 -9.65
N GLU D 177 2.56 -36.10 -8.71
CA GLU D 177 1.16 -36.53 -8.91
C GLU D 177 1.04 -37.57 -10.06
N ASP D 178 1.88 -38.60 -9.96
CA ASP D 178 2.01 -39.70 -10.90
C ASP D 178 2.30 -39.36 -12.38
N ARG D 179 2.98 -38.25 -12.59
CA ARG D 179 3.48 -37.83 -13.89
C ARG D 179 4.79 -37.20 -13.62
N LEU D 180 5.58 -37.37 -14.57
CA LEU D 180 6.91 -36.91 -14.54
C LEU D 180 6.90 -35.42 -14.83
N GLU D 181 7.83 -34.71 -14.22
CA GLU D 181 7.97 -33.29 -14.38
C GLU D 181 9.43 -32.92 -14.68
N SER D 182 9.66 -32.04 -15.66
CA SER D 182 11.01 -31.61 -16.09
C SER D 182 11.23 -30.13 -15.71
N LYS D 183 12.14 -29.87 -14.77
CA LYS D 183 12.40 -28.54 -14.22
C LYS D 183 13.78 -27.97 -14.56
N LEU D 184 13.81 -26.72 -15.09
CA LEU D 184 15.05 -26.00 -15.37
C LEU D 184 15.25 -24.84 -14.40
N ASP D 185 16.51 -24.61 -14.00
CA ASP D 185 16.86 -23.54 -13.07
C ASP D 185 17.66 -22.44 -13.76
N TYR D 186 16.99 -21.28 -13.98
CA TYR D 186 17.58 -20.04 -14.51
C TYR D 186 18.05 -19.22 -13.33
N GLN D 187 19.35 -18.85 -13.30
CA GLN D 187 19.94 -18.14 -12.17
C GLN D 187 20.42 -16.74 -12.47
N LEU D 188 19.91 -15.77 -11.70
CA LEU D 188 20.31 -14.37 -11.84
C LEU D 188 21.13 -14.00 -10.60
N ARG D 189 22.46 -13.87 -10.77
CA ARG D 189 23.37 -13.53 -9.67
C ARG D 189 23.51 -12.03 -9.52
N ILE D 190 23.21 -11.55 -8.30
CA ILE D 190 23.22 -10.12 -7.97
C ILE D 190 24.00 -9.86 -6.69
N SER D 191 24.53 -8.64 -6.56
CA SER D 191 25.23 -8.20 -5.36
C SER D 191 24.71 -6.83 -4.97
N ARG D 192 24.43 -6.68 -3.69
CA ARG D 192 23.88 -5.48 -3.13
C ARG D 192 24.85 -4.32 -3.14
N GLN D 193 24.33 -3.15 -3.54
CA GLN D 193 25.04 -1.88 -3.54
C GLN D 193 24.90 -1.34 -2.13
N TYR D 194 25.92 -1.65 -1.28
CA TYR D 194 25.98 -1.26 0.14
C TYR D 194 26.30 0.22 0.39
N PHE D 195 26.82 0.95 -0.64
CA PHE D 195 27.22 2.36 -0.57
C PHE D 195 26.38 3.22 0.37
N SER D 196 25.08 3.41 0.05
CA SER D 196 24.19 4.30 0.79
C SER D 196 24.01 3.98 2.27
N TYR D 197 24.22 2.71 2.68
CA TYR D 197 24.11 2.28 4.07
C TYR D 197 25.14 2.94 4.95
N ILE D 198 26.32 3.27 4.36
CA ILE D 198 27.43 3.92 5.05
C ILE D 198 27.03 5.34 5.54
N PRO D 199 26.68 6.34 4.67
CA PRO D 199 26.32 7.65 5.20
C PRO D 199 24.95 7.73 5.88
N ASN D 200 24.03 6.79 5.55
CA ASN D 200 22.66 6.84 6.07
C ASN D 200 22.38 6.14 7.38
N ILE D 201 23.02 4.98 7.60
CA ILE D 201 22.79 4.17 8.79
C ILE D 201 24.08 3.92 9.60
N ILE D 202 25.13 3.34 8.97
CA ILE D 202 26.37 2.98 9.65
C ILE D 202 27.06 4.13 10.38
N LEU D 203 27.46 5.17 9.64
CA LEU D 203 28.14 6.31 10.24
C LEU D 203 27.29 7.07 11.25
N PRO D 204 26.01 7.43 10.96
CA PRO D 204 25.19 8.08 12.00
C PRO D 204 25.10 7.28 13.31
N MET D 205 24.98 5.95 13.19
CA MET D 205 24.93 5.03 14.32
C MET D 205 26.25 5.03 15.11
N LEU D 206 27.41 5.15 14.41
CA LEU D 206 28.72 5.20 15.07
C LEU D 206 28.92 6.54 15.77
N PHE D 207 28.52 7.66 15.11
CA PHE D 207 28.61 9.01 15.67
C PHE D 207 27.89 9.12 16.99
N ILE D 208 26.63 8.64 17.07
CA ILE D 208 25.85 8.71 18.31
C ILE D 208 26.48 7.88 19.42
N LEU D 209 27.07 6.72 19.07
CA LEU D 209 27.76 5.85 20.01
C LEU D 209 28.98 6.55 20.60
N PHE D 210 29.82 7.17 19.73
CA PHE D 210 31.01 7.92 20.13
C PHE D 210 30.63 9.11 20.99
N ILE D 211 29.49 9.76 20.69
CA ILE D 211 28.97 10.87 21.48
C ILE D 211 28.62 10.38 22.89
N SER D 212 28.10 9.15 23.04
CA SER D 212 27.81 8.64 24.39
C SER D 212 29.10 8.47 25.22
N TRP D 213 30.24 8.20 24.56
CA TRP D 213 31.53 8.00 25.19
C TRP D 213 32.19 9.29 25.72
N THR D 214 31.60 10.47 25.39
CA THR D 214 32.10 11.75 25.91
C THR D 214 31.77 11.81 27.39
N ALA D 215 30.82 10.98 27.88
CA ALA D 215 30.45 10.87 29.30
C ALA D 215 31.65 10.39 30.14
N PHE D 216 32.69 9.81 29.49
CA PHE D 216 33.91 9.36 30.17
C PHE D 216 34.91 10.51 30.44
N TRP D 217 34.57 11.73 30.00
CA TRP D 217 35.33 12.95 30.22
C TRP D 217 34.46 13.97 30.92
N SER D 218 33.41 13.49 31.62
CA SER D 218 32.48 14.31 32.37
C SER D 218 32.20 13.71 33.73
N THR D 219 32.15 14.57 34.75
CA THR D 219 31.86 14.23 36.16
C THR D 219 30.39 14.57 36.50
N SER D 220 29.72 15.30 35.57
CA SER D 220 28.33 15.69 35.73
C SER D 220 27.40 14.51 35.44
N TYR D 221 26.84 13.88 36.48
CA TYR D 221 25.92 12.76 36.37
C TYR D 221 24.69 13.07 35.52
N GLU D 222 24.05 14.22 35.78
CA GLU D 222 22.87 14.72 35.08
C GLU D 222 23.11 14.83 33.55
N ALA D 223 24.29 15.36 33.17
CA ALA D 223 24.70 15.51 31.77
C ALA D 223 25.01 14.15 31.16
N ASN D 224 25.68 13.28 31.93
CA ASN D 224 26.03 11.93 31.52
C ASN D 224 24.80 11.10 31.22
N VAL D 225 23.80 11.15 32.11
CA VAL D 225 22.52 10.44 31.96
C VAL D 225 21.85 10.90 30.66
N THR D 226 21.86 12.23 30.40
CA THR D 226 21.33 12.84 29.18
C THR D 226 22.10 12.35 27.96
N LEU D 227 23.44 12.31 28.01
CA LEU D 227 24.26 11.84 26.89
C LEU D 227 23.96 10.39 26.53
N VAL D 228 23.98 9.49 27.53
CA VAL D 228 23.82 8.06 27.29
C VAL D 228 22.38 7.64 26.91
N VAL D 229 21.39 8.20 27.60
CA VAL D 229 19.99 7.86 27.37
C VAL D 229 19.48 8.43 26.04
N SER D 230 19.84 9.67 25.72
CA SER D 230 19.43 10.31 24.47
C SER D 230 19.97 9.59 23.24
N THR D 231 21.29 9.27 23.25
CA THR D 231 21.92 8.53 22.15
C THR D 231 21.35 7.11 22.05
N LEU D 232 21.02 6.47 23.20
CA LEU D 232 20.43 5.13 23.20
C LEU D 232 19.10 5.13 22.44
N ILE D 233 18.28 6.17 22.67
CA ILE D 233 16.98 6.36 22.03
C ILE D 233 17.16 6.50 20.52
N ALA D 234 18.16 7.28 20.10
CA ALA D 234 18.52 7.48 18.69
C ALA D 234 18.97 6.12 18.12
N HIS D 235 19.67 5.27 18.91
CA HIS D 235 20.10 3.94 18.49
C HIS D 235 18.88 3.04 18.28
N ILE D 236 17.86 3.17 19.15
CA ILE D 236 16.61 2.41 19.05
C ILE D 236 15.92 2.77 17.72
N ALA D 237 15.87 4.08 17.39
CA ALA D 237 15.32 4.61 16.13
C ALA D 237 15.99 3.97 14.92
N PHE D 238 17.33 3.86 14.95
CA PHE D 238 18.07 3.21 13.86
C PHE D 238 17.79 1.73 13.78
N ASN D 239 17.68 1.07 14.95
CA ASN D 239 17.35 -0.36 15.03
C ASN D 239 15.99 -0.60 14.36
N ILE D 240 14.97 0.24 14.70
CA ILE D 240 13.63 0.14 14.15
C ILE D 240 13.67 0.41 12.65
N LEU D 241 14.41 1.43 12.21
CA LEU D 241 14.54 1.78 10.79
C LEU D 241 15.10 0.61 9.98
N VAL D 242 16.18 -0.01 10.47
CA VAL D 242 16.82 -1.14 9.83
C VAL D 242 15.86 -2.35 9.71
N GLU D 243 15.18 -2.71 10.83
CA GLU D 243 14.27 -3.85 10.84
CA GLU D 243 14.27 -3.85 10.82
C GLU D 243 13.03 -3.71 9.95
N THR D 244 12.65 -2.44 9.59
CA THR D 244 11.52 -2.18 8.67
C THR D 244 11.90 -2.53 7.23
N ASN D 245 13.20 -2.45 6.86
CA ASN D 245 13.68 -2.77 5.50
C ASN D 245 13.99 -4.29 5.34
N LEU D 246 13.84 -5.08 6.43
CA LEU D 246 14.19 -6.49 6.42
C LEU D 246 13.08 -7.42 6.92
N PRO D 247 13.02 -8.66 6.39
CA PRO D 247 12.09 -9.63 6.97
C PRO D 247 12.67 -10.22 8.25
N LYS D 248 11.82 -10.90 9.05
CA LYS D 248 12.25 -11.54 10.27
C LYS D 248 12.97 -12.82 9.89
N THR D 249 14.23 -12.97 10.34
CA THR D 249 15.08 -14.13 10.01
C THR D 249 15.33 -15.06 11.22
N PRO D 250 15.39 -16.40 11.02
CA PRO D 250 15.69 -17.28 12.14
C PRO D 250 17.19 -17.32 12.48
N TYR D 251 17.93 -16.30 12.03
CA TYR D 251 19.37 -16.18 12.21
C TYR D 251 19.72 -14.73 12.37
N MET D 252 20.95 -14.45 12.83
CA MET D 252 21.43 -13.11 13.00
C MET D 252 22.03 -12.63 11.69
N THR D 253 21.73 -11.37 11.31
CA THR D 253 22.35 -10.75 10.16
C THR D 253 23.54 -9.98 10.71
N TYR D 254 24.49 -9.61 9.84
CA TYR D 254 25.68 -8.88 10.22
C TYR D 254 25.35 -7.55 10.91
N THR D 255 24.45 -6.76 10.31
CA THR D 255 23.94 -5.47 10.81
C THR D 255 23.17 -5.68 12.11
N GLY D 256 22.36 -6.72 12.15
CA GLY D 256 21.59 -7.06 13.33
C GLY D 256 22.46 -7.36 14.53
N ALA D 257 23.59 -8.07 14.28
CA ALA D 257 24.61 -8.43 15.28
C ALA D 257 25.27 -7.18 15.85
N ILE D 258 25.73 -6.25 14.98
CA ILE D 258 26.33 -4.98 15.38
C ILE D 258 25.32 -4.15 16.15
N ILE D 259 24.09 -3.99 15.62
CA ILE D 259 23.03 -3.24 16.27
C ILE D 259 22.77 -3.78 17.67
N PHE D 260 22.64 -5.11 17.80
CA PHE D 260 22.42 -5.76 19.10
C PHE D 260 23.56 -5.52 20.09
N MET D 261 24.80 -5.68 19.61
CA MET D 261 26.02 -5.49 20.40
C MET D 261 26.11 -4.07 20.95
N ILE D 262 25.78 -3.06 20.12
CA ILE D 262 25.81 -1.65 20.53
C ILE D 262 24.92 -1.39 21.76
N TYR D 263 23.82 -2.14 21.94
CA TYR D 263 22.96 -2.04 23.13
C TYR D 263 23.75 -2.40 24.38
N LEU D 264 24.63 -3.43 24.30
CA LEU D 264 25.45 -3.88 25.41
C LEU D 264 26.41 -2.76 25.84
N PHE D 265 26.98 -2.05 24.87
CA PHE D 265 27.85 -0.90 25.08
C PHE D 265 27.12 0.24 25.76
N TYR D 266 25.84 0.48 25.41
CA TYR D 266 25.04 1.52 26.05
C TYR D 266 24.70 1.11 27.48
N PHE D 267 24.39 -0.18 27.68
CA PHE D 267 24.04 -0.74 28.97
C PHE D 267 25.22 -0.62 29.94
N VAL D 268 26.44 -1.02 29.49
CA VAL D 268 27.65 -0.93 30.31
C VAL D 268 28.03 0.53 30.57
N ALA D 269 27.84 1.43 29.60
CA ALA D 269 28.10 2.88 29.77
C ALA D 269 27.20 3.46 30.85
N VAL D 270 25.92 3.02 30.94
CA VAL D 270 24.99 3.45 32.00
C VAL D 270 25.52 2.93 33.36
N ILE D 271 25.98 1.67 33.43
CA ILE D 271 26.53 1.11 34.66
C ILE D 271 27.71 1.98 35.11
N GLU D 272 28.65 2.27 34.20
CA GLU D 272 29.82 3.10 34.48
C GLU D 272 29.43 4.48 35.00
N VAL D 273 28.49 5.16 34.31
CA VAL D 273 28.00 6.48 34.69
C VAL D 273 27.37 6.46 36.13
N THR D 274 26.67 5.35 36.46
CA THR D 274 26.01 5.12 37.74
C THR D 274 27.06 4.91 38.83
N VAL D 275 28.03 4.00 38.57
CA VAL D 275 29.12 3.63 39.46
C VAL D 275 29.93 4.88 39.80
N GLN D 276 30.31 5.67 38.78
CA GLN D 276 31.04 6.93 38.92
C GLN D 276 30.30 7.88 39.88
N HIS D 277 29.01 8.13 39.64
CA HIS D 277 28.21 9.02 40.48
C HIS D 277 28.11 8.51 41.91
N TYR D 278 27.84 7.19 42.06
CA TYR D 278 27.69 6.55 43.36
C TYR D 278 28.92 6.75 44.26
N LEU D 279 30.13 6.52 43.70
CA LEU D 279 31.41 6.67 44.38
C LEU D 279 31.67 8.12 44.78
N LYS D 280 31.39 9.08 43.87
CA LYS D 280 31.58 10.48 44.16
CA LYS D 280 31.53 10.51 44.11
C LYS D 280 30.66 10.94 45.30
N VAL D 281 29.43 10.42 45.38
CA VAL D 281 28.49 10.74 46.45
C VAL D 281 28.98 10.15 47.81
N GLU D 282 29.63 8.97 47.75
CA GLU D 282 30.20 8.18 48.85
C GLU D 282 31.60 8.69 49.25
N SER D 283 32.01 9.85 48.70
CA SER D 283 33.31 10.50 48.90
C SER D 283 34.48 9.58 48.56
N GLN D 284 34.36 8.87 47.43
CA GLN D 284 35.42 8.01 46.88
C GLN D 284 35.72 8.44 45.41
N PRO D 285 35.99 9.75 45.11
CA PRO D 285 36.21 10.14 43.71
C PRO D 285 37.49 9.66 43.05
N ALA D 286 38.50 9.30 43.85
CA ALA D 286 39.79 8.85 43.35
C ALA D 286 39.61 7.55 42.62
N ARG D 287 38.75 6.78 43.16
CA ARG D 287 38.41 5.49 42.67
C ARG D 287 37.56 5.61 41.43
N ALA D 288 36.47 6.38 41.51
CA ALA D 288 35.62 6.67 40.38
C ALA D 288 36.50 7.18 39.23
N ALA D 289 37.53 7.99 39.51
CA ALA D 289 38.45 8.51 38.49
C ALA D 289 39.23 7.38 37.79
N SER D 290 39.59 6.31 38.54
CA SER D 290 40.30 5.15 38.00
C SER D 290 39.40 4.39 37.03
N ILE D 291 38.12 4.17 37.42
CA ILE D 291 37.12 3.48 36.59
C ILE D 291 36.86 4.28 35.28
N THR D 292 36.66 5.61 35.40
CA THR D 292 36.40 6.51 34.27
C THR D 292 37.54 6.55 33.28
N ARG D 293 38.79 6.62 33.80
CA ARG D 293 40.00 6.66 32.97
C ARG D 293 40.21 5.36 32.21
N ALA D 294 39.92 4.22 32.89
CA ALA D 294 40.01 2.88 32.29
C ALA D 294 38.98 2.76 31.17
N SER D 295 37.74 3.26 31.41
CA SER D 295 36.61 3.25 30.49
C SER D 295 36.94 3.97 29.18
N ARG D 296 37.68 5.09 29.27
CA ARG D 296 38.10 5.87 28.09
C ARG D 296 38.88 5.02 27.09
N ILE D 297 39.65 4.03 27.57
CA ILE D 297 40.43 3.13 26.72
C ILE D 297 39.63 1.85 26.43
N ALA D 298 39.09 1.21 27.49
CA ALA D 298 38.33 -0.05 27.41
C ALA D 298 37.19 -0.03 26.37
N PHE D 299 36.28 0.98 26.44
CA PHE D 299 35.16 1.11 25.52
C PHE D 299 35.55 1.10 24.04
N PRO D 300 36.43 2.02 23.52
CA PRO D 300 36.84 1.94 22.10
C PRO D 300 37.61 0.66 21.74
N VAL D 301 38.46 0.15 22.65
CA VAL D 301 39.25 -1.07 22.43
C VAL D 301 38.35 -2.31 22.30
N VAL D 302 37.45 -2.54 23.28
CA VAL D 302 36.50 -3.65 23.27
C VAL D 302 35.58 -3.52 22.05
N PHE D 303 35.20 -2.28 21.68
CA PHE D 303 34.37 -2.05 20.50
C PHE D 303 35.03 -2.50 19.20
N LEU D 304 36.33 -2.16 19.04
CA LEU D 304 37.15 -2.52 17.89
C LEU D 304 37.34 -4.04 17.81
N LEU D 305 37.74 -4.67 18.92
CA LEU D 305 37.97 -6.11 18.97
C LEU D 305 36.71 -6.92 18.71
N ALA D 306 35.55 -6.49 19.29
CA ALA D 306 34.26 -7.15 19.12
C ALA D 306 33.82 -7.08 17.66
N ASN D 307 34.12 -5.96 16.98
CA ASN D 307 33.81 -5.76 15.57
C ASN D 307 34.69 -6.62 14.67
N ILE D 308 35.98 -6.78 15.02
CA ILE D 308 36.91 -7.65 14.29
C ILE D 308 36.39 -9.10 14.43
N ILE D 309 36.03 -9.53 15.66
CA ILE D 309 35.47 -10.87 15.90
C ILE D 309 34.22 -11.11 15.04
N LEU D 310 33.25 -10.16 15.09
CA LEU D 310 32.01 -10.23 14.32
C LEU D 310 32.25 -10.30 12.82
N ALA D 311 33.12 -9.42 12.27
CA ALA D 311 33.44 -9.40 10.84
C ALA D 311 34.07 -10.73 10.43
N PHE D 312 34.89 -11.30 11.31
CA PHE D 312 35.51 -12.59 11.08
C PHE D 312 34.45 -13.70 11.01
N LEU D 313 33.53 -13.75 12.01
CA LEU D 313 32.47 -14.77 12.04
C LEU D 313 31.54 -14.68 10.85
N PHE D 314 31.29 -13.47 10.32
CA PHE D 314 30.38 -13.24 9.20
C PHE D 314 30.99 -13.27 7.81
N PHE D 315 32.29 -12.96 7.65
CA PHE D 315 32.92 -12.89 6.31
C PHE D 315 34.16 -13.76 6.07
N VAL E 5 -4.20 -13.40 -41.41
CA VAL E 5 -3.54 -12.21 -41.94
C VAL E 5 -2.02 -12.33 -41.92
N SER E 6 -1.36 -11.74 -42.91
CA SER E 6 0.11 -11.77 -43.07
C SER E 6 0.62 -10.35 -43.38
N PRO E 7 1.94 -10.05 -43.23
CA PRO E 7 2.40 -8.67 -43.48
C PRO E 7 2.29 -8.22 -44.93
N PRO E 8 2.21 -6.89 -45.21
CA PRO E 8 2.13 -6.42 -46.61
C PRO E 8 3.39 -6.81 -47.38
N PRO E 9 3.28 -7.32 -48.63
CA PRO E 9 4.49 -7.75 -49.35
C PRO E 9 5.30 -6.60 -49.90
N PRO E 10 6.65 -6.73 -49.93
CA PRO E 10 7.48 -5.64 -50.45
C PRO E 10 7.45 -5.55 -51.96
N ILE E 11 7.37 -4.31 -52.50
CA ILE E 11 7.39 -4.08 -53.95
C ILE E 11 8.74 -4.51 -54.55
N ALA E 12 9.84 -4.17 -53.84
CA ALA E 12 11.23 -4.47 -54.21
C ALA E 12 11.95 -5.43 -53.22
N ASP E 13 12.57 -4.86 -52.18
CA ASP E 13 13.20 -5.57 -51.06
C ASP E 13 13.13 -4.74 -49.74
N GLU E 14 12.64 -3.48 -49.80
CA GLU E 14 12.56 -2.51 -48.71
C GLU E 14 11.89 -2.99 -47.42
N PRO E 15 12.33 -2.46 -46.32
CA PRO E 15 11.67 -2.81 -45.08
C PRO E 15 10.33 -2.06 -44.98
N LEU E 16 9.39 -2.60 -44.19
CA LEU E 16 8.12 -1.90 -43.99
C LEU E 16 8.35 -0.80 -42.93
N THR E 17 8.07 0.46 -43.32
CA THR E 17 8.17 1.61 -42.43
C THR E 17 6.84 1.82 -41.72
N VAL E 18 6.89 1.77 -40.39
CA VAL E 18 5.74 2.03 -39.54
C VAL E 18 6.01 3.38 -38.91
N ASN E 19 5.21 4.38 -39.28
CA ASN E 19 5.32 5.73 -38.76
C ASN E 19 4.59 5.74 -37.44
N THR E 20 5.23 6.34 -36.42
CA THR E 20 4.66 6.39 -35.08
C THR E 20 4.54 7.81 -34.55
N GLY E 21 3.72 7.92 -33.52
CA GLY E 21 3.48 9.14 -32.77
C GLY E 21 2.89 8.81 -31.42
N ILE E 22 3.24 9.59 -30.40
CA ILE E 22 2.71 9.47 -29.05
C ILE E 22 2.22 10.84 -28.66
N TYR E 23 0.96 10.95 -28.27
CA TYR E 23 0.40 12.21 -27.81
C TYR E 23 -0.04 12.00 -26.37
N LEU E 24 0.67 12.63 -25.40
CA LEU E 24 0.37 12.53 -23.97
C LEU E 24 -0.91 13.24 -23.57
N ILE E 25 -1.81 12.51 -22.93
CA ILE E 25 -3.09 13.02 -22.42
C ILE E 25 -2.93 13.29 -20.93
N GLU E 26 -2.33 12.30 -20.19
CA GLU E 26 -2.11 12.41 -18.76
CA GLU E 26 -2.09 12.40 -18.77
C GLU E 26 -0.76 11.82 -18.37
N CYS E 27 -0.13 12.46 -17.38
CA CYS E 27 1.12 12.10 -16.74
C CYS E 27 0.83 12.20 -15.29
N TYR E 28 1.07 11.11 -14.58
CA TYR E 28 0.83 11.05 -13.16
C TYR E 28 1.76 10.03 -12.50
N SER E 29 1.76 10.03 -11.16
CA SER E 29 2.47 9.10 -10.33
C SER E 29 3.96 8.90 -10.64
N LEU E 30 4.74 10.00 -10.68
CA LEU E 30 6.18 9.83 -10.80
C LEU E 30 6.64 9.41 -9.40
N ASP E 31 6.98 8.12 -9.27
CA ASP E 31 7.44 7.49 -8.05
C ASP E 31 8.96 7.47 -8.06
N ASP E 32 9.60 8.31 -7.23
CA ASP E 32 11.06 8.42 -7.13
C ASP E 32 11.72 7.13 -6.65
N LYS E 33 11.17 6.51 -5.59
CA LYS E 33 11.69 5.27 -5.02
C LYS E 33 11.64 4.12 -6.06
N ALA E 34 10.49 3.96 -6.75
CA ALA E 34 10.28 2.93 -7.76
C ALA E 34 10.90 3.24 -9.11
N GLU E 35 11.20 4.52 -9.38
CA GLU E 35 11.75 5.03 -10.65
C GLU E 35 10.78 4.72 -11.82
N THR E 36 9.49 4.95 -11.56
CA THR E 36 8.40 4.75 -12.49
C THR E 36 7.53 5.98 -12.60
N PHE E 37 6.70 6.03 -13.65
CA PHE E 37 5.70 7.06 -13.89
C PHE E 37 4.58 6.45 -14.70
N LYS E 38 3.37 6.92 -14.50
CA LYS E 38 2.22 6.40 -15.24
C LYS E 38 1.89 7.37 -16.36
N VAL E 39 1.45 6.84 -17.48
CA VAL E 39 1.15 7.62 -18.67
C VAL E 39 -0.15 7.16 -19.30
N ASN E 40 -0.92 8.11 -19.80
CA ASN E 40 -2.17 7.89 -20.54
C ASN E 40 -1.99 8.70 -21.81
N ALA E 41 -1.95 8.02 -22.96
CA ALA E 41 -1.63 8.68 -24.22
C ALA E 41 -2.28 8.04 -25.43
N PHE E 42 -2.19 8.76 -26.55
CA PHE E 42 -2.59 8.27 -27.86
C PHE E 42 -1.34 7.71 -28.50
N LEU E 43 -1.47 6.54 -29.11
CA LEU E 43 -0.39 5.93 -29.91
C LEU E 43 -0.94 5.89 -31.32
N SER E 44 -0.22 6.54 -32.23
CA SER E 44 -0.62 6.57 -33.62
C SER E 44 0.36 5.77 -34.47
N LEU E 45 -0.18 4.95 -35.40
CA LEU E 45 0.60 4.10 -36.29
C LEU E 45 0.15 4.28 -37.74
N SER E 46 1.11 4.27 -38.67
CA SER E 46 0.85 4.43 -40.09
C SER E 46 1.82 3.63 -40.95
N TRP E 47 1.30 2.86 -41.90
CA TRP E 47 2.08 2.02 -42.80
C TRP E 47 1.28 1.81 -44.09
N LYS E 48 1.98 1.47 -45.18
CA LYS E 48 1.33 1.19 -46.45
C LYS E 48 1.03 -0.32 -46.60
N ASP E 49 -0.23 -0.63 -46.93
CA ASP E 49 -0.65 -1.99 -47.25
C ASP E 49 -1.36 -1.93 -48.60
N ARG E 50 -0.62 -2.25 -49.69
CA ARG E 50 -1.15 -2.22 -51.07
C ARG E 50 -2.39 -3.11 -51.28
N ARG E 51 -2.47 -4.25 -50.56
CA ARG E 51 -3.61 -5.19 -50.58
C ARG E 51 -4.95 -4.50 -50.21
N LEU E 52 -4.86 -3.35 -49.54
CA LEU E 52 -6.00 -2.57 -49.07
C LEU E 52 -6.34 -1.37 -49.96
N ALA E 53 -5.51 -1.12 -51.02
CA ALA E 53 -5.71 -0.05 -52.00
C ALA E 53 -7.05 -0.18 -52.74
N PHE E 54 -7.63 0.97 -53.08
CA PHE E 54 -8.93 1.04 -53.77
C PHE E 54 -9.01 2.27 -54.69
N ASP E 55 -10.03 2.29 -55.58
CA ASP E 55 -10.27 3.40 -56.49
C ASP E 55 -11.20 4.42 -55.82
N PRO E 56 -10.80 5.70 -55.65
CA PRO E 56 -11.70 6.67 -54.98
C PRO E 56 -12.84 7.19 -55.86
N VAL E 57 -12.63 7.22 -57.21
CA VAL E 57 -13.62 7.67 -58.21
C VAL E 57 -14.81 6.69 -58.26
N ARG E 58 -14.54 5.37 -58.49
CA ARG E 58 -15.60 4.34 -58.54
C ARG E 58 -16.19 3.98 -57.16
N SER E 59 -15.38 3.98 -56.08
CA SER E 59 -15.85 3.63 -54.75
C SER E 59 -16.72 4.75 -54.14
N GLY E 60 -16.47 5.99 -54.58
CA GLY E 60 -17.19 7.17 -54.09
C GLY E 60 -16.86 7.52 -52.65
N VAL E 61 -16.06 6.64 -51.99
CA VAL E 61 -15.56 6.77 -50.61
C VAL E 61 -14.08 7.15 -50.65
N ARG E 62 -13.72 8.18 -49.90
CA ARG E 62 -12.35 8.69 -49.78
C ARG E 62 -11.54 7.80 -48.83
N VAL E 63 -12.19 7.26 -47.78
CA VAL E 63 -11.64 6.45 -46.70
C VAL E 63 -12.53 5.20 -46.38
N LYS E 64 -11.95 4.07 -45.91
CA LYS E 64 -12.61 2.82 -45.48
C LYS E 64 -12.21 2.59 -44.04
N THR E 65 -13.14 2.22 -43.26
CA THR E 65 -12.84 1.98 -41.87
C THR E 65 -12.82 0.49 -41.63
N TYR E 66 -11.77 -0.02 -40.97
CA TYR E 66 -11.66 -1.45 -40.67
C TYR E 66 -11.59 -1.69 -39.18
N GLU E 67 -11.94 -2.94 -38.77
CA GLU E 67 -11.86 -3.43 -37.40
C GLU E 67 -10.48 -4.07 -37.27
N PRO E 68 -9.79 -3.98 -36.10
CA PRO E 68 -8.43 -4.54 -35.99
C PRO E 68 -8.19 -5.96 -36.51
N GLU E 69 -9.18 -6.86 -36.30
CA GLU E 69 -9.16 -8.26 -36.72
C GLU E 69 -9.24 -8.43 -38.24
N ALA E 70 -9.91 -7.49 -38.94
CA ALA E 70 -10.07 -7.51 -40.40
C ALA E 70 -8.77 -7.34 -41.18
N ILE E 71 -7.81 -6.58 -40.63
CA ILE E 71 -6.54 -6.29 -41.32
C ILE E 71 -5.28 -6.66 -40.54
N TRP E 72 -4.13 -6.64 -41.22
CA TRP E 72 -2.84 -6.88 -40.59
C TRP E 72 -2.41 -5.58 -39.88
N ILE E 73 -2.00 -5.72 -38.60
CA ILE E 73 -1.52 -4.62 -37.78
C ILE E 73 -0.15 -4.98 -37.17
N PRO E 74 0.87 -4.10 -37.27
CA PRO E 74 2.18 -4.42 -36.68
C PRO E 74 2.13 -4.56 -35.16
N GLU E 75 2.86 -5.55 -34.62
CA GLU E 75 2.92 -5.80 -33.18
C GLU E 75 3.94 -4.85 -32.59
N ILE E 76 3.45 -3.68 -32.16
CA ILE E 76 4.25 -2.63 -31.53
C ILE E 76 4.22 -2.78 -30.02
N ARG E 77 5.38 -2.81 -29.37
CA ARG E 77 5.45 -2.94 -27.93
C ARG E 77 6.31 -1.87 -27.31
N PHE E 78 6.20 -1.70 -26.00
CA PHE E 78 7.02 -0.78 -25.25
C PHE E 78 8.07 -1.60 -24.58
N VAL E 79 9.31 -1.14 -24.57
CA VAL E 79 10.41 -1.87 -23.95
C VAL E 79 10.31 -1.75 -22.43
N ASN E 80 10.33 -0.51 -21.94
CA ASN E 80 10.40 -0.16 -20.53
C ASN E 80 9.08 -0.03 -19.77
N VAL E 81 8.20 -1.01 -19.91
CA VAL E 81 6.93 -1.04 -19.18
C VAL E 81 6.92 -2.18 -18.20
N GLU E 82 6.17 -2.00 -17.09
CA GLU E 82 6.02 -3.01 -16.05
C GLU E 82 5.24 -4.21 -16.63
N ASN E 83 4.02 -3.93 -17.08
CA ASN E 83 3.14 -4.88 -17.74
C ASN E 83 2.81 -4.31 -19.10
N ALA E 84 2.30 -5.15 -20.00
CA ALA E 84 1.87 -4.73 -21.33
C ALA E 84 0.81 -3.65 -21.17
N ARG E 85 0.86 -2.61 -22.04
CA ARG E 85 -0.07 -1.48 -22.01
C ARG E 85 -1.55 -1.91 -22.11
N ASP E 86 -2.44 -1.15 -21.46
CA ASP E 86 -3.88 -1.36 -21.51
C ASP E 86 -4.30 -0.43 -22.65
N ALA E 87 -4.63 -1.02 -23.81
CA ALA E 87 -4.96 -0.24 -25.01
C ALA E 87 -6.36 -0.48 -25.54
N ASP E 88 -6.96 0.58 -26.09
CA ASP E 88 -8.27 0.56 -26.74
C ASP E 88 -8.12 1.24 -28.08
N VAL E 89 -8.43 0.52 -29.17
CA VAL E 89 -8.34 1.05 -30.52
C VAL E 89 -9.44 2.11 -30.69
N VAL E 90 -9.07 3.30 -31.19
CA VAL E 90 -9.96 4.43 -31.38
C VAL E 90 -10.43 4.43 -32.83
N ASP E 91 -9.49 4.29 -33.78
CA ASP E 91 -9.80 4.28 -35.21
C ASP E 91 -8.74 3.62 -36.07
N ILE E 92 -9.21 3.03 -37.18
CA ILE E 92 -8.46 2.45 -38.28
C ILE E 92 -9.08 3.01 -39.56
N SER E 93 -8.27 3.73 -40.34
CA SER E 93 -8.67 4.37 -41.58
C SER E 93 -7.68 4.04 -42.69
N VAL E 94 -8.22 3.71 -43.87
CA VAL E 94 -7.40 3.36 -45.03
C VAL E 94 -7.67 4.35 -46.18
N SER E 95 -6.57 4.94 -46.70
CA SER E 95 -6.61 5.86 -47.82
C SER E 95 -6.62 5.04 -49.15
N PRO E 96 -7.02 5.63 -50.32
CA PRO E 96 -7.10 4.85 -51.56
C PRO E 96 -5.81 4.13 -51.96
N ASP E 97 -4.63 4.74 -51.72
CA ASP E 97 -3.33 4.13 -52.02
C ASP E 97 -2.95 2.99 -51.04
N GLY E 98 -3.80 2.76 -50.05
CA GLY E 98 -3.61 1.70 -49.06
C GLY E 98 -2.84 2.11 -47.82
N THR E 99 -2.63 3.42 -47.60
CA THR E 99 -1.96 3.90 -46.38
C THR E 99 -2.93 3.75 -45.21
N VAL E 100 -2.52 2.96 -44.21
CA VAL E 100 -3.32 2.68 -43.02
C VAL E 100 -2.99 3.69 -41.92
N GLN E 101 -4.03 4.20 -41.25
CA GLN E 101 -3.91 5.12 -40.13
C GLN E 101 -4.59 4.47 -38.94
N TYR E 102 -3.77 4.07 -37.96
CA TYR E 102 -4.16 3.41 -36.74
C TYR E 102 -4.03 4.37 -35.57
N LEU E 103 -5.03 4.39 -34.69
CA LEU E 103 -5.01 5.20 -33.48
C LEU E 103 -5.58 4.45 -32.30
N GLU E 104 -4.80 4.38 -31.22
CA GLU E 104 -5.21 3.75 -29.97
C GLU E 104 -4.93 4.67 -28.81
N ARG E 105 -5.74 4.56 -27.77
CA ARG E 105 -5.48 5.26 -26.53
C ARG E 105 -4.99 4.21 -25.53
N PHE E 106 -3.85 4.46 -24.89
CA PHE E 106 -3.30 3.49 -23.96
C PHE E 106 -2.92 4.12 -22.63
N SER E 107 -2.71 3.27 -21.63
CA SER E 107 -2.21 3.64 -20.32
C SER E 107 -1.13 2.63 -19.98
N ALA E 108 -0.03 3.09 -19.38
CA ALA E 108 1.09 2.22 -19.00
C ALA E 108 1.90 2.77 -17.84
N ARG E 109 2.53 1.87 -17.08
CA ARG E 109 3.46 2.22 -15.99
C ARG E 109 4.87 1.99 -16.57
N VAL E 110 5.62 3.06 -16.72
CA VAL E 110 6.92 3.09 -17.37
C VAL E 110 8.08 3.12 -16.37
N LEU E 111 9.09 2.27 -16.60
CA LEU E 111 10.32 2.13 -15.83
C LEU E 111 11.30 3.06 -16.48
N SER E 112 11.78 4.06 -15.76
CA SER E 112 12.75 4.98 -16.35
C SER E 112 13.69 5.44 -15.23
N PRO E 113 14.99 5.06 -15.29
CA PRO E 113 15.93 5.47 -14.23
C PRO E 113 16.07 6.98 -14.02
N LEU E 114 16.26 7.37 -12.75
CA LEU E 114 16.39 8.76 -12.38
C LEU E 114 17.75 9.03 -11.77
N ASP E 115 18.33 10.20 -12.06
CA ASP E 115 19.62 10.61 -11.52
C ASP E 115 19.35 11.56 -10.36
N PHE E 116 19.59 11.07 -9.12
CA PHE E 116 19.32 11.85 -7.91
C PHE E 116 20.47 12.72 -7.41
N ARG E 117 21.63 12.72 -8.12
CA ARG E 117 22.84 13.49 -7.77
C ARG E 117 22.59 14.93 -7.31
N ARG E 118 21.70 15.66 -7.98
CA ARG E 118 21.39 17.06 -7.66
C ARG E 118 20.10 17.29 -6.86
N TYR E 119 19.45 16.20 -6.38
CA TYR E 119 18.20 16.26 -5.61
C TYR E 119 18.26 17.25 -4.42
N PRO E 120 17.22 18.11 -4.17
CA PRO E 120 15.96 18.23 -4.90
C PRO E 120 15.98 19.26 -6.04
N PHE E 121 17.18 19.63 -6.54
CA PHE E 121 17.34 20.63 -7.63
C PHE E 121 17.69 19.89 -8.95
N ASP E 122 17.08 18.71 -9.14
CA ASP E 122 17.35 17.85 -10.26
C ASP E 122 16.35 17.97 -11.40
N SER E 123 16.84 17.59 -12.59
CA SER E 123 16.10 17.51 -13.84
C SER E 123 16.27 16.10 -14.35
N GLN E 124 15.25 15.58 -15.05
CA GLN E 124 15.29 14.22 -15.56
C GLN E 124 14.83 14.16 -16.99
N THR E 125 15.24 13.08 -17.70
CA THR E 125 14.80 12.77 -19.05
C THR E 125 14.14 11.41 -18.93
N LEU E 126 12.82 11.39 -18.92
CA LEU E 126 12.08 10.14 -18.88
C LEU E 126 12.02 9.57 -20.31
N HIS E 127 12.12 8.23 -20.44
CA HIS E 127 12.07 7.58 -21.75
C HIS E 127 10.90 6.64 -21.88
N ILE E 128 10.33 6.61 -23.07
CA ILE E 128 9.28 5.67 -23.49
C ILE E 128 9.88 5.06 -24.75
N TYR E 129 10.33 3.79 -24.68
CA TYR E 129 10.92 3.11 -25.82
C TYR E 129 9.91 2.26 -26.57
N LEU E 130 9.65 2.62 -27.83
CA LEU E 130 8.75 1.92 -28.74
C LEU E 130 9.57 0.91 -29.50
N ILE E 131 9.04 -0.31 -29.67
CA ILE E 131 9.75 -1.37 -30.37
C ILE E 131 8.86 -2.23 -31.27
N VAL E 132 9.48 -2.75 -32.35
CA VAL E 132 8.88 -3.68 -33.30
C VAL E 132 9.91 -4.75 -33.67
N ARG E 133 9.49 -6.00 -33.70
CA ARG E 133 10.32 -7.12 -34.07
C ARG E 133 9.93 -7.50 -35.48
N SER E 134 10.93 -7.67 -36.38
CA SER E 134 10.74 -8.04 -37.77
C SER E 134 10.16 -9.45 -37.88
N VAL E 135 9.33 -9.67 -38.91
CA VAL E 135 8.72 -10.96 -39.19
C VAL E 135 9.58 -11.72 -40.23
N ASP E 136 9.37 -13.06 -40.38
CA ASP E 136 10.18 -13.84 -41.33
C ASP E 136 10.00 -13.38 -42.77
N THR E 137 8.75 -13.04 -43.11
CA THR E 137 8.36 -12.52 -44.41
C THR E 137 9.03 -11.17 -44.73
N ARG E 138 9.06 -10.20 -43.77
CA ARG E 138 9.78 -8.93 -43.95
C ARG E 138 10.23 -8.15 -42.71
N ASN E 139 11.23 -7.29 -42.92
CA ASN E 139 11.81 -6.42 -41.90
C ASN E 139 10.95 -5.19 -41.67
N ILE E 140 10.62 -4.93 -40.41
CA ILE E 140 9.81 -3.78 -40.01
C ILE E 140 10.70 -2.78 -39.28
N VAL E 141 10.60 -1.52 -39.71
CA VAL E 141 11.40 -0.41 -39.22
C VAL E 141 10.45 0.71 -38.76
N LEU E 142 10.81 1.42 -37.67
CA LEU E 142 9.97 2.47 -37.12
C LEU E 142 10.46 3.86 -37.50
N ALA E 143 9.51 4.79 -37.62
CA ALA E 143 9.79 6.18 -37.94
C ALA E 143 8.90 7.05 -37.08
N VAL E 144 9.30 8.32 -36.94
CA VAL E 144 8.55 9.30 -36.15
C VAL E 144 7.83 10.27 -37.09
N ASP E 145 6.49 10.38 -36.94
CA ASP E 145 5.71 11.39 -37.63
C ASP E 145 5.60 12.53 -36.60
N LEU E 146 6.45 13.58 -36.72
CA LEU E 146 6.52 14.69 -35.77
C LEU E 146 5.18 15.43 -35.63
N GLU E 147 4.35 15.32 -36.65
CA GLU E 147 3.01 15.91 -36.72
C GLU E 147 2.03 15.20 -35.76
N LYS E 148 2.45 14.03 -35.24
CA LYS E 148 1.66 13.20 -34.35
C LYS E 148 2.31 12.92 -32.96
N VAL E 149 3.30 13.75 -32.61
CA VAL E 149 4.03 13.72 -31.34
C VAL E 149 3.69 14.99 -30.60
N GLY E 150 3.26 14.85 -29.37
CA GLY E 150 2.90 16.00 -28.56
C GLY E 150 2.35 15.66 -27.21
N LYS E 151 1.75 16.68 -26.57
CA LYS E 151 1.16 16.59 -25.24
CA LYS E 151 1.15 16.59 -25.24
C LYS E 151 0.06 17.62 -25.04
N ASN E 152 -0.98 17.26 -24.30
CA ASN E 152 -2.10 18.14 -23.94
C ASN E 152 -1.53 19.26 -23.06
N ASP E 153 -2.07 20.49 -23.20
CA ASP E 153 -1.64 21.69 -22.46
C ASP E 153 -1.81 21.54 -20.94
N ASP E 154 -2.88 20.83 -20.53
CA ASP E 154 -3.27 20.53 -19.15
C ASP E 154 -2.42 19.41 -18.48
N VAL E 155 -1.47 18.75 -19.23
CA VAL E 155 -0.61 17.68 -18.70
C VAL E 155 0.23 18.28 -17.57
N PHE E 156 0.02 17.76 -16.36
CA PHE E 156 0.68 18.18 -15.14
C PHE E 156 1.22 16.95 -14.42
N LEU E 157 2.46 17.02 -13.97
CA LEU E 157 3.04 15.94 -13.20
C LEU E 157 3.34 16.58 -11.84
N THR E 158 2.49 16.29 -10.85
CA THR E 158 2.57 16.82 -9.47
C THR E 158 4.02 16.83 -8.98
N GLY E 159 4.50 18.01 -8.59
CA GLY E 159 5.85 18.22 -8.09
C GLY E 159 6.94 18.39 -9.14
N TRP E 160 6.55 18.45 -10.41
CA TRP E 160 7.47 18.60 -11.52
C TRP E 160 6.96 19.61 -12.53
N ASP E 161 7.90 20.17 -13.31
CA ASP E 161 7.61 21.05 -14.45
C ASP E 161 7.95 20.24 -15.66
N ILE E 162 7.05 20.21 -16.65
CA ILE E 162 7.27 19.48 -17.88
C ILE E 162 7.90 20.44 -18.88
N GLU E 163 9.10 20.13 -19.36
CA GLU E 163 9.79 21.00 -20.30
C GLU E 163 9.48 20.68 -21.73
N SER E 164 9.73 19.44 -22.17
CA SER E 164 9.50 19.02 -23.54
C SER E 164 9.20 17.55 -23.65
N PHE E 165 8.53 17.19 -24.75
CA PHE E 165 8.24 15.82 -25.13
C PHE E 165 8.59 15.72 -26.60
N THR E 166 9.74 15.12 -26.88
CA THR E 166 10.29 14.96 -28.22
C THR E 166 10.67 13.51 -28.48
N ALA E 167 10.90 13.16 -29.73
CA ALA E 167 11.33 11.82 -30.12
C ALA E 167 12.62 11.91 -30.89
N VAL E 168 13.53 10.97 -30.62
CA VAL E 168 14.78 10.84 -31.34
C VAL E 168 14.31 10.13 -32.62
N VAL E 169 14.30 10.88 -33.75
CA VAL E 169 13.80 10.50 -35.08
C VAL E 169 14.45 9.25 -35.70
N LYS E 170 15.75 9.03 -35.43
CA LYS E 170 16.48 7.88 -35.95
C LYS E 170 16.31 6.68 -35.02
N PRO E 171 15.67 5.58 -35.49
CA PRO E 171 15.51 4.41 -34.63
C PRO E 171 16.83 3.66 -34.40
N ALA E 172 16.89 2.87 -33.33
CA ALA E 172 18.03 2.03 -33.03
C ALA E 172 17.66 0.66 -33.58
N ASN E 173 18.23 0.28 -34.74
CA ASN E 173 17.98 -1.01 -35.40
C ASN E 173 19.09 -1.98 -34.99
N PHE E 174 18.69 -3.16 -34.49
CA PHE E 174 19.63 -4.16 -33.97
C PHE E 174 19.04 -5.55 -34.02
N ALA E 175 19.91 -6.57 -33.93
CA ALA E 175 19.48 -7.95 -33.93
C ALA E 175 19.29 -8.44 -32.52
N LEU E 176 18.18 -9.13 -32.28
CA LEU E 176 17.85 -9.69 -30.97
C LEU E 176 17.17 -11.04 -31.18
N GLU E 177 17.84 -12.12 -30.72
CA GLU E 177 17.41 -13.50 -30.86
C GLU E 177 17.16 -13.86 -32.34
N ASP E 178 18.19 -13.60 -33.16
CA ASP E 178 18.22 -13.88 -34.61
C ASP E 178 17.09 -13.25 -35.51
N ARG E 179 16.64 -11.96 -35.21
CA ARG E 179 15.68 -11.09 -35.93
C ARG E 179 16.03 -9.65 -35.78
N LEU E 180 15.50 -8.87 -36.65
CA LEU E 180 15.75 -7.48 -36.47
C LEU E 180 14.70 -6.88 -35.53
N GLU E 181 15.14 -5.87 -34.81
CA GLU E 181 14.38 -5.11 -33.86
C GLU E 181 14.61 -3.61 -34.19
N SER E 182 13.52 -2.81 -34.23
CA SER E 182 13.57 -1.38 -34.51
C SER E 182 13.02 -0.62 -33.30
N LYS E 183 13.89 0.14 -32.61
CA LYS E 183 13.55 0.84 -31.38
C LYS E 183 13.58 2.36 -31.48
N LEU E 184 12.49 3.03 -31.04
CA LEU E 184 12.41 4.49 -31.00
C LEU E 184 12.45 5.00 -29.56
N ASP E 185 13.13 6.14 -29.33
CA ASP E 185 13.26 6.75 -28.01
C ASP E 185 12.46 8.05 -27.91
N TYR E 186 11.32 8.00 -27.20
CA TYR E 186 10.48 9.15 -26.88
C TYR E 186 10.97 9.72 -25.54
N GLN E 187 11.32 11.01 -25.51
CA GLN E 187 11.89 11.64 -24.32
C GLN E 187 11.03 12.72 -23.70
N LEU E 188 10.71 12.57 -22.42
CA LEU E 188 9.93 13.56 -21.68
C LEU E 188 10.88 14.24 -20.68
N ARG E 189 11.26 15.49 -20.96
CA ARG E 189 12.17 16.27 -20.10
C ARG E 189 11.40 17.01 -19.02
N ILE E 190 11.78 16.76 -17.76
CA ILE E 190 11.13 17.32 -16.59
C ILE E 190 12.15 17.90 -15.61
N SER E 191 11.72 18.90 -14.82
CA SER E 191 12.55 19.49 -13.80
C SER E 191 11.74 19.58 -12.52
N ARG E 192 12.37 19.17 -11.43
CA ARG E 192 11.76 19.12 -10.14
C ARG E 192 11.48 20.50 -9.57
N GLN E 193 10.27 20.64 -9.00
CA GLN E 193 9.81 21.83 -8.30
C GLN E 193 10.36 21.70 -6.88
N TYR E 194 11.54 22.31 -6.65
CA TYR E 194 12.27 22.29 -5.38
C TYR E 194 11.67 23.19 -4.30
N PHE E 195 10.79 24.16 -4.66
CA PHE E 195 10.17 25.13 -3.76
C PHE E 195 9.88 24.62 -2.35
N SER E 196 8.97 23.62 -2.22
CA SER E 196 8.51 23.09 -0.94
C SER E 196 9.60 22.52 -0.03
N TYR E 197 10.73 22.06 -0.61
CA TYR E 197 11.86 21.52 0.16
C TYR E 197 12.49 22.58 1.05
N ILE E 198 12.43 23.85 0.63
CA ILE E 198 12.98 24.99 1.37
C ILE E 198 12.26 25.19 2.72
N PRO E 199 10.94 25.49 2.80
CA PRO E 199 10.33 25.66 4.13
C PRO E 199 10.09 24.35 4.92
N ASN E 200 10.04 23.18 4.23
CA ASN E 200 9.74 21.92 4.89
C ASN E 200 10.89 21.11 5.41
N ILE E 201 12.04 21.13 4.70
CA ILE E 201 13.22 20.36 5.08
C ILE E 201 14.47 21.22 5.28
N ILE E 202 14.87 21.99 4.26
CA ILE E 202 16.09 22.82 4.30
C ILE E 202 16.19 23.80 5.45
N LEU E 203 15.25 24.75 5.53
CA LEU E 203 15.23 25.75 6.59
C LEU E 203 15.06 25.15 7.99
N PRO E 204 14.08 24.24 8.23
CA PRO E 204 14.00 23.61 9.57
C PRO E 204 15.32 22.95 10.01
N MET E 205 16.00 22.28 9.07
CA MET E 205 17.28 21.63 9.31
C MET E 205 18.38 22.64 9.65
N LEU E 206 18.36 23.83 9.02
CA LEU E 206 19.33 24.89 9.30
C LEU E 206 19.06 25.54 10.65
N PHE E 207 17.77 25.80 10.98
CA PHE E 207 17.35 26.36 12.26
C PHE E 207 17.82 25.54 13.43
N ILE E 208 17.61 24.20 13.40
CA ILE E 208 18.04 23.33 14.50
C ILE E 208 19.56 23.32 14.65
N LEU E 209 20.29 23.39 13.51
CA LEU E 209 21.75 23.44 13.50
C LEU E 209 22.25 24.72 14.18
N PHE E 210 21.67 25.89 13.80
CA PHE E 210 22.01 27.19 14.38
C PHE E 210 21.67 27.22 15.86
N ILE E 211 20.58 26.55 16.27
CA ILE E 211 20.19 26.42 17.68
C ILE E 211 21.27 25.65 18.43
N SER E 212 21.88 24.62 17.81
CA SER E 212 22.96 23.89 18.49
C SER E 212 24.17 24.80 18.78
N TRP E 213 24.38 25.85 17.93
CA TRP E 213 25.49 26.81 18.03
C TRP E 213 25.34 27.86 19.14
N THR E 214 24.14 27.95 19.76
CA THR E 214 23.91 28.84 20.90
C THR E 214 24.70 28.30 22.11
N ALA E 215 25.10 26.99 22.09
CA ALA E 215 25.93 26.37 23.12
C ALA E 215 27.32 27.05 23.21
N PHE E 216 27.70 27.83 22.15
CA PHE E 216 28.97 28.58 22.14
C PHE E 216 28.90 29.90 22.93
N TRP E 217 27.70 30.23 23.45
CA TRP E 217 27.44 31.41 24.28
C TRP E 217 26.90 30.96 25.64
N SER E 218 27.19 29.70 26.01
CA SER E 218 26.77 29.12 27.27
C SER E 218 27.91 28.36 27.92
N THR E 219 28.05 28.53 29.24
CA THR E 219 29.04 27.87 30.09
C THR E 219 28.41 26.67 30.84
N SER E 220 27.06 26.57 30.77
CA SER E 220 26.29 25.49 31.40
C SER E 220 26.42 24.21 30.57
N TYR E 221 27.24 23.27 31.05
CA TYR E 221 27.46 21.97 30.37
C TYR E 221 26.17 21.18 30.18
N GLU E 222 25.36 21.10 31.24
CA GLU E 222 24.08 20.38 31.28
C GLU E 222 23.12 20.91 30.21
N ALA E 223 23.05 22.25 30.04
CA ALA E 223 22.20 22.91 29.05
C ALA E 223 22.78 22.70 27.65
N ASN E 224 24.09 22.76 27.52
CA ASN E 224 24.83 22.54 26.28
C ASN E 224 24.59 21.16 25.74
N VAL E 225 24.71 20.13 26.60
CA VAL E 225 24.50 18.73 26.24
C VAL E 225 23.06 18.56 25.73
N THR E 226 22.09 19.19 26.42
CA THR E 226 20.68 19.19 26.02
C THR E 226 20.50 19.87 24.67
N LEU E 227 21.14 21.03 24.43
CA LEU E 227 21.04 21.74 23.15
C LEU E 227 21.58 20.91 22.00
N VAL E 228 22.78 20.35 22.13
CA VAL E 228 23.42 19.64 21.04
C VAL E 228 22.83 18.25 20.74
N VAL E 229 22.49 17.51 21.79
CA VAL E 229 21.93 16.17 21.64
C VAL E 229 20.49 16.21 21.13
N SER E 230 19.67 17.14 21.65
CA SER E 230 18.28 17.28 21.22
C SER E 230 18.16 17.67 19.76
N THR E 231 18.95 18.66 19.32
CA THR E 231 18.94 19.09 17.91
C THR E 231 19.51 18.00 17.00
N LEU E 232 20.50 17.22 17.49
CA LEU E 232 21.07 16.11 16.73
C LEU E 232 19.97 15.08 16.41
N ILE E 233 19.12 14.78 17.41
CA ILE E 233 18.01 13.84 17.29
C ILE E 233 17.01 14.33 16.24
N ALA E 234 16.71 15.64 16.27
CA ALA E 234 15.83 16.30 15.30
C ALA E 234 16.46 16.20 13.91
N HIS E 235 17.82 16.29 13.82
CA HIS E 235 18.55 16.14 12.55
C HIS E 235 18.42 14.71 12.02
N ILE E 236 18.45 13.71 12.93
CA ILE E 236 18.29 12.29 12.59
C ILE E 236 16.90 12.09 11.98
N ALA E 237 15.85 12.70 12.60
CA ALA E 237 14.47 12.66 12.12
C ALA E 237 14.35 13.19 10.70
N PHE E 238 15.04 14.30 10.39
CA PHE E 238 15.05 14.87 9.03
C PHE E 238 15.78 13.96 8.07
N ASN E 239 16.90 13.37 8.50
CA ASN E 239 17.68 12.43 7.69
C ASN E 239 16.79 11.24 7.30
N ILE E 240 16.06 10.66 8.27
CA ILE E 240 15.15 9.55 8.06
C ILE E 240 14.02 9.97 7.11
N LEU E 241 13.42 11.15 7.33
CA LEU E 241 12.34 11.67 6.49
C LEU E 241 12.77 11.79 5.02
N VAL E 242 13.96 12.37 4.79
CA VAL E 242 14.52 12.54 3.46
C VAL E 242 14.75 11.18 2.76
N GLU E 243 15.41 10.23 3.46
CA GLU E 243 15.71 8.92 2.88
C GLU E 243 14.50 8.05 2.55
N THR E 244 13.32 8.33 3.18
CA THR E 244 12.06 7.63 2.88
C THR E 244 11.50 8.06 1.53
N ASN E 245 11.78 9.30 1.07
CA ASN E 245 11.30 9.82 -0.21
C ASN E 245 12.24 9.44 -1.38
N LEU E 246 13.37 8.77 -1.09
CA LEU E 246 14.39 8.44 -2.08
C LEU E 246 14.79 6.98 -2.12
N PRO E 247 15.18 6.46 -3.30
CA PRO E 247 15.74 5.09 -3.34
C PRO E 247 17.20 5.11 -2.89
N LYS E 248 17.75 3.93 -2.62
CA LYS E 248 19.13 3.79 -2.22
C LYS E 248 19.97 3.94 -3.49
N THR E 249 20.93 4.89 -3.48
CA THR E 249 21.79 5.19 -4.62
C THR E 249 23.26 4.79 -4.40
N PRO E 250 23.96 4.28 -5.45
CA PRO E 250 25.38 3.94 -5.27
C PRO E 250 26.29 5.18 -5.36
N TYR E 251 25.72 6.36 -5.08
CA TYR E 251 26.39 7.65 -5.14
C TYR E 251 25.77 8.57 -4.12
N MET E 252 26.46 9.69 -3.83
CA MET E 252 25.96 10.70 -2.89
C MET E 252 25.05 11.66 -3.66
N THR E 253 23.91 12.02 -3.06
CA THR E 253 23.03 13.05 -3.61
C THR E 253 23.47 14.35 -2.92
N TYR E 254 23.07 15.49 -3.48
CA TYR E 254 23.40 16.81 -2.94
C TYR E 254 22.90 16.98 -1.51
N THR E 255 21.62 16.63 -1.26
CA THR E 255 20.93 16.67 0.04
C THR E 255 21.57 15.67 1.00
N GLY E 256 21.90 14.50 0.50
CA GLY E 256 22.55 13.47 1.28
C GLY E 256 23.90 13.91 1.80
N ALA E 257 24.68 14.62 0.95
CA ALA E 257 25.99 15.22 1.26
C ALA E 257 25.86 16.22 2.40
N ILE E 258 24.93 17.20 2.26
CA ILE E 258 24.68 18.21 3.27
C ILE E 258 24.24 17.55 4.57
N ILE E 259 23.26 16.64 4.52
CA ILE E 259 22.76 15.93 5.69
C ILE E 259 23.89 15.22 6.41
N PHE E 260 24.75 14.50 5.64
CA PHE E 260 25.90 13.77 6.20
C PHE E 260 26.91 14.71 6.87
N MET E 261 27.23 15.82 6.19
CA MET E 261 28.16 16.83 6.67
C MET E 261 27.70 17.44 8.00
N ILE E 262 26.39 17.75 8.12
CA ILE E 262 25.81 18.32 9.32
C ILE E 262 26.08 17.45 10.56
N TYR E 263 26.16 16.10 10.41
CA TYR E 263 26.51 15.19 11.51
C TYR E 263 27.89 15.51 12.04
N LEU E 264 28.86 15.84 11.15
CA LEU E 264 30.24 16.17 11.52
C LEU E 264 30.25 17.42 12.38
N PHE E 265 29.42 18.42 12.03
CA PHE E 265 29.24 19.65 12.77
C PHE E 265 28.66 19.39 14.17
N TYR E 266 27.74 18.44 14.30
CA TYR E 266 27.17 18.08 15.60
C TYR E 266 28.21 17.35 16.43
N PHE E 267 28.99 16.46 15.78
CA PHE E 267 30.03 15.69 16.42
C PHE E 267 31.12 16.60 16.99
N VAL E 268 31.59 17.56 16.19
CA VAL E 268 32.61 18.52 16.63
C VAL E 268 32.06 19.46 17.72
N ALA E 269 30.78 19.87 17.64
CA ALA E 269 30.13 20.70 18.65
C ALA E 269 30.08 19.96 20.00
N VAL E 270 29.85 18.62 20.00
CA VAL E 270 29.88 17.80 21.23
C VAL E 270 31.30 17.81 21.79
N ILE E 271 32.33 17.64 20.93
CA ILE E 271 33.73 17.66 21.37
C ILE E 271 34.01 18.99 22.06
N GLU E 272 33.65 20.12 21.40
CA GLU E 272 33.83 21.47 21.93
C GLU E 272 33.15 21.64 23.30
N VAL E 273 31.88 21.24 23.41
CA VAL E 273 31.11 21.33 24.65
C VAL E 273 31.78 20.51 25.79
N THR E 274 32.38 19.34 25.43
CA THR E 274 33.08 18.43 26.34
C THR E 274 34.37 19.06 26.81
N VAL E 275 35.19 19.56 25.84
CA VAL E 275 36.48 20.20 26.06
C VAL E 275 36.30 21.41 26.99
N GLN E 276 35.30 22.27 26.68
CA GLN E 276 34.94 23.44 27.48
C GLN E 276 34.66 23.04 28.94
N HIS E 277 33.80 22.05 29.16
CA HIS E 277 33.46 21.59 30.51
C HIS E 277 34.67 21.02 31.24
N TYR E 278 35.45 20.18 30.54
CA TYR E 278 36.64 19.54 31.09
C TYR E 278 37.64 20.55 31.66
N LEU E 279 37.93 21.63 30.88
CA LEU E 279 38.85 22.72 31.25
C LEU E 279 38.33 23.50 32.45
N LYS E 280 37.02 23.84 32.45
CA LYS E 280 36.41 24.55 33.57
CA LYS E 280 36.32 24.52 33.56
C LYS E 280 36.49 23.73 34.87
N VAL E 281 36.33 22.40 34.80
CA VAL E 281 36.45 21.51 35.95
C VAL E 281 37.90 21.45 36.48
N GLU E 282 38.88 21.54 35.54
CA GLU E 282 40.33 21.51 35.73
C GLU E 282 40.89 22.90 36.11
N SER E 283 39.98 23.85 36.41
CA SER E 283 40.29 25.23 36.75
C SER E 283 41.13 25.95 35.69
N GLN E 284 40.78 25.74 34.41
CA GLN E 284 41.40 26.40 33.26
C GLN E 284 40.32 27.11 32.41
N PRO E 285 39.44 27.97 33.01
CA PRO E 285 38.37 28.58 32.21
C PRO E 285 38.81 29.60 31.16
N ALA E 286 39.99 30.21 31.33
CA ALA E 286 40.47 31.23 30.40
C ALA E 286 40.73 30.61 29.07
N ARG E 287 41.15 29.40 29.13
CA ARG E 287 41.49 28.63 27.98
C ARG E 287 40.23 28.14 27.30
N ALA E 288 39.34 27.51 28.06
CA ALA E 288 38.02 27.11 27.61
C ALA E 288 37.39 28.30 26.87
N ALA E 289 37.47 29.52 27.45
CA ALA E 289 36.93 30.75 26.86
C ALA E 289 37.50 31.05 25.47
N SER E 290 38.81 30.76 25.26
CA SER E 290 39.49 30.95 23.99
C SER E 290 38.93 29.99 22.95
N ILE E 291 38.75 28.70 23.32
CA ILE E 291 38.19 27.67 22.42
C ILE E 291 36.74 28.01 22.04
N THR E 292 35.90 28.41 23.03
CA THR E 292 34.49 28.78 22.83
C THR E 292 34.33 29.98 21.92
N ARG E 293 35.17 31.02 22.12
CA ARG E 293 35.13 32.24 21.32
C ARG E 293 35.54 31.96 19.86
N ALA E 294 36.55 31.09 19.68
CA ALA E 294 37.02 30.68 18.35
C ALA E 294 35.90 29.91 17.63
N SER E 295 35.22 29.01 18.36
CA SER E 295 34.12 28.18 17.87
C SER E 295 32.96 29.02 17.33
N ARG E 296 32.66 30.17 17.99
CA ARG E 296 31.60 31.10 17.56
C ARG E 296 31.82 31.60 16.13
N ILE E 297 33.08 31.74 15.70
CA ILE E 297 33.42 32.17 14.35
C ILE E 297 33.64 30.95 13.44
N ALA E 298 34.50 30.00 13.90
CA ALA E 298 34.86 28.80 13.14
C ALA E 298 33.66 28.00 12.59
N PHE E 299 32.70 27.63 13.47
CA PHE E 299 31.51 26.86 13.09
C PHE E 299 30.72 27.48 11.93
N PRO E 300 30.20 28.75 12.01
CA PRO E 300 29.49 29.32 10.84
C PRO E 300 30.37 29.51 9.59
N VAL E 301 31.67 29.86 9.78
CA VAL E 301 32.61 30.07 8.65
C VAL E 301 32.88 28.77 7.89
N VAL E 302 33.27 27.69 8.63
CA VAL E 302 33.53 26.37 8.05
C VAL E 302 32.24 25.84 7.41
N PHE E 303 31.08 26.12 8.03
CA PHE E 303 29.79 25.69 7.48
C PHE E 303 29.49 26.30 6.11
N LEU E 304 29.75 27.61 5.98
CA LEU E 304 29.57 28.38 4.75
C LEU E 304 30.52 27.89 3.66
N LEU E 305 31.82 27.77 3.99
CA LEU E 305 32.83 27.34 3.04
C LEU E 305 32.60 25.91 2.55
N ALA E 306 32.22 25.00 3.47
CA ALA E 306 31.93 23.59 3.14
C ALA E 306 30.74 23.48 2.20
N ASN E 307 29.73 24.36 2.38
CA ASN E 307 28.55 24.42 1.53
C ASN E 307 28.88 24.97 0.15
N ILE E 308 29.77 25.97 0.07
CA ILE E 308 30.24 26.53 -1.21
C ILE E 308 31.00 25.41 -1.96
N ILE E 309 31.91 24.69 -1.27
CA ILE E 309 32.64 23.56 -1.87
C ILE E 309 31.67 22.50 -2.43
N LEU E 310 30.69 22.06 -1.59
CA LEU E 310 29.70 21.07 -2.00
C LEU E 310 28.87 21.51 -3.19
N ALA E 311 28.34 22.77 -3.18
CA ALA E 311 27.53 23.32 -4.26
C ALA E 311 28.36 23.35 -5.56
N PHE E 312 29.64 23.66 -5.42
CA PHE E 312 30.56 23.68 -6.54
C PHE E 312 30.74 22.27 -7.13
N LEU E 313 31.01 21.27 -6.27
CA LEU E 313 31.20 19.88 -6.73
C LEU E 313 29.96 19.30 -7.38
N PHE E 314 28.75 19.71 -6.91
CA PHE E 314 27.49 19.19 -7.42
C PHE E 314 26.85 19.97 -8.58
N PHE E 315 27.13 21.28 -8.74
CA PHE E 315 26.48 22.09 -9.77
C PHE E 315 27.40 22.84 -10.76
#